data_1CWS
# 
_entry.id   1CWS 
# 
_audit_conform.dict_name       mmcif_pdbx.dic 
_audit_conform.dict_version    5.403 
_audit_conform.dict_location   http://mmcif.pdb.org/dictionaries/ascii/mmcif_pdbx.dic 
# 
loop_
_database_2.database_id 
_database_2.database_code 
_database_2.pdbx_database_accession 
_database_2.pdbx_DOI 
PDB   1CWS         pdb_00001cws 10.2210/pdb1cws/pdb 
RCSB  RCSB009589   ?            ?                   
WWPDB D_1000009589 ?            ?                   
# 
loop_
_pdbx_audit_revision_history.ordinal 
_pdbx_audit_revision_history.data_content_type 
_pdbx_audit_revision_history.major_revision 
_pdbx_audit_revision_history.minor_revision 
_pdbx_audit_revision_history.revision_date 
_pdbx_audit_revision_history.part_number 
1 'Structure model' 1 0 2000-08-30 ? 
2 'Structure model' 1 1 2008-04-27 ? 
3 'Structure model' 1 2 2011-07-13 ? 
4 'Structure model' 1 3 2025-03-26 ? 
# 
_pdbx_audit_revision_details.ordinal             1 
_pdbx_audit_revision_details.revision_ordinal    1 
_pdbx_audit_revision_details.data_content_type   'Structure model' 
_pdbx_audit_revision_details.provider            repository 
_pdbx_audit_revision_details.type                'Initial release' 
_pdbx_audit_revision_details.description         ? 
_pdbx_audit_revision_details.details             ? 
# 
loop_
_pdbx_audit_revision_group.ordinal 
_pdbx_audit_revision_group.revision_ordinal 
_pdbx_audit_revision_group.data_content_type 
_pdbx_audit_revision_group.group 
1 2 'Structure model' 'Version format compliance' 
2 3 'Structure model' 'Version format compliance' 
3 4 'Structure model' 'Data collection'           
4 4 'Structure model' 'Database references'       
5 4 'Structure model' 'Derived calculations'      
6 4 'Structure model' 'Structure summary'         
# 
loop_
_pdbx_audit_revision_category.ordinal 
_pdbx_audit_revision_category.revision_ordinal 
_pdbx_audit_revision_category.data_content_type 
_pdbx_audit_revision_category.category 
1 4 'Structure model' chem_comp_atom     
2 4 'Structure model' chem_comp_bond     
3 4 'Structure model' database_2         
4 4 'Structure model' pdbx_entry_details 
5 4 'Structure model' struct_conn        
6 4 'Structure model' struct_site        
# 
loop_
_pdbx_audit_revision_item.ordinal 
_pdbx_audit_revision_item.revision_ordinal 
_pdbx_audit_revision_item.data_content_type 
_pdbx_audit_revision_item.item 
1  4 'Structure model' '_database_2.pdbx_DOI'                
2  4 'Structure model' '_database_2.pdbx_database_accession' 
3  4 'Structure model' '_struct_conn.pdbx_leaving_atom_flag' 
4  4 'Structure model' '_struct_conn.ptnr1_auth_comp_id'     
5  4 'Structure model' '_struct_conn.ptnr1_auth_seq_id'      
6  4 'Structure model' '_struct_conn.ptnr1_label_asym_id'    
7  4 'Structure model' '_struct_conn.ptnr1_label_atom_id'    
8  4 'Structure model' '_struct_conn.ptnr1_label_comp_id'    
9  4 'Structure model' '_struct_conn.ptnr1_label_seq_id'     
10 4 'Structure model' '_struct_conn.ptnr2_auth_comp_id'     
11 4 'Structure model' '_struct_conn.ptnr2_auth_seq_id'      
12 4 'Structure model' '_struct_conn.ptnr2_label_asym_id'    
13 4 'Structure model' '_struct_conn.ptnr2_label_atom_id'    
14 4 'Structure model' '_struct_conn.ptnr2_label_comp_id'    
15 4 'Structure model' '_struct_conn.ptnr2_label_seq_id'     
16 4 'Structure model' '_struct_site.pdbx_auth_asym_id'      
17 4 'Structure model' '_struct_site.pdbx_auth_comp_id'      
18 4 'Structure model' '_struct_site.pdbx_auth_seq_id'       
# 
_pdbx_database_status.status_code                     REL 
_pdbx_database_status.entry_id                        1CWS 
_pdbx_database_status.recvd_initial_deposition_date   1999-08-26 
_pdbx_database_status.deposit_site                    RCSB 
_pdbx_database_status.process_site                    RCSB 
_pdbx_database_status.SG_entry                        . 
_pdbx_database_status.pdb_format_compatible           Y 
_pdbx_database_status.status_code_mr                  ? 
_pdbx_database_status.status_code_sf                  ? 
_pdbx_database_status.status_code_cs                  ? 
_pdbx_database_status.status_code_nmr_data            ? 
_pdbx_database_status.methods_development_category    ? 
# 
loop_
_pdbx_database_related.db_name 
_pdbx_database_related.db_id 
_pdbx_database_related.details 
_pdbx_database_related.content_type 
PDB 1QB0 'HIGH RESOLUTION STRUCTURE OF THE HUMAN CDC25B CATALYTIC DOMAIN'                           unspecified 
PDB 1CWR 
;ROOM TEMPERATURE HUMAN CDC25B CATALYTIC DOMAIN WITHOUT OXYANION BOUND IN  
ACTIVELY SITE
;
unspecified 
PDB 1CWT 'HUMAN CDC25B CATALYTIC DOMAIN WITH METHYL-MERCURY'                                        unspecified 
# 
loop_
_audit_author.name 
_audit_author.pdbx_ordinal 
'Watenpaugh, K.D.' 1 
'Reynolds, R.A.'   2 
'Chidester, C.G.'  3 
# 
_citation.id                        primary 
_citation.title                     
'Crystal structure of the catalytic subunit of Cdc25B required for G2/M phase transition of the cell cycle.' 
_citation.journal_abbrev            J.Mol.Biol. 
_citation.journal_volume            293 
_citation.page_first                559 
_citation.page_last                 568 
_citation.year                      1999 
_citation.journal_id_ASTM           JMOBAK 
_citation.country                   UK 
_citation.journal_id_ISSN           0022-2836 
_citation.journal_id_CSD            0070 
_citation.book_publisher            ? 
_citation.pdbx_database_id_PubMed   10543950 
_citation.pdbx_database_id_DOI      10.1006/jmbi.1999.3168 
# 
loop_
_citation_author.citation_id 
_citation_author.name 
_citation_author.ordinal 
_citation_author.identifier_ORCID 
primary 'Reynolds, R.A.'   1 ? 
primary 'Yem, A.W.'        2 ? 
primary 'Wolfe, C.L.'      3 ? 
primary 'Deibel Jr., M.R.' 4 ? 
primary 'Chidester, C.G.'  5 ? 
primary 'Watenpaugh, K.D.' 6 ? 
# 
loop_
_entity.id 
_entity.type 
_entity.src_method 
_entity.pdbx_description 
_entity.formula_weight 
_entity.pdbx_number_of_molecules 
_entity.pdbx_ec 
_entity.pdbx_mutation 
_entity.pdbx_fragment 
_entity.details 
1 polymer     man 'CDC25 B-TYPE TYROSINE PHOSPHATASE' 24907.461 1   ? ? 'CATALYTIC DOMAIN' ? 
2 non-polymer syn 'TUNGSTATE(VI)ION'                  247.838   1   ? ? ?                  ? 
3 non-polymer syn 'SULFATE ION'                       96.063    1   ? ? ?                  ? 
4 non-polymer syn 'CHLORIDE ION'                      35.453    1   ? ? ?                  ? 
5 non-polymer syn BETA-MERCAPTOETHANOL                78.133    1   ? ? ?                  ? 
6 water       nat water                               18.015    163 ? ? ?                  ? 
# 
_entity_name_com.entity_id   1 
_entity_name_com.name        'M-PHASE INDUCER PHOSPHATASE 2 (CDC25B)' 
# 
_entity_poly.entity_id                      1 
_entity_poly.type                           'polypeptide(L)' 
_entity_poly.nstd_linkage                   no 
_entity_poly.nstd_monomer                   no 
_entity_poly.pdbx_seq_one_letter_code       
;VLRSKSLCHDEIENLLDSDHRELIGDYSKAFLLQTVDGKHQDLKYISPETMVALLTGKFSNIVDKFVIVDCRYPYEYEGG
HIKTAVNLPLERDAESFLLKSPIAPCSLDKRVILIFHCEFSSERGPRMCRFIRERDRAVNDYPSLYYPEMYILKGGYKEF
FPQHPNFCEPQDYRPMNHEAFKDELKTFRLKTRSWAGERSRRELCSRLQDQ
;
_entity_poly.pdbx_seq_one_letter_code_can   
;VLRSKSLCHDEIENLLDSDHRELIGDYSKAFLLQTVDGKHQDLKYISPETMVALLTGKFSNIVDKFVIVDCRYPYEYEGG
HIKTAVNLPLERDAESFLLKSPIAPCSLDKRVILIFHCEFSSERGPRMCRFIRERDRAVNDYPSLYYPEMYILKGGYKEF
FPQHPNFCEPQDYRPMNHEAFKDELKTFRLKTRSWAGERSRRELCSRLQDQ
;
_entity_poly.pdbx_strand_id                 A 
_entity_poly.pdbx_target_identifier         ? 
# 
loop_
_pdbx_entity_nonpoly.entity_id 
_pdbx_entity_nonpoly.name 
_pdbx_entity_nonpoly.comp_id 
2 'TUNGSTATE(VI)ION'   WO4 
3 'SULFATE ION'        SO4 
4 'CHLORIDE ION'       CL  
5 BETA-MERCAPTOETHANOL BME 
6 water                HOH 
# 
loop_
_entity_poly_seq.entity_id 
_entity_poly_seq.num 
_entity_poly_seq.mon_id 
_entity_poly_seq.hetero 
1 1   VAL n 
1 2   LEU n 
1 3   ARG n 
1 4   SER n 
1 5   LYS n 
1 6   SER n 
1 7   LEU n 
1 8   CYS n 
1 9   HIS n 
1 10  ASP n 
1 11  GLU n 
1 12  ILE n 
1 13  GLU n 
1 14  ASN n 
1 15  LEU n 
1 16  LEU n 
1 17  ASP n 
1 18  SER n 
1 19  ASP n 
1 20  HIS n 
1 21  ARG n 
1 22  GLU n 
1 23  LEU n 
1 24  ILE n 
1 25  GLY n 
1 26  ASP n 
1 27  TYR n 
1 28  SER n 
1 29  LYS n 
1 30  ALA n 
1 31  PHE n 
1 32  LEU n 
1 33  LEU n 
1 34  GLN n 
1 35  THR n 
1 36  VAL n 
1 37  ASP n 
1 38  GLY n 
1 39  LYS n 
1 40  HIS n 
1 41  GLN n 
1 42  ASP n 
1 43  LEU n 
1 44  LYS n 
1 45  TYR n 
1 46  ILE n 
1 47  SER n 
1 48  PRO n 
1 49  GLU n 
1 50  THR n 
1 51  MET n 
1 52  VAL n 
1 53  ALA n 
1 54  LEU n 
1 55  LEU n 
1 56  THR n 
1 57  GLY n 
1 58  LYS n 
1 59  PHE n 
1 60  SER n 
1 61  ASN n 
1 62  ILE n 
1 63  VAL n 
1 64  ASP n 
1 65  LYS n 
1 66  PHE n 
1 67  VAL n 
1 68  ILE n 
1 69  VAL n 
1 70  ASP n 
1 71  CYS n 
1 72  ARG n 
1 73  TYR n 
1 74  PRO n 
1 75  TYR n 
1 76  GLU n 
1 77  TYR n 
1 78  GLU n 
1 79  GLY n 
1 80  GLY n 
1 81  HIS n 
1 82  ILE n 
1 83  LYS n 
1 84  THR n 
1 85  ALA n 
1 86  VAL n 
1 87  ASN n 
1 88  LEU n 
1 89  PRO n 
1 90  LEU n 
1 91  GLU n 
1 92  ARG n 
1 93  ASP n 
1 94  ALA n 
1 95  GLU n 
1 96  SER n 
1 97  PHE n 
1 98  LEU n 
1 99  LEU n 
1 100 LYS n 
1 101 SER n 
1 102 PRO n 
1 103 ILE n 
1 104 ALA n 
1 105 PRO n 
1 106 CYS n 
1 107 SER n 
1 108 LEU n 
1 109 ASP n 
1 110 LYS n 
1 111 ARG n 
1 112 VAL n 
1 113 ILE n 
1 114 LEU n 
1 115 ILE n 
1 116 PHE n 
1 117 HIS n 
1 118 CYS n 
1 119 GLU n 
1 120 PHE n 
1 121 SER n 
1 122 SER n 
1 123 GLU n 
1 124 ARG n 
1 125 GLY n 
1 126 PRO n 
1 127 ARG n 
1 128 MET n 
1 129 CYS n 
1 130 ARG n 
1 131 PHE n 
1 132 ILE n 
1 133 ARG n 
1 134 GLU n 
1 135 ARG n 
1 136 ASP n 
1 137 ARG n 
1 138 ALA n 
1 139 VAL n 
1 140 ASN n 
1 141 ASP n 
1 142 TYR n 
1 143 PRO n 
1 144 SER n 
1 145 LEU n 
1 146 TYR n 
1 147 TYR n 
1 148 PRO n 
1 149 GLU n 
1 150 MET n 
1 151 TYR n 
1 152 ILE n 
1 153 LEU n 
1 154 LYS n 
1 155 GLY n 
1 156 GLY n 
1 157 TYR n 
1 158 LYS n 
1 159 GLU n 
1 160 PHE n 
1 161 PHE n 
1 162 PRO n 
1 163 GLN n 
1 164 HIS n 
1 165 PRO n 
1 166 ASN n 
1 167 PHE n 
1 168 CYS n 
1 169 GLU n 
1 170 PRO n 
1 171 GLN n 
1 172 ASP n 
1 173 TYR n 
1 174 ARG n 
1 175 PRO n 
1 176 MET n 
1 177 ASN n 
1 178 HIS n 
1 179 GLU n 
1 180 ALA n 
1 181 PHE n 
1 182 LYS n 
1 183 ASP n 
1 184 GLU n 
1 185 LEU n 
1 186 LYS n 
1 187 THR n 
1 188 PHE n 
1 189 ARG n 
1 190 LEU n 
1 191 LYS n 
1 192 THR n 
1 193 ARG n 
1 194 SER n 
1 195 TRP n 
1 196 ALA n 
1 197 GLY n 
1 198 GLU n 
1 199 ARG n 
1 200 SER n 
1 201 ARG n 
1 202 ARG n 
1 203 GLU n 
1 204 LEU n 
1 205 CYS n 
1 206 SER n 
1 207 ARG n 
1 208 LEU n 
1 209 GLN n 
1 210 ASP n 
1 211 GLN n 
# 
_entity_src_gen.entity_id                          1 
_entity_src_gen.pdbx_src_id                        1 
_entity_src_gen.pdbx_alt_source_flag               sample 
_entity_src_gen.pdbx_seq_type                      ? 
_entity_src_gen.pdbx_beg_seq_num                   ? 
_entity_src_gen.pdbx_end_seq_num                   ? 
_entity_src_gen.gene_src_common_name               human 
_entity_src_gen.gene_src_genus                     Homo 
_entity_src_gen.pdbx_gene_src_gene                 CDC25B 
_entity_src_gen.gene_src_species                   ? 
_entity_src_gen.gene_src_strain                    ? 
_entity_src_gen.gene_src_tissue                    ? 
_entity_src_gen.gene_src_tissue_fraction           ? 
_entity_src_gen.gene_src_details                   ? 
_entity_src_gen.pdbx_gene_src_fragment             ? 
_entity_src_gen.pdbx_gene_src_scientific_name      'Homo sapiens' 
_entity_src_gen.pdbx_gene_src_ncbi_taxonomy_id     9606 
_entity_src_gen.pdbx_gene_src_variant              ? 
_entity_src_gen.pdbx_gene_src_cell_line            ? 
_entity_src_gen.pdbx_gene_src_atcc                 ? 
_entity_src_gen.pdbx_gene_src_organ                ? 
_entity_src_gen.pdbx_gene_src_organelle            ? 
_entity_src_gen.pdbx_gene_src_cell                 ? 
_entity_src_gen.pdbx_gene_src_cellular_location    CYTOPLASM 
_entity_src_gen.host_org_common_name               ? 
_entity_src_gen.pdbx_host_org_scientific_name      'Escherichia coli' 
_entity_src_gen.pdbx_host_org_ncbi_taxonomy_id     562 
_entity_src_gen.host_org_genus                     Escherichia 
_entity_src_gen.pdbx_host_org_gene                 ? 
_entity_src_gen.pdbx_host_org_organ                ? 
_entity_src_gen.host_org_species                   ? 
_entity_src_gen.pdbx_host_org_tissue               ? 
_entity_src_gen.pdbx_host_org_tissue_fraction      ? 
_entity_src_gen.pdbx_host_org_strain               JM109 
_entity_src_gen.pdbx_host_org_variant              ? 
_entity_src_gen.pdbx_host_org_cell_line            ? 
_entity_src_gen.pdbx_host_org_atcc                 ? 
_entity_src_gen.pdbx_host_org_culture_collection   ? 
_entity_src_gen.pdbx_host_org_cell                 ? 
_entity_src_gen.pdbx_host_org_organelle            ? 
_entity_src_gen.pdbx_host_org_cellular_location    ? 
_entity_src_gen.pdbx_host_org_vector_type          ? 
_entity_src_gen.pdbx_host_org_vector               XL1-BLUE 
_entity_src_gen.host_org_details                   ? 
_entity_src_gen.expression_system_id               ? 
_entity_src_gen.plasmid_name                       ? 
_entity_src_gen.plasmid_details                    ? 
_entity_src_gen.pdbx_description                   ? 
# 
loop_
_chem_comp.id 
_chem_comp.type 
_chem_comp.mon_nstd_flag 
_chem_comp.name 
_chem_comp.pdbx_synonyms 
_chem_comp.formula 
_chem_comp.formula_weight 
ALA 'L-peptide linking' y ALANINE              ? 'C3 H7 N O2'     89.093  
ARG 'L-peptide linking' y ARGININE             ? 'C6 H15 N4 O2 1' 175.209 
ASN 'L-peptide linking' y ASPARAGINE           ? 'C4 H8 N2 O3'    132.118 
ASP 'L-peptide linking' y 'ASPARTIC ACID'      ? 'C4 H7 N O4'     133.103 
BME non-polymer         . BETA-MERCAPTOETHANOL ? 'C2 H6 O S'      78.133  
CL  non-polymer         . 'CHLORIDE ION'       ? 'Cl -1'          35.453  
CYS 'L-peptide linking' y CYSTEINE             ? 'C3 H7 N O2 S'   121.158 
GLN 'L-peptide linking' y GLUTAMINE            ? 'C5 H10 N2 O3'   146.144 
GLU 'L-peptide linking' y 'GLUTAMIC ACID'      ? 'C5 H9 N O4'     147.129 
GLY 'peptide linking'   y GLYCINE              ? 'C2 H5 N O2'     75.067  
HIS 'L-peptide linking' y HISTIDINE            ? 'C6 H10 N3 O2 1' 156.162 
HOH non-polymer         . WATER                ? 'H2 O'           18.015  
ILE 'L-peptide linking' y ISOLEUCINE           ? 'C6 H13 N O2'    131.173 
LEU 'L-peptide linking' y LEUCINE              ? 'C6 H13 N O2'    131.173 
LYS 'L-peptide linking' y LYSINE               ? 'C6 H15 N2 O2 1' 147.195 
MET 'L-peptide linking' y METHIONINE           ? 'C5 H11 N O2 S'  149.211 
PHE 'L-peptide linking' y PHENYLALANINE        ? 'C9 H11 N O2'    165.189 
PRO 'L-peptide linking' y PROLINE              ? 'C5 H9 N O2'     115.130 
SER 'L-peptide linking' y SERINE               ? 'C3 H7 N O3'     105.093 
SO4 non-polymer         . 'SULFATE ION'        ? 'O4 S -2'        96.063  
THR 'L-peptide linking' y THREONINE            ? 'C4 H9 N O3'     119.119 
TRP 'L-peptide linking' y TRYPTOPHAN           ? 'C11 H12 N2 O2'  204.225 
TYR 'L-peptide linking' y TYROSINE             ? 'C9 H11 N O3'    181.189 
VAL 'L-peptide linking' y VALINE               ? 'C5 H11 N O2'    117.146 
WO4 non-polymer         . 'TUNGSTATE(VI)ION'   ? 'O4 W -2'        247.838 
# 
loop_
_pdbx_poly_seq_scheme.asym_id 
_pdbx_poly_seq_scheme.entity_id 
_pdbx_poly_seq_scheme.seq_id 
_pdbx_poly_seq_scheme.mon_id 
_pdbx_poly_seq_scheme.ndb_seq_num 
_pdbx_poly_seq_scheme.pdb_seq_num 
_pdbx_poly_seq_scheme.auth_seq_num 
_pdbx_poly_seq_scheme.pdb_mon_id 
_pdbx_poly_seq_scheme.auth_mon_id 
_pdbx_poly_seq_scheme.pdb_strand_id 
_pdbx_poly_seq_scheme.pdb_ins_code 
_pdbx_poly_seq_scheme.hetero 
A 1 1   VAL 1   356 ?   ?   ?   A . n 
A 1 2   LEU 2   357 ?   ?   ?   A . n 
A 1 3   ARG 3   358 ?   ?   ?   A . n 
A 1 4   SER 4   359 ?   ?   ?   A . n 
A 1 5   LYS 5   360 ?   ?   ?   A . n 
A 1 6   SER 6   361 ?   ?   ?   A . n 
A 1 7   LEU 7   362 ?   ?   ?   A . n 
A 1 8   CYS 8   363 ?   ?   ?   A . n 
A 1 9   HIS 9   364 ?   ?   ?   A . n 
A 1 10  ASP 10  365 ?   ?   ?   A . n 
A 1 11  GLU 11  366 ?   ?   ?   A . n 
A 1 12  ILE 12  367 ?   ?   ?   A . n 
A 1 13  GLU 13  368 ?   ?   ?   A . n 
A 1 14  ASN 14  369 ?   ?   ?   A . n 
A 1 15  LEU 15  370 ?   ?   ?   A . n 
A 1 16  LEU 16  371 ?   ?   ?   A . n 
A 1 17  ASP 17  372 ?   ?   ?   A . n 
A 1 18  SER 18  373 373 SER SER A . n 
A 1 19  ASP 19  374 374 ASP ASP A . n 
A 1 20  HIS 20  375 375 HIS HIS A . n 
A 1 21  ARG 21  376 376 ARG ARG A . n 
A 1 22  GLU 22  377 377 GLU GLU A . n 
A 1 23  LEU 23  378 378 LEU LEU A . n 
A 1 24  ILE 24  379 379 ILE ILE A . n 
A 1 25  GLY 25  380 380 GLY GLY A . n 
A 1 26  ASP 26  381 381 ASP ASP A . n 
A 1 27  TYR 27  382 382 TYR TYR A . n 
A 1 28  SER 28  383 383 SER SER A . n 
A 1 29  LYS 29  384 384 LYS LYS A . n 
A 1 30  ALA 30  385 385 ALA ALA A . n 
A 1 31  PHE 31  386 386 PHE PHE A . n 
A 1 32  LEU 32  387 387 LEU LEU A . n 
A 1 33  LEU 33  388 388 LEU LEU A . n 
A 1 34  GLN 34  389 389 GLN GLN A . n 
A 1 35  THR 35  390 390 THR THR A . n 
A 1 36  VAL 36  391 391 VAL VAL A . n 
A 1 37  ASP 37  392 392 ASP ASP A . n 
A 1 38  GLY 38  393 393 GLY GLY A . n 
A 1 39  LYS 39  394 394 LYS LYS A . n 
A 1 40  HIS 40  395 395 HIS HIS A . n 
A 1 41  GLN 41  396 396 GLN GLN A . n 
A 1 42  ASP 42  397 397 ASP ASP A . n 
A 1 43  LEU 43  398 398 LEU LEU A . n 
A 1 44  LYS 44  399 399 LYS LYS A . n 
A 1 45  TYR 45  400 400 TYR TYR A . n 
A 1 46  ILE 46  401 401 ILE ILE A . n 
A 1 47  SER 47  402 402 SER SER A . n 
A 1 48  PRO 48  403 403 PRO PRO A . n 
A 1 49  GLU 49  404 404 GLU GLU A . n 
A 1 50  THR 50  405 405 THR THR A . n 
A 1 51  MET 51  406 406 MET MET A . n 
A 1 52  VAL 52  407 407 VAL VAL A . n 
A 1 53  ALA 53  408 408 ALA ALA A . n 
A 1 54  LEU 54  409 409 LEU LEU A . n 
A 1 55  LEU 55  410 410 LEU LEU A . n 
A 1 56  THR 56  411 411 THR THR A . n 
A 1 57  GLY 57  412 412 GLY GLY A . n 
A 1 58  LYS 58  413 413 LYS LYS A . n 
A 1 59  PHE 59  414 414 PHE PHE A . n 
A 1 60  SER 60  415 415 SER SER A . n 
A 1 61  ASN 61  416 416 ASN ASN A . n 
A 1 62  ILE 62  417 417 ILE ILE A . n 
A 1 63  VAL 63  418 418 VAL VAL A . n 
A 1 64  ASP 64  419 419 ASP ASP A . n 
A 1 65  LYS 65  420 420 LYS LYS A . n 
A 1 66  PHE 66  421 421 PHE PHE A . n 
A 1 67  VAL 67  422 422 VAL VAL A . n 
A 1 68  ILE 68  423 423 ILE ILE A . n 
A 1 69  VAL 69  424 424 VAL VAL A . n 
A 1 70  ASP 70  425 425 ASP ASP A . n 
A 1 71  CYS 71  426 426 CYS CYS A . n 
A 1 72  ARG 72  427 427 ARG ARG A . n 
A 1 73  TYR 73  428 428 TYR TYR A . n 
A 1 74  PRO 74  429 429 PRO PRO A . n 
A 1 75  TYR 75  430 430 TYR TYR A . n 
A 1 76  GLU 76  431 431 GLU GLU A . n 
A 1 77  TYR 77  432 432 TYR TYR A . n 
A 1 78  GLU 78  433 433 GLU GLU A . n 
A 1 79  GLY 79  434 434 GLY GLY A . n 
A 1 80  GLY 80  435 435 GLY GLY A . n 
A 1 81  HIS 81  436 436 HIS HIS A . n 
A 1 82  ILE 82  437 437 ILE ILE A . n 
A 1 83  LYS 83  438 438 LYS LYS A . n 
A 1 84  THR 84  439 439 THR THR A . n 
A 1 85  ALA 85  440 440 ALA ALA A . n 
A 1 86  VAL 86  441 441 VAL VAL A . n 
A 1 87  ASN 87  442 442 ASN ASN A . n 
A 1 88  LEU 88  443 443 LEU LEU A . n 
A 1 89  PRO 89  444 444 PRO PRO A . n 
A 1 90  LEU 90  445 445 LEU LEU A . n 
A 1 91  GLU 91  446 446 GLU GLU A . n 
A 1 92  ARG 92  447 447 ARG ARG A . n 
A 1 93  ASP 93  448 448 ASP ASP A . n 
A 1 94  ALA 94  449 449 ALA ALA A . n 
A 1 95  GLU 95  450 450 GLU GLU A . n 
A 1 96  SER 96  451 451 SER SER A . n 
A 1 97  PHE 97  452 452 PHE PHE A . n 
A 1 98  LEU 98  453 453 LEU LEU A . n 
A 1 99  LEU 99  454 454 LEU LEU A . n 
A 1 100 LYS 100 455 455 LYS LYS A . n 
A 1 101 SER 101 456 456 SER SER A . n 
A 1 102 PRO 102 457 457 PRO PRO A . n 
A 1 103 ILE 103 458 458 ILE ILE A . n 
A 1 104 ALA 104 459 459 ALA ALA A . n 
A 1 105 PRO 105 460 460 PRO PRO A . n 
A 1 106 CYS 106 461 461 CYS CYS A . n 
A 1 107 SER 107 462 462 SER SER A . n 
A 1 108 LEU 108 463 463 LEU LEU A . n 
A 1 109 ASP 109 464 464 ASP ASP A . n 
A 1 110 LYS 110 465 465 LYS LYS A . n 
A 1 111 ARG 111 466 466 ARG ARG A . n 
A 1 112 VAL 112 467 467 VAL VAL A . n 
A 1 113 ILE 113 468 468 ILE ILE A . n 
A 1 114 LEU 114 469 469 LEU LEU A . n 
A 1 115 ILE 115 470 470 ILE ILE A . n 
A 1 116 PHE 116 471 471 PHE PHE A . n 
A 1 117 HIS 117 472 472 HIS HIS A . n 
A 1 118 CYS 118 473 473 CYS CYS A . n 
A 1 119 GLU 119 474 474 GLU GLU A . n 
A 1 120 PHE 120 475 475 PHE PHE A . n 
A 1 121 SER 121 476 476 SER SER A . n 
A 1 122 SER 122 477 477 SER SER A . n 
A 1 123 GLU 123 478 478 GLU GLU A . n 
A 1 124 ARG 124 479 479 ARG ARG A . n 
A 1 125 GLY 125 480 480 GLY GLY A . n 
A 1 126 PRO 126 481 481 PRO PRO A . n 
A 1 127 ARG 127 482 482 ARG ARG A . n 
A 1 128 MET 128 483 483 MET MET A . n 
A 1 129 CYS 129 484 484 CYS CYS A . n 
A 1 130 ARG 130 485 485 ARG ARG A . n 
A 1 131 PHE 131 486 486 PHE PHE A . n 
A 1 132 ILE 132 487 487 ILE ILE A . n 
A 1 133 ARG 133 488 488 ARG ARG A . n 
A 1 134 GLU 134 489 489 GLU GLU A . n 
A 1 135 ARG 135 490 490 ARG ARG A . n 
A 1 136 ASP 136 491 491 ASP ASP A . n 
A 1 137 ARG 137 492 492 ARG ARG A . n 
A 1 138 ALA 138 493 493 ALA ALA A . n 
A 1 139 VAL 139 494 494 VAL VAL A . n 
A 1 140 ASN 140 495 495 ASN ASN A . n 
A 1 141 ASP 141 496 496 ASP ASP A . n 
A 1 142 TYR 142 497 497 TYR TYR A . n 
A 1 143 PRO 143 498 498 PRO PRO A . n 
A 1 144 SER 144 499 499 SER SER A . n 
A 1 145 LEU 145 500 500 LEU LEU A . n 
A 1 146 TYR 146 501 501 TYR TYR A . n 
A 1 147 TYR 147 502 502 TYR TYR A . n 
A 1 148 PRO 148 503 503 PRO PRO A . n 
A 1 149 GLU 149 504 504 GLU GLU A . n 
A 1 150 MET 150 505 505 MET MET A . n 
A 1 151 TYR 151 506 506 TYR TYR A . n 
A 1 152 ILE 152 507 507 ILE ILE A . n 
A 1 153 LEU 153 508 508 LEU LEU A . n 
A 1 154 LYS 154 509 509 LYS LYS A . n 
A 1 155 GLY 155 510 510 GLY GLY A . n 
A 1 156 GLY 156 511 511 GLY GLY A . n 
A 1 157 TYR 157 512 512 TYR TYR A . n 
A 1 158 LYS 158 513 513 LYS LYS A . n 
A 1 159 GLU 159 514 514 GLU GLU A . n 
A 1 160 PHE 160 515 515 PHE PHE A . n 
A 1 161 PHE 161 516 516 PHE PHE A . n 
A 1 162 PRO 162 517 517 PRO PRO A . n 
A 1 163 GLN 163 518 518 GLN GLN A . n 
A 1 164 HIS 164 519 519 HIS HIS A . n 
A 1 165 PRO 165 520 520 PRO PRO A . n 
A 1 166 ASN 166 521 521 ASN ASN A . n 
A 1 167 PHE 167 522 522 PHE PHE A . n 
A 1 168 CYS 168 523 523 CYS CYS A . n 
A 1 169 GLU 169 524 524 GLU GLU A . n 
A 1 170 PRO 170 525 525 PRO PRO A . n 
A 1 171 GLN 171 526 526 GLN GLN A . n 
A 1 172 ASP 172 527 527 ASP ASP A . n 
A 1 173 TYR 173 528 528 TYR TYR A . n 
A 1 174 ARG 174 529 529 ARG ARG A . n 
A 1 175 PRO 175 530 530 PRO PRO A . n 
A 1 176 MET 176 531 531 MET MET A . n 
A 1 177 ASN 177 532 532 ASN ASN A . n 
A 1 178 HIS 178 533 533 HIS HIS A . n 
A 1 179 GLU 179 534 534 GLU GLU A . n 
A 1 180 ALA 180 535 535 ALA ALA A . n 
A 1 181 PHE 181 536 536 PHE PHE A . n 
A 1 182 LYS 182 537 537 LYS LYS A . n 
A 1 183 ASP 183 538 538 ASP ASP A . n 
A 1 184 GLU 184 539 539 GLU GLU A . n 
A 1 185 LEU 185 540 540 LEU LEU A . n 
A 1 186 LYS 186 541 541 LYS LYS A . n 
A 1 187 THR 187 542 542 THR THR A . n 
A 1 188 PHE 188 543 543 PHE PHE A . n 
A 1 189 ARG 189 544 544 ARG ARG A . n 
A 1 190 LEU 190 545 545 LEU LEU A . n 
A 1 191 LYS 191 546 546 LYS LYS A . n 
A 1 192 THR 192 547 547 THR THR A . n 
A 1 193 ARG 193 548 548 ARG ARG A . n 
A 1 194 SER 194 549 549 SER SER A . n 
A 1 195 TRP 195 550 550 TRP TRP A . n 
A 1 196 ALA 196 551 551 ALA ALA A . n 
A 1 197 GLY 197 552 ?   ?   ?   A . n 
A 1 198 GLU 198 553 ?   ?   ?   A . n 
A 1 199 ARG 199 554 ?   ?   ?   A . n 
A 1 200 SER 200 555 ?   ?   ?   A . n 
A 1 201 ARG 201 556 ?   ?   ?   A . n 
A 1 202 ARG 202 557 ?   ?   ?   A . n 
A 1 203 GLU 203 558 ?   ?   ?   A . n 
A 1 204 LEU 204 559 ?   ?   ?   A . n 
A 1 205 CYS 205 560 ?   ?   ?   A . n 
A 1 206 SER 206 561 ?   ?   ?   A . n 
A 1 207 ARG 207 562 ?   ?   ?   A . n 
A 1 208 LEU 208 563 ?   ?   ?   A . n 
A 1 209 GLN 209 564 ?   ?   ?   A . n 
A 1 210 ASP 210 565 ?   ?   ?   A . n 
A 1 211 GLN 211 566 ?   ?   ?   A . n 
# 
loop_
_pdbx_nonpoly_scheme.asym_id 
_pdbx_nonpoly_scheme.entity_id 
_pdbx_nonpoly_scheme.mon_id 
_pdbx_nonpoly_scheme.ndb_seq_num 
_pdbx_nonpoly_scheme.pdb_seq_num 
_pdbx_nonpoly_scheme.auth_seq_num 
_pdbx_nonpoly_scheme.pdb_mon_id 
_pdbx_nonpoly_scheme.auth_mon_id 
_pdbx_nonpoly_scheme.pdb_strand_id 
_pdbx_nonpoly_scheme.pdb_ins_code 
B 2 WO4 1   567 401 WO4 WO4 A . 
C 3 SO4 1   568 402 SO4 SO4 A . 
D 4 CL  1   569 403 CL  CL  A . 
E 5 BME 1   4   4   BME BME A . 
F 6 HOH 1   570 1   HOH HOH A . 
F 6 HOH 2   571 2   HOH HOH A . 
F 6 HOH 3   572 3   HOH HOH A . 
F 6 HOH 4   573 4   HOH HOH A . 
F 6 HOH 5   574 5   HOH HOH A . 
F 6 HOH 6   575 6   HOH HOH A . 
F 6 HOH 7   576 7   HOH HOH A . 
F 6 HOH 8   577 8   HOH HOH A . 
F 6 HOH 9   578 9   HOH HOH A . 
F 6 HOH 10  579 10  HOH HOH A . 
F 6 HOH 11  580 11  HOH HOH A . 
F 6 HOH 12  581 12  HOH HOH A . 
F 6 HOH 13  582 13  HOH HOH A . 
F 6 HOH 14  583 14  HOH HOH A . 
F 6 HOH 15  584 15  HOH HOH A . 
F 6 HOH 16  585 16  HOH HOH A . 
F 6 HOH 17  586 17  HOH HOH A . 
F 6 HOH 18  587 18  HOH HOH A . 
F 6 HOH 19  588 19  HOH HOH A . 
F 6 HOH 20  589 20  HOH HOH A . 
F 6 HOH 21  590 21  HOH HOH A . 
F 6 HOH 22  591 22  HOH HOH A . 
F 6 HOH 23  592 23  HOH HOH A . 
F 6 HOH 24  593 24  HOH HOH A . 
F 6 HOH 25  594 25  HOH HOH A . 
F 6 HOH 26  595 26  HOH HOH A . 
F 6 HOH 27  596 27  HOH HOH A . 
F 6 HOH 28  597 28  HOH HOH A . 
F 6 HOH 29  598 29  HOH HOH A . 
F 6 HOH 30  599 30  HOH HOH A . 
F 6 HOH 31  600 31  HOH HOH A . 
F 6 HOH 32  601 32  HOH HOH A . 
F 6 HOH 33  602 33  HOH HOH A . 
F 6 HOH 34  603 34  HOH HOH A . 
F 6 HOH 35  604 35  HOH HOH A . 
F 6 HOH 36  605 36  HOH HOH A . 
F 6 HOH 37  606 37  HOH HOH A . 
F 6 HOH 38  607 38  HOH HOH A . 
F 6 HOH 39  608 39  HOH HOH A . 
F 6 HOH 40  609 40  HOH HOH A . 
F 6 HOH 41  610 41  HOH HOH A . 
F 6 HOH 42  611 42  HOH HOH A . 
F 6 HOH 43  612 43  HOH HOH A . 
F 6 HOH 44  613 44  HOH HOH A . 
F 6 HOH 45  614 45  HOH HOH A . 
F 6 HOH 46  615 46  HOH HOH A . 
F 6 HOH 47  616 47  HOH HOH A . 
F 6 HOH 48  617 48  HOH HOH A . 
F 6 HOH 49  618 49  HOH HOH A . 
F 6 HOH 50  619 50  HOH HOH A . 
F 6 HOH 51  620 51  HOH HOH A . 
F 6 HOH 52  621 52  HOH HOH A . 
F 6 HOH 53  622 53  HOH HOH A . 
F 6 HOH 54  623 54  HOH HOH A . 
F 6 HOH 55  624 55  HOH HOH A . 
F 6 HOH 56  625 56  HOH HOH A . 
F 6 HOH 57  626 57  HOH HOH A . 
F 6 HOH 58  627 58  HOH HOH A . 
F 6 HOH 59  628 59  HOH HOH A . 
F 6 HOH 60  629 60  HOH HOH A . 
F 6 HOH 61  630 61  HOH HOH A . 
F 6 HOH 62  631 62  HOH HOH A . 
F 6 HOH 63  632 63  HOH HOH A . 
F 6 HOH 64  633 64  HOH HOH A . 
F 6 HOH 65  634 65  HOH HOH A . 
F 6 HOH 66  635 66  HOH HOH A . 
F 6 HOH 67  636 67  HOH HOH A . 
F 6 HOH 68  637 68  HOH HOH A . 
F 6 HOH 69  638 69  HOH HOH A . 
F 6 HOH 70  639 70  HOH HOH A . 
F 6 HOH 71  640 71  HOH HOH A . 
F 6 HOH 72  641 72  HOH HOH A . 
F 6 HOH 73  642 73  HOH HOH A . 
F 6 HOH 74  643 74  HOH HOH A . 
F 6 HOH 75  644 75  HOH HOH A . 
F 6 HOH 76  645 76  HOH HOH A . 
F 6 HOH 77  646 77  HOH HOH A . 
F 6 HOH 78  647 78  HOH HOH A . 
F 6 HOH 79  648 79  HOH HOH A . 
F 6 HOH 80  649 80  HOH HOH A . 
F 6 HOH 81  650 81  HOH HOH A . 
F 6 HOH 82  651 82  HOH HOH A . 
F 6 HOH 83  652 83  HOH HOH A . 
F 6 HOH 84  653 84  HOH HOH A . 
F 6 HOH 85  654 85  HOH HOH A . 
F 6 HOH 86  655 86  HOH HOH A . 
F 6 HOH 87  656 87  HOH HOH A . 
F 6 HOH 88  657 88  HOH HOH A . 
F 6 HOH 89  658 89  HOH HOH A . 
F 6 HOH 90  659 90  HOH HOH A . 
F 6 HOH 91  660 91  HOH HOH A . 
F 6 HOH 92  661 92  HOH HOH A . 
F 6 HOH 93  662 93  HOH HOH A . 
F 6 HOH 94  663 94  HOH HOH A . 
F 6 HOH 95  664 95  HOH HOH A . 
F 6 HOH 96  665 96  HOH HOH A . 
F 6 HOH 97  666 97  HOH HOH A . 
F 6 HOH 98  667 98  HOH HOH A . 
F 6 HOH 99  668 99  HOH HOH A . 
F 6 HOH 100 669 100 HOH HOH A . 
F 6 HOH 101 670 101 HOH HOH A . 
F 6 HOH 102 671 102 HOH HOH A . 
F 6 HOH 103 672 103 HOH HOH A . 
F 6 HOH 104 673 104 HOH HOH A . 
F 6 HOH 105 674 105 HOH HOH A . 
F 6 HOH 106 675 106 HOH HOH A . 
F 6 HOH 107 676 107 HOH HOH A . 
F 6 HOH 108 677 108 HOH HOH A . 
F 6 HOH 109 678 109 HOH HOH A . 
F 6 HOH 110 679 110 HOH HOH A . 
F 6 HOH 111 680 111 HOH HOH A . 
F 6 HOH 112 681 112 HOH HOH A . 
F 6 HOH 113 682 113 HOH HOH A . 
F 6 HOH 114 683 114 HOH HOH A . 
F 6 HOH 115 684 115 HOH HOH A . 
F 6 HOH 116 685 116 HOH HOH A . 
F 6 HOH 117 686 117 HOH HOH A . 
F 6 HOH 118 687 118 HOH HOH A . 
F 6 HOH 119 688 119 HOH HOH A . 
F 6 HOH 120 689 120 HOH HOH A . 
F 6 HOH 121 690 121 HOH HOH A . 
F 6 HOH 122 691 122 HOH HOH A . 
F 6 HOH 123 692 123 HOH HOH A . 
F 6 HOH 124 693 124 HOH HOH A . 
F 6 HOH 125 694 125 HOH HOH A . 
F 6 HOH 126 695 126 HOH HOH A . 
F 6 HOH 127 696 127 HOH HOH A . 
F 6 HOH 128 697 128 HOH HOH A . 
F 6 HOH 129 698 129 HOH HOH A . 
F 6 HOH 130 699 130 HOH HOH A . 
F 6 HOH 131 700 131 HOH HOH A . 
F 6 HOH 132 701 132 HOH HOH A . 
F 6 HOH 133 702 133 HOH HOH A . 
F 6 HOH 134 703 134 HOH HOH A . 
F 6 HOH 135 704 135 HOH HOH A . 
F 6 HOH 136 705 136 HOH HOH A . 
F 6 HOH 137 706 137 HOH HOH A . 
F 6 HOH 138 707 138 HOH HOH A . 
F 6 HOH 139 708 139 HOH HOH A . 
F 6 HOH 140 709 140 HOH HOH A . 
F 6 HOH 141 710 141 HOH HOH A . 
F 6 HOH 142 711 142 HOH HOH A . 
F 6 HOH 143 712 143 HOH HOH A . 
F 6 HOH 144 713 144 HOH HOH A . 
F 6 HOH 145 714 145 HOH HOH A . 
F 6 HOH 146 715 146 HOH HOH A . 
F 6 HOH 147 716 147 HOH HOH A . 
F 6 HOH 148 717 148 HOH HOH A . 
F 6 HOH 149 718 149 HOH HOH A . 
F 6 HOH 150 719 150 HOH HOH A . 
F 6 HOH 151 720 151 HOH HOH A . 
F 6 HOH 152 721 152 HOH HOH A . 
F 6 HOH 153 722 153 HOH HOH A . 
F 6 HOH 154 723 154 HOH HOH A . 
F 6 HOH 155 724 155 HOH HOH A . 
F 6 HOH 156 725 156 HOH HOH A . 
F 6 HOH 157 726 157 HOH HOH A . 
F 6 HOH 158 727 158 HOH HOH A . 
F 6 HOH 159 728 159 HOH HOH A . 
F 6 HOH 160 729 160 HOH HOH A . 
F 6 HOH 161 730 161 HOH HOH A . 
F 6 HOH 162 731 162 HOH HOH A . 
F 6 HOH 163 732 163 HOH HOH A . 
# 
loop_
_pdbx_unobs_or_zero_occ_atoms.id 
_pdbx_unobs_or_zero_occ_atoms.PDB_model_num 
_pdbx_unobs_or_zero_occ_atoms.polymer_flag 
_pdbx_unobs_or_zero_occ_atoms.occupancy_flag 
_pdbx_unobs_or_zero_occ_atoms.auth_asym_id 
_pdbx_unobs_or_zero_occ_atoms.auth_comp_id 
_pdbx_unobs_or_zero_occ_atoms.auth_seq_id 
_pdbx_unobs_or_zero_occ_atoms.PDB_ins_code 
_pdbx_unobs_or_zero_occ_atoms.auth_atom_id 
_pdbx_unobs_or_zero_occ_atoms.label_alt_id 
_pdbx_unobs_or_zero_occ_atoms.label_asym_id 
_pdbx_unobs_or_zero_occ_atoms.label_comp_id 
_pdbx_unobs_or_zero_occ_atoms.label_seq_id 
_pdbx_unobs_or_zero_occ_atoms.label_atom_id 
1 1 Y 1 A ALA 551 ? CA ? A ALA 196 CA 
2 1 Y 1 A ALA 551 ? C  ? A ALA 196 C  
3 1 Y 1 A ALA 551 ? O  ? A ALA 196 O  
4 1 Y 1 A ALA 551 ? CB ? A ALA 196 CB 
# 
loop_
_software.name 
_software.classification 
_software.version 
_software.citation_id 
_software.pdbx_ordinal 
XTAL3.0   'model building' .        ? 1 
SHELXL-97 refinement       .        ? 2 
SADIE     'data reduction' .        ? 3 
SAINT     'data scaling'   .        ? 4 
XTAL      phasing          'V. 3.0' ? 5 
# 
_cell.entry_id           1CWS 
_cell.length_a           51.734 
_cell.length_b           71.863 
_cell.length_c           74.935 
_cell.angle_alpha        90.00 
_cell.angle_beta         90.00 
_cell.angle_gamma        90.00 
_cell.Z_PDB              4 
_cell.pdbx_unique_axis   ? 
# 
_symmetry.entry_id                         1CWS 
_symmetry.space_group_name_H-M             'P 21 21 21' 
_symmetry.pdbx_full_space_group_name_H-M   ? 
_symmetry.cell_setting                     ? 
_symmetry.Int_Tables_number                19 
# 
_exptl.entry_id          1CWS 
_exptl.method            'X-RAY DIFFRACTION' 
_exptl.crystals_number   1 
# 
_exptl_crystal.id                    1 
_exptl_crystal.density_meas          ? 
_exptl_crystal.density_Matthews      2.79 
_exptl_crystal.density_percent_sol   55.99 
_exptl_crystal.description           ? 
# 
_exptl_crystal_grow.crystal_id      1 
_exptl_crystal_grow.method          ? 
_exptl_crystal_grow.temp            ? 
_exptl_crystal_grow.temp_details    ? 
_exptl_crystal_grow.pH              9.0 
_exptl_crystal_grow.pdbx_details    
;4 MICROLITERS PROTEIN (10 MG/ ML IN 50 MM TRISHCL, WO4=,1% BME AT PH 9.0) 
MIXED WITH 4 MICROLITERS WELL BUFFER (1.8 (NH4)2SO4, 0.5 M NACL, 0.1 M TRISHCL,
 0.25 BME) AT 4 DEG. C
;
_exptl_crystal_grow.pdbx_pH_range   . 
# 
_diffrn.id                     1 
_diffrn.ambient_temp           293.0 
_diffrn.ambient_temp_details   ? 
_diffrn.crystal_id             1 
# 
_diffrn_detector.diffrn_id              1 
_diffrn_detector.detector               'AREA DETECTOR' 
_diffrn_detector.type                   'SIEMENS HI-STAR' 
_diffrn_detector.pdbx_collection_date   1997-04-28 
_diffrn_detector.details                ? 
# 
_diffrn_radiation.diffrn_id                        1 
_diffrn_radiation.wavelength_id                    1 
_diffrn_radiation.pdbx_monochromatic_or_laue_m_l   M 
_diffrn_radiation.monochromator                    GRAPHITE 
_diffrn_radiation.pdbx_diffrn_protocol             'SINGLE WAVELENGTH' 
_diffrn_radiation.pdbx_scattering_type             x-ray 
# 
_diffrn_radiation_wavelength.id           1 
_diffrn_radiation_wavelength.wavelength   1.5418 
_diffrn_radiation_wavelength.wt           1.0 
# 
_diffrn_source.diffrn_id                   1 
_diffrn_source.source                      'ROTATING ANODE' 
_diffrn_source.type                        SIEMENS 
_diffrn_source.pdbx_synchrotron_site       ? 
_diffrn_source.pdbx_synchrotron_beamline   ? 
_diffrn_source.pdbx_wavelength             1.5418 
_diffrn_source.pdbx_wavelength_list        ? 
# 
_reflns.entry_id                     1CWS 
_reflns.observed_criterion_sigma_I   0.0 
_reflns.observed_criterion_sigma_F   ? 
_reflns.d_resolution_low             20.0 
_reflns.d_resolution_high            2.00 
_reflns.number_obs                   16621 
_reflns.number_all                   ? 
_reflns.percent_possible_obs         86.0 
_reflns.pdbx_Rmerge_I_obs            0.0590000 
_reflns.pdbx_Rsym_value              ? 
_reflns.pdbx_netI_over_sigmaI        18.4 
_reflns.B_iso_Wilson_estimate        ? 
_reflns.pdbx_redundancy              4.86 
_reflns.R_free_details               ? 
_reflns.limit_h_max                  ? 
_reflns.limit_h_min                  ? 
_reflns.limit_k_max                  ? 
_reflns.limit_k_min                  ? 
_reflns.limit_l_max                  ? 
_reflns.limit_l_min                  ? 
_reflns.observed_criterion_F_max     ? 
_reflns.observed_criterion_F_min     ? 
_reflns.pdbx_diffrn_id               1 
_reflns.pdbx_ordinal                 1 
# 
_reflns_shell.d_res_high             2.008 
_reflns_shell.d_res_low              2.081 
_reflns_shell.percent_possible_all   38.6 
_reflns_shell.Rmerge_I_obs           0.3600000 
_reflns_shell.pdbx_Rsym_value        ? 
_reflns_shell.meanI_over_sigI_obs    2.0 
_reflns_shell.pdbx_redundancy        ? 
_reflns_shell.percent_possible_obs   ? 
_reflns_shell.number_unique_all      ? 
_reflns_shell.pdbx_diffrn_id         ? 
_reflns_shell.pdbx_ordinal           1 
# 
_refine.entry_id                                 1CWS 
_refine.ls_number_reflns_obs                     ? 
_refine.ls_number_reflns_all                     16400 
_refine.pdbx_ls_sigma_I                          ? 
_refine.pdbx_ls_sigma_F                          4.0 
_refine.pdbx_data_cutoff_high_absF               ? 
_refine.pdbx_data_cutoff_low_absF                ? 
_refine.pdbx_data_cutoff_high_rms_absF           ? 
_refine.ls_d_res_low                             10.0 
_refine.ls_d_res_high                            2.00 
_refine.ls_percent_reflns_obs                    ? 
_refine.ls_R_factor_obs                          0.1680000 
_refine.ls_R_factor_all                          ? 
_refine.ls_R_factor_R_work                       ? 
_refine.ls_R_factor_R_free                       ? 
_refine.ls_R_factor_R_free_error                 ? 
_refine.ls_R_factor_R_free_error_details         ? 
_refine.ls_percent_reflns_R_free                 ? 
_refine.ls_number_reflns_R_free                  ? 
_refine.ls_number_parameters                     ? 
_refine.ls_number_restraints                     ? 
_refine.occupancy_min                            ? 
_refine.occupancy_max                            ? 
_refine.B_iso_mean                               ? 
_refine.aniso_B[1][1]                            ? 
_refine.aniso_B[2][2]                            ? 
_refine.aniso_B[3][3]                            ? 
_refine.aniso_B[1][2]                            ? 
_refine.aniso_B[1][3]                            ? 
_refine.aniso_B[2][3]                            ? 
_refine.solvent_model_details                    ? 
_refine.solvent_model_param_ksol                 ? 
_refine.solvent_model_param_bsol                 ? 
_refine.pdbx_ls_cross_valid_method               ? 
_refine.details                                  ? 
_refine.pdbx_starting_model                      ? 
_refine.pdbx_method_to_determine_struct          MIR 
_refine.pdbx_isotropic_thermal_model             ? 
_refine.pdbx_stereochemistry_target_values       'ENGH & HUBER' 
_refine.pdbx_stereochem_target_val_spec_case     ? 
_refine.pdbx_R_Free_selection_details            ? 
_refine.pdbx_overall_ESU_R                       ? 
_refine.pdbx_overall_ESU_R_Free                  ? 
_refine.overall_SU_ML                            ? 
_refine.overall_SU_B                             ? 
_refine.ls_redundancy_reflns_obs                 ? 
_refine.B_iso_min                                ? 
_refine.B_iso_max                                ? 
_refine.pdbx_refine_id                           'X-RAY DIFFRACTION' 
_refine.pdbx_diffrn_id                           1 
_refine.pdbx_TLS_residual_ADP_flag               ? 
_refine.correlation_coeff_Fo_to_Fc               ? 
_refine.correlation_coeff_Fo_to_Fc_free          ? 
_refine.pdbx_solvent_vdw_probe_radii             ? 
_refine.pdbx_solvent_ion_probe_radii             ? 
_refine.pdbx_solvent_shrinkage_radii             ? 
_refine.pdbx_overall_phase_error                 ? 
_refine.overall_SU_R_Cruickshank_DPI             ? 
_refine.pdbx_overall_SU_R_free_Cruickshank_DPI   ? 
_refine.pdbx_overall_SU_R_Blow_DPI               ? 
_refine.pdbx_overall_SU_R_free_Blow_DPI          ? 
# 
_refine_analyze.entry_id                        1CWS 
_refine_analyze.Luzzati_coordinate_error_obs    ? 
_refine_analyze.Luzzati_sigma_a_obs             ? 
_refine_analyze.Luzzati_d_res_low_obs           ? 
_refine_analyze.Luzzati_coordinate_error_free   ? 
_refine_analyze.Luzzati_sigma_a_free            ? 
_refine_analyze.Luzzati_d_res_low_free          ? 
_refine_analyze.number_disordered_residues      2 
_refine_analyze.occupancy_sum_hydrogen          ? 
_refine_analyze.occupancy_sum_non_hydrogen      ? 
_refine_analyze.pdbx_Luzzati_d_res_high_obs     ? 
_refine_analyze.pdbx_refine_id                  'X-RAY DIFFRACTION' 
# 
_refine_hist.pdbx_refine_id                   'X-RAY DIFFRACTION' 
_refine_hist.cycle_id                         LAST 
_refine_hist.pdbx_number_atoms_protein        1488 
_refine_hist.pdbx_number_atoms_nucleic_acid   0 
_refine_hist.pdbx_number_atoms_ligand         15 
_refine_hist.number_atoms_solvent             163 
_refine_hist.number_atoms_total               1666 
_refine_hist.d_res_high                       2.00 
_refine_hist.d_res_low                        10.0 
# 
loop_
_refine_ls_restr.type 
_refine_ls_restr.dev_ideal 
_refine_ls_restr.dev_ideal_target 
_refine_ls_restr.weight 
_refine_ls_restr.number 
_refine_ls_restr.pdbx_refine_id 
_refine_ls_restr.pdbx_restraint_function 
s_bond_d               0.03 ? ? ? 'X-RAY DIFFRACTION' ? 
s_angle_d              0.2  ? ? ? 'X-RAY DIFFRACTION' ? 
s_similar_dist         ?    ? ? ? 'X-RAY DIFFRACTION' ? 
s_from_restr_planes    ?    ? ? ? 'X-RAY DIFFRACTION' ? 
s_zero_chiral_vol      ?    ? ? ? 'X-RAY DIFFRACTION' ? 
s_non_zero_chiral_vol  ?    ? ? ? 'X-RAY DIFFRACTION' ? 
s_anti_bump_dis_restr  ?    ? ? ? 'X-RAY DIFFRACTION' ? 
s_rigid_bond_adp_cmpnt ?    ? ? ? 'X-RAY DIFFRACTION' ? 
s_similar_adp_cmpnt    ?    ? ? ? 'X-RAY DIFFRACTION' ? 
s_approx_iso_adps      ?    ? ? ? 'X-RAY DIFFRACTION' ? 
# 
_pdbx_refine.entry_id                                    1CWS 
_pdbx_refine.R_factor_all_no_cutoff                      ? 
_pdbx_refine.R_factor_obs_no_cutoff                      0.1680000 
_pdbx_refine.free_R_factor_no_cutoff                     ? 
_pdbx_refine.free_R_val_test_set_size_perc_no_cutoff     ? 
_pdbx_refine.free_R_val_test_set_ct_no_cutoff            ? 
_pdbx_refine.R_factor_all_4sig_cutoff                    0.1400000 
_pdbx_refine.R_factor_obs_4sig_cutoff                    0.1400000 
_pdbx_refine.free_R_factor_4sig_cutoff                   0.1620000 
_pdbx_refine.free_R_val_test_set_size_perc_4sig_cutoff   5.00 
_pdbx_refine.free_R_val_test_set_ct_4sig_cutoff          661 
_pdbx_refine.number_reflns_obs_4sig_cutoff               12547 
_pdbx_refine.number_reflns_obs_no_cutoff                 ? 
_pdbx_refine.pdbx_refine_id                              'X-RAY DIFFRACTION' 
_pdbx_refine.free_R_error_no_cutoff                      ? 
# 
_struct.entry_id                  1CWS 
_struct.title                     'HUMAN CDC25B CATALYTIC DOMAIN WITH TUNGSTATE' 
_struct.pdbx_model_details        ? 
_struct.pdbx_CASP_flag            ? 
_struct.pdbx_model_type_details   ? 
# 
_struct_keywords.entry_id        1CWS 
_struct_keywords.pdbx_keywords   'CELL CYCLE' 
_struct_keywords.text            
'HYDROLASE, CELL CYCLE PHOSPHATASE, DUAL SPECIFICITY PROTEIN PHOSPHATASE, CDC25, CDC25B, CELL CYCLE' 
# 
loop_
_struct_asym.id 
_struct_asym.pdbx_blank_PDB_chainid_flag 
_struct_asym.pdbx_modified 
_struct_asym.entity_id 
_struct_asym.details 
A N N 1 ? 
B N N 2 ? 
C N N 3 ? 
D N N 4 ? 
E N N 5 ? 
F N N 6 ? 
# 
_struct_ref.id                         1 
_struct_ref.db_name                    UNP 
_struct_ref.db_code                    MPIP2_HUMAN 
_struct_ref.entity_id                  1 
_struct_ref.pdbx_db_accession          P30305 
_struct_ref.pdbx_align_begin           ? 
_struct_ref.pdbx_seq_one_letter_code   ? 
_struct_ref.pdbx_db_isoform            ? 
# 
_struct_ref_seq.align_id                      1 
_struct_ref_seq.ref_id                        1 
_struct_ref_seq.pdbx_PDB_id_code              1CWS 
_struct_ref_seq.pdbx_strand_id                A 
_struct_ref_seq.seq_align_beg                 1 
_struct_ref_seq.pdbx_seq_align_beg_ins_code   ? 
_struct_ref_seq.seq_align_end                 211 
_struct_ref_seq.pdbx_seq_align_end_ins_code   ? 
_struct_ref_seq.pdbx_db_accession             P30305 
_struct_ref_seq.db_align_beg                  329 
_struct_ref_seq.pdbx_db_align_beg_ins_code    ? 
_struct_ref_seq.db_align_end                  539 
_struct_ref_seq.pdbx_db_align_end_ins_code    ? 
_struct_ref_seq.pdbx_auth_seq_align_beg       356 
_struct_ref_seq.pdbx_auth_seq_align_end       566 
# 
_pdbx_struct_assembly.id                   1 
_pdbx_struct_assembly.details              author_defined_assembly 
_pdbx_struct_assembly.method_details       ? 
_pdbx_struct_assembly.oligomeric_details   monomeric 
_pdbx_struct_assembly.oligomeric_count     1 
# 
_pdbx_struct_assembly_gen.assembly_id       1 
_pdbx_struct_assembly_gen.oper_expression   1 
_pdbx_struct_assembly_gen.asym_id_list      A,B,C,D,E,F 
# 
_pdbx_struct_oper_list.id                   1 
_pdbx_struct_oper_list.type                 'identity operation' 
_pdbx_struct_oper_list.name                 1_555 
_pdbx_struct_oper_list.symmetry_operation   x,y,z 
_pdbx_struct_oper_list.matrix[1][1]         1.0000000000 
_pdbx_struct_oper_list.matrix[1][2]         0.0000000000 
_pdbx_struct_oper_list.matrix[1][3]         0.0000000000 
_pdbx_struct_oper_list.vector[1]            0.0000000000 
_pdbx_struct_oper_list.matrix[2][1]         0.0000000000 
_pdbx_struct_oper_list.matrix[2][2]         1.0000000000 
_pdbx_struct_oper_list.matrix[2][3]         0.0000000000 
_pdbx_struct_oper_list.vector[2]            0.0000000000 
_pdbx_struct_oper_list.matrix[3][1]         0.0000000000 
_pdbx_struct_oper_list.matrix[3][2]         0.0000000000 
_pdbx_struct_oper_list.matrix[3][3]         1.0000000000 
_pdbx_struct_oper_list.vector[3]            0.0000000000 
# 
_struct_biol.id   1 
# 
loop_
_struct_conf.conf_type_id 
_struct_conf.id 
_struct_conf.pdbx_PDB_helix_id 
_struct_conf.beg_label_comp_id 
_struct_conf.beg_label_asym_id 
_struct_conf.beg_label_seq_id 
_struct_conf.pdbx_beg_PDB_ins_code 
_struct_conf.end_label_comp_id 
_struct_conf.end_label_asym_id 
_struct_conf.end_label_seq_id 
_struct_conf.pdbx_end_PDB_ins_code 
_struct_conf.beg_auth_comp_id 
_struct_conf.beg_auth_asym_id 
_struct_conf.beg_auth_seq_id 
_struct_conf.end_auth_comp_id 
_struct_conf.end_auth_asym_id 
_struct_conf.end_auth_seq_id 
_struct_conf.pdbx_PDB_helix_class 
_struct_conf.details 
_struct_conf.pdbx_PDB_helix_length 
HELX_P HELX_P1 1 ILE A 46  ? THR A 56  ? ILE A 401 THR A 411 1 ? 11 
HELX_P HELX_P2 2 PRO A 74  ? GLY A 79  ? PRO A 429 GLY A 434 1 ? 6  
HELX_P HELX_P3 3 GLU A 91  ? LEU A 99  ? GLU A 446 LEU A 454 1 ? 9  
HELX_P HELX_P4 4 GLU A 123 ? VAL A 139 ? GLU A 478 VAL A 494 1 ? 17 
HELX_P HELX_P5 5 GLY A 156 ? PHE A 160 ? GLY A 511 PHE A 515 1 ? 5  
HELX_P HELX_P6 6 GLU A 179 ? LYS A 191 ? GLU A 534 LYS A 546 1 ? 13 
# 
_struct_conf_type.id          HELX_P 
_struct_conf_type.criteria    ? 
_struct_conf_type.reference   ? 
# 
_struct_conn.id                            covale1 
_struct_conn.conn_type_id                  covale 
_struct_conn.pdbx_leaving_atom_flag        none 
_struct_conn.pdbx_PDB_id                   ? 
_struct_conn.ptnr1_label_asym_id           E 
_struct_conn.ptnr1_label_comp_id           BME 
_struct_conn.ptnr1_label_seq_id            . 
_struct_conn.ptnr1_label_atom_id           S2 
_struct_conn.pdbx_ptnr1_label_alt_id       ? 
_struct_conn.pdbx_ptnr1_PDB_ins_code       ? 
_struct_conn.pdbx_ptnr1_standard_comp_id   ? 
_struct_conn.ptnr1_symmetry                1_555 
_struct_conn.ptnr2_label_asym_id           A 
_struct_conn.ptnr2_label_comp_id           CYS 
_struct_conn.ptnr2_label_seq_id            129 
_struct_conn.ptnr2_label_atom_id           SG 
_struct_conn.pdbx_ptnr2_label_alt_id       ? 
_struct_conn.pdbx_ptnr2_PDB_ins_code       ? 
_struct_conn.ptnr1_auth_asym_id            A 
_struct_conn.ptnr1_auth_comp_id            BME 
_struct_conn.ptnr1_auth_seq_id             4 
_struct_conn.ptnr2_auth_asym_id            A 
_struct_conn.ptnr2_auth_comp_id            CYS 
_struct_conn.ptnr2_auth_seq_id             484 
_struct_conn.ptnr2_symmetry                1_555 
_struct_conn.pdbx_ptnr3_label_atom_id      ? 
_struct_conn.pdbx_ptnr3_label_seq_id       ? 
_struct_conn.pdbx_ptnr3_label_comp_id      ? 
_struct_conn.pdbx_ptnr3_label_asym_id      ? 
_struct_conn.pdbx_ptnr3_label_alt_id       ? 
_struct_conn.pdbx_ptnr3_PDB_ins_code       ? 
_struct_conn.details                       ? 
_struct_conn.pdbx_dist_value               2.021 
_struct_conn.pdbx_value_order              ? 
_struct_conn.pdbx_role                     ? 
# 
_struct_conn_type.id          covale 
_struct_conn_type.criteria    ? 
_struct_conn_type.reference   ? 
# 
loop_
_struct_mon_prot_cis.pdbx_id 
_struct_mon_prot_cis.label_comp_id 
_struct_mon_prot_cis.label_seq_id 
_struct_mon_prot_cis.label_asym_id 
_struct_mon_prot_cis.label_alt_id 
_struct_mon_prot_cis.pdbx_PDB_ins_code 
_struct_mon_prot_cis.auth_comp_id 
_struct_mon_prot_cis.auth_seq_id 
_struct_mon_prot_cis.auth_asym_id 
_struct_mon_prot_cis.pdbx_label_comp_id_2 
_struct_mon_prot_cis.pdbx_label_seq_id_2 
_struct_mon_prot_cis.pdbx_label_asym_id_2 
_struct_mon_prot_cis.pdbx_PDB_ins_code_2 
_struct_mon_prot_cis.pdbx_auth_comp_id_2 
_struct_mon_prot_cis.pdbx_auth_seq_id_2 
_struct_mon_prot_cis.pdbx_auth_asym_id_2 
_struct_mon_prot_cis.pdbx_PDB_model_num 
_struct_mon_prot_cis.pdbx_omega_angle 
1 TYR 142 A . ? TYR 497 A PRO 143 A ? PRO 498 A 1 0.71   
2 GLU 169 A . ? GLU 524 A PRO 170 A ? PRO 525 A 1 -12.81 
# 
loop_
_struct_sheet.id 
_struct_sheet.type 
_struct_sheet.number_strands 
_struct_sheet.details 
A ? 5 ? 
B ? 2 ? 
# 
loop_
_struct_sheet_order.sheet_id 
_struct_sheet_order.range_id_1 
_struct_sheet_order.range_id_2 
_struct_sheet_order.offset 
_struct_sheet_order.sense 
A 1 2 ? parallel      
A 2 3 ? parallel      
A 3 4 ? parallel      
A 4 5 ? parallel      
B 1 2 ? anti-parallel 
# 
loop_
_struct_sheet_range.sheet_id 
_struct_sheet_range.id 
_struct_sheet_range.beg_label_comp_id 
_struct_sheet_range.beg_label_asym_id 
_struct_sheet_range.beg_label_seq_id 
_struct_sheet_range.pdbx_beg_PDB_ins_code 
_struct_sheet_range.end_label_comp_id 
_struct_sheet_range.end_label_asym_id 
_struct_sheet_range.end_label_seq_id 
_struct_sheet_range.pdbx_end_PDB_ins_code 
_struct_sheet_range.beg_auth_comp_id 
_struct_sheet_range.beg_auth_asym_id 
_struct_sheet_range.beg_auth_seq_id 
_struct_sheet_range.end_auth_comp_id 
_struct_sheet_range.end_auth_asym_id 
_struct_sheet_range.end_auth_seq_id 
A 1 TYR A 45  ? ILE A 46  ? TYR A 400 ILE A 401 
A 2 MET A 150 ? LEU A 153 ? MET A 505 LEU A 508 
A 3 ARG A 111 ? HIS A 117 ? ARG A 466 HIS A 472 
A 4 VAL A 63  ? ASP A 70  ? VAL A 418 ASP A 425 
A 5 VAL A 86  ? ASN A 87  ? VAL A 441 ASN A 442 
B 1 HIS A 81  ? ILE A 82  ? HIS A 436 ILE A 437 
B 2 CYS A 168 ? GLU A 169 ? CYS A 523 GLU A 524 
# 
loop_
_pdbx_struct_sheet_hbond.sheet_id 
_pdbx_struct_sheet_hbond.range_id_1 
_pdbx_struct_sheet_hbond.range_id_2 
_pdbx_struct_sheet_hbond.range_1_label_atom_id 
_pdbx_struct_sheet_hbond.range_1_label_comp_id 
_pdbx_struct_sheet_hbond.range_1_label_asym_id 
_pdbx_struct_sheet_hbond.range_1_label_seq_id 
_pdbx_struct_sheet_hbond.range_1_PDB_ins_code 
_pdbx_struct_sheet_hbond.range_1_auth_atom_id 
_pdbx_struct_sheet_hbond.range_1_auth_comp_id 
_pdbx_struct_sheet_hbond.range_1_auth_asym_id 
_pdbx_struct_sheet_hbond.range_1_auth_seq_id 
_pdbx_struct_sheet_hbond.range_2_label_atom_id 
_pdbx_struct_sheet_hbond.range_2_label_comp_id 
_pdbx_struct_sheet_hbond.range_2_label_asym_id 
_pdbx_struct_sheet_hbond.range_2_label_seq_id 
_pdbx_struct_sheet_hbond.range_2_PDB_ins_code 
_pdbx_struct_sheet_hbond.range_2_auth_atom_id 
_pdbx_struct_sheet_hbond.range_2_auth_comp_id 
_pdbx_struct_sheet_hbond.range_2_auth_asym_id 
_pdbx_struct_sheet_hbond.range_2_auth_seq_id 
A 1 2 N ILE A 46  ? N ILE A 401 O ILE A 152 ? O ILE A 507 
A 2 3 N TYR A 151 ? N TYR A 506 O LEU A 114 ? O LEU A 469 
A 3 4 O ARG A 111 ? O ARG A 466 N ASP A 64  ? N ASP A 419 
A 4 5 N ASP A 70  ? N ASP A 425 O VAL A 86  ? O VAL A 441 
B 1 2 O HIS A 81  ? O HIS A 436 N GLU A 169 ? N GLU A 524 
# 
loop_
_struct_site.id 
_struct_site.pdbx_evidence_code 
_struct_site.pdbx_auth_asym_id 
_struct_site.pdbx_auth_comp_id 
_struct_site.pdbx_auth_seq_id 
_struct_site.pdbx_auth_ins_code 
_struct_site.pdbx_num_residues 
_struct_site.details 
AC1 Software A WO4 567 ? 10 'BINDING SITE FOR RESIDUE WO4 A 567' 
AC2 Software A SO4 568 ? 3  'BINDING SITE FOR RESIDUE SO4 A 568' 
AC3 Software A CL  569 ? 4  'BINDING SITE FOR RESIDUE CL A 569'  
AC4 Software A BME 4   ? 5  'BINDING SITE FOR RESIDUE BME A 4'   
# 
loop_
_struct_site_gen.id 
_struct_site_gen.site_id 
_struct_site_gen.pdbx_num_res 
_struct_site_gen.label_comp_id 
_struct_site_gen.label_asym_id 
_struct_site_gen.label_seq_id 
_struct_site_gen.pdbx_auth_ins_code 
_struct_site_gen.auth_comp_id 
_struct_site_gen.auth_asym_id 
_struct_site_gen.auth_seq_id 
_struct_site_gen.label_atom_id 
_struct_site_gen.label_alt_id 
_struct_site_gen.symmetry 
_struct_site_gen.details 
1  AC1 10 CYS A 118 ? CYS A 473 . ? 1_555 ? 
2  AC1 10 GLU A 119 ? GLU A 474 . ? 1_555 ? 
3  AC1 10 PHE A 120 ? PHE A 475 . ? 1_555 ? 
4  AC1 10 SER A 121 ? SER A 476 . ? 1_555 ? 
5  AC1 10 SER A 122 ? SER A 477 . ? 1_555 ? 
6  AC1 10 GLU A 123 ? GLU A 478 . ? 1_555 ? 
7  AC1 10 ARG A 124 ? ARG A 479 . ? 1_555 ? 
8  AC1 10 HOH F .   ? HOH A 623 . ? 1_555 ? 
9  AC1 10 HOH F .   ? HOH A 641 . ? 1_555 ? 
10 AC1 10 HOH F .   ? HOH A 698 . ? 1_555 ? 
11 AC2 3  ARG A 133 ? ARG A 488 . ? 1_555 ? 
12 AC2 3  ARG A 137 ? ARG A 492 . ? 1_555 ? 
13 AC2 3  HOH F .   ? HOH A 627 . ? 1_555 ? 
14 AC3 4  LEU A 90  ? LEU A 445 . ? 1_555 ? 
15 AC3 4  GLU A 91  ? GLU A 446 . ? 1_555 ? 
16 AC3 4  ARG A 193 ? ARG A 548 . ? 1_555 ? 
17 AC3 4  HOH F .   ? HOH A 595 . ? 1_555 ? 
18 AC4 5  LEU A 43  ? LEU A 398 . ? 1_555 ? 
19 AC4 5  CYS A 129 ? CYS A 484 . ? 1_555 ? 
20 AC4 5  MET A 150 ? MET A 505 . ? 1_555 ? 
21 AC4 5  HOH F .   ? HOH A 684 . ? 1_555 ? 
22 AC4 5  HOH F .   ? HOH A 717 . ? 1_555 ? 
# 
_pdbx_entry_details.entry_id                   1CWS 
_pdbx_entry_details.compound_details           ? 
_pdbx_entry_details.source_details             ? 
_pdbx_entry_details.nonpolymer_details         ? 
_pdbx_entry_details.sequence_details           ? 
_pdbx_entry_details.has_ligand_of_interest     ? 
_pdbx_entry_details.has_protein_modification   N 
# 
_pdbx_validate_rmsd_angle.id                         1 
_pdbx_validate_rmsd_angle.PDB_model_num              1 
_pdbx_validate_rmsd_angle.auth_atom_id_1             CA 
_pdbx_validate_rmsd_angle.auth_asym_id_1             A 
_pdbx_validate_rmsd_angle.auth_comp_id_1             PRO 
_pdbx_validate_rmsd_angle.auth_seq_id_1              498 
_pdbx_validate_rmsd_angle.PDB_ins_code_1             ? 
_pdbx_validate_rmsd_angle.label_alt_id_1             ? 
_pdbx_validate_rmsd_angle.auth_atom_id_2             C 
_pdbx_validate_rmsd_angle.auth_asym_id_2             A 
_pdbx_validate_rmsd_angle.auth_comp_id_2             PRO 
_pdbx_validate_rmsd_angle.auth_seq_id_2              498 
_pdbx_validate_rmsd_angle.PDB_ins_code_2             ? 
_pdbx_validate_rmsd_angle.label_alt_id_2             ? 
_pdbx_validate_rmsd_angle.auth_atom_id_3             O 
_pdbx_validate_rmsd_angle.auth_asym_id_3             A 
_pdbx_validate_rmsd_angle.auth_comp_id_3             PRO 
_pdbx_validate_rmsd_angle.auth_seq_id_3              498 
_pdbx_validate_rmsd_angle.PDB_ins_code_3             ? 
_pdbx_validate_rmsd_angle.label_alt_id_3             ? 
_pdbx_validate_rmsd_angle.angle_value                105.21 
_pdbx_validate_rmsd_angle.angle_target_value         120.20 
_pdbx_validate_rmsd_angle.angle_deviation            -14.99 
_pdbx_validate_rmsd_angle.angle_standard_deviation   2.40 
_pdbx_validate_rmsd_angle.linker_flag                N 
# 
loop_
_pdbx_validate_torsion.id 
_pdbx_validate_torsion.PDB_model_num 
_pdbx_validate_torsion.auth_comp_id 
_pdbx_validate_torsion.auth_asym_id 
_pdbx_validate_torsion.auth_seq_id 
_pdbx_validate_torsion.PDB_ins_code 
_pdbx_validate_torsion.label_alt_id 
_pdbx_validate_torsion.phi 
_pdbx_validate_torsion.psi 
1 1 THR A 439 ? ? 80.09   -6.47   
2 1 CYS A 473 ? ? -124.89 -143.61 
3 1 SER A 549 ? ? -171.36 147.86  
# 
loop_
_pdbx_unobs_or_zero_occ_residues.id 
_pdbx_unobs_or_zero_occ_residues.PDB_model_num 
_pdbx_unobs_or_zero_occ_residues.polymer_flag 
_pdbx_unobs_or_zero_occ_residues.occupancy_flag 
_pdbx_unobs_or_zero_occ_residues.auth_asym_id 
_pdbx_unobs_or_zero_occ_residues.auth_comp_id 
_pdbx_unobs_or_zero_occ_residues.auth_seq_id 
_pdbx_unobs_or_zero_occ_residues.PDB_ins_code 
_pdbx_unobs_or_zero_occ_residues.label_asym_id 
_pdbx_unobs_or_zero_occ_residues.label_comp_id 
_pdbx_unobs_or_zero_occ_residues.label_seq_id 
1  1 Y 1 A VAL 356 ? A VAL 1   
2  1 Y 1 A LEU 357 ? A LEU 2   
3  1 Y 1 A ARG 358 ? A ARG 3   
4  1 Y 1 A SER 359 ? A SER 4   
5  1 Y 1 A LYS 360 ? A LYS 5   
6  1 Y 1 A SER 361 ? A SER 6   
7  1 Y 1 A LEU 362 ? A LEU 7   
8  1 Y 1 A CYS 363 ? A CYS 8   
9  1 Y 1 A HIS 364 ? A HIS 9   
10 1 Y 1 A ASP 365 ? A ASP 10  
11 1 Y 1 A GLU 366 ? A GLU 11  
12 1 Y 1 A ILE 367 ? A ILE 12  
13 1 Y 1 A GLU 368 ? A GLU 13  
14 1 Y 1 A ASN 369 ? A ASN 14  
15 1 Y 1 A LEU 370 ? A LEU 15  
16 1 Y 1 A LEU 371 ? A LEU 16  
17 1 Y 1 A ASP 372 ? A ASP 17  
18 1 Y 1 A GLY 552 ? A GLY 197 
19 1 Y 1 A GLU 553 ? A GLU 198 
20 1 Y 1 A ARG 554 ? A ARG 199 
21 1 Y 1 A SER 555 ? A SER 200 
22 1 Y 1 A ARG 556 ? A ARG 201 
23 1 Y 1 A ARG 557 ? A ARG 202 
24 1 Y 1 A GLU 558 ? A GLU 203 
25 1 Y 1 A LEU 559 ? A LEU 204 
26 1 Y 1 A CYS 560 ? A CYS 205 
27 1 Y 1 A SER 561 ? A SER 206 
28 1 Y 1 A ARG 562 ? A ARG 207 
29 1 Y 1 A LEU 563 ? A LEU 208 
30 1 Y 1 A GLN 564 ? A GLN 209 
31 1 Y 1 A ASP 565 ? A ASP 210 
32 1 Y 1 A GLN 566 ? A GLN 211 
# 
loop_
_chem_comp_atom.comp_id 
_chem_comp_atom.atom_id 
_chem_comp_atom.type_symbol 
_chem_comp_atom.pdbx_aromatic_flag 
_chem_comp_atom.pdbx_stereo_config 
_chem_comp_atom.pdbx_ordinal 
ALA N    N  N N 1   
ALA CA   C  N S 2   
ALA C    C  N N 3   
ALA O    O  N N 4   
ALA CB   C  N N 5   
ALA OXT  O  N N 6   
ALA H    H  N N 7   
ALA H2   H  N N 8   
ALA HA   H  N N 9   
ALA HB1  H  N N 10  
ALA HB2  H  N N 11  
ALA HB3  H  N N 12  
ALA HXT  H  N N 13  
ARG N    N  N N 14  
ARG CA   C  N S 15  
ARG C    C  N N 16  
ARG O    O  N N 17  
ARG CB   C  N N 18  
ARG CG   C  N N 19  
ARG CD   C  N N 20  
ARG NE   N  N N 21  
ARG CZ   C  N N 22  
ARG NH1  N  N N 23  
ARG NH2  N  N N 24  
ARG OXT  O  N N 25  
ARG H    H  N N 26  
ARG H2   H  N N 27  
ARG HA   H  N N 28  
ARG HB2  H  N N 29  
ARG HB3  H  N N 30  
ARG HG2  H  N N 31  
ARG HG3  H  N N 32  
ARG HD2  H  N N 33  
ARG HD3  H  N N 34  
ARG HE   H  N N 35  
ARG HH11 H  N N 36  
ARG HH12 H  N N 37  
ARG HH21 H  N N 38  
ARG HH22 H  N N 39  
ARG HXT  H  N N 40  
ASN N    N  N N 41  
ASN CA   C  N S 42  
ASN C    C  N N 43  
ASN O    O  N N 44  
ASN CB   C  N N 45  
ASN CG   C  N N 46  
ASN OD1  O  N N 47  
ASN ND2  N  N N 48  
ASN OXT  O  N N 49  
ASN H    H  N N 50  
ASN H2   H  N N 51  
ASN HA   H  N N 52  
ASN HB2  H  N N 53  
ASN HB3  H  N N 54  
ASN HD21 H  N N 55  
ASN HD22 H  N N 56  
ASN HXT  H  N N 57  
ASP N    N  N N 58  
ASP CA   C  N S 59  
ASP C    C  N N 60  
ASP O    O  N N 61  
ASP CB   C  N N 62  
ASP CG   C  N N 63  
ASP OD1  O  N N 64  
ASP OD2  O  N N 65  
ASP OXT  O  N N 66  
ASP H    H  N N 67  
ASP H2   H  N N 68  
ASP HA   H  N N 69  
ASP HB2  H  N N 70  
ASP HB3  H  N N 71  
ASP HD2  H  N N 72  
ASP HXT  H  N N 73  
BME C1   C  N N 74  
BME C2   C  N N 75  
BME O1   O  N N 76  
BME S2   S  N N 77  
BME H11  H  N N 78  
BME H12  H  N N 79  
BME H21  H  N N 80  
BME H22  H  N N 81  
BME HO1  H  N N 82  
BME HS2  H  N N 83  
CL  CL   CL N N 84  
CYS N    N  N N 85  
CYS CA   C  N R 86  
CYS C    C  N N 87  
CYS O    O  N N 88  
CYS CB   C  N N 89  
CYS SG   S  N N 90  
CYS OXT  O  N N 91  
CYS H    H  N N 92  
CYS H2   H  N N 93  
CYS HA   H  N N 94  
CYS HB2  H  N N 95  
CYS HB3  H  N N 96  
CYS HG   H  N N 97  
CYS HXT  H  N N 98  
GLN N    N  N N 99  
GLN CA   C  N S 100 
GLN C    C  N N 101 
GLN O    O  N N 102 
GLN CB   C  N N 103 
GLN CG   C  N N 104 
GLN CD   C  N N 105 
GLN OE1  O  N N 106 
GLN NE2  N  N N 107 
GLN OXT  O  N N 108 
GLN H    H  N N 109 
GLN H2   H  N N 110 
GLN HA   H  N N 111 
GLN HB2  H  N N 112 
GLN HB3  H  N N 113 
GLN HG2  H  N N 114 
GLN HG3  H  N N 115 
GLN HE21 H  N N 116 
GLN HE22 H  N N 117 
GLN HXT  H  N N 118 
GLU N    N  N N 119 
GLU CA   C  N S 120 
GLU C    C  N N 121 
GLU O    O  N N 122 
GLU CB   C  N N 123 
GLU CG   C  N N 124 
GLU CD   C  N N 125 
GLU OE1  O  N N 126 
GLU OE2  O  N N 127 
GLU OXT  O  N N 128 
GLU H    H  N N 129 
GLU H2   H  N N 130 
GLU HA   H  N N 131 
GLU HB2  H  N N 132 
GLU HB3  H  N N 133 
GLU HG2  H  N N 134 
GLU HG3  H  N N 135 
GLU HE2  H  N N 136 
GLU HXT  H  N N 137 
GLY N    N  N N 138 
GLY CA   C  N N 139 
GLY C    C  N N 140 
GLY O    O  N N 141 
GLY OXT  O  N N 142 
GLY H    H  N N 143 
GLY H2   H  N N 144 
GLY HA2  H  N N 145 
GLY HA3  H  N N 146 
GLY HXT  H  N N 147 
HIS N    N  N N 148 
HIS CA   C  N S 149 
HIS C    C  N N 150 
HIS O    O  N N 151 
HIS CB   C  N N 152 
HIS CG   C  Y N 153 
HIS ND1  N  Y N 154 
HIS CD2  C  Y N 155 
HIS CE1  C  Y N 156 
HIS NE2  N  Y N 157 
HIS OXT  O  N N 158 
HIS H    H  N N 159 
HIS H2   H  N N 160 
HIS HA   H  N N 161 
HIS HB2  H  N N 162 
HIS HB3  H  N N 163 
HIS HD1  H  N N 164 
HIS HD2  H  N N 165 
HIS HE1  H  N N 166 
HIS HE2  H  N N 167 
HIS HXT  H  N N 168 
HOH O    O  N N 169 
HOH H1   H  N N 170 
HOH H2   H  N N 171 
ILE N    N  N N 172 
ILE CA   C  N S 173 
ILE C    C  N N 174 
ILE O    O  N N 175 
ILE CB   C  N S 176 
ILE CG1  C  N N 177 
ILE CG2  C  N N 178 
ILE CD1  C  N N 179 
ILE OXT  O  N N 180 
ILE H    H  N N 181 
ILE H2   H  N N 182 
ILE HA   H  N N 183 
ILE HB   H  N N 184 
ILE HG12 H  N N 185 
ILE HG13 H  N N 186 
ILE HG21 H  N N 187 
ILE HG22 H  N N 188 
ILE HG23 H  N N 189 
ILE HD11 H  N N 190 
ILE HD12 H  N N 191 
ILE HD13 H  N N 192 
ILE HXT  H  N N 193 
LEU N    N  N N 194 
LEU CA   C  N S 195 
LEU C    C  N N 196 
LEU O    O  N N 197 
LEU CB   C  N N 198 
LEU CG   C  N N 199 
LEU CD1  C  N N 200 
LEU CD2  C  N N 201 
LEU OXT  O  N N 202 
LEU H    H  N N 203 
LEU H2   H  N N 204 
LEU HA   H  N N 205 
LEU HB2  H  N N 206 
LEU HB3  H  N N 207 
LEU HG   H  N N 208 
LEU HD11 H  N N 209 
LEU HD12 H  N N 210 
LEU HD13 H  N N 211 
LEU HD21 H  N N 212 
LEU HD22 H  N N 213 
LEU HD23 H  N N 214 
LEU HXT  H  N N 215 
LYS N    N  N N 216 
LYS CA   C  N S 217 
LYS C    C  N N 218 
LYS O    O  N N 219 
LYS CB   C  N N 220 
LYS CG   C  N N 221 
LYS CD   C  N N 222 
LYS CE   C  N N 223 
LYS NZ   N  N N 224 
LYS OXT  O  N N 225 
LYS H    H  N N 226 
LYS H2   H  N N 227 
LYS HA   H  N N 228 
LYS HB2  H  N N 229 
LYS HB3  H  N N 230 
LYS HG2  H  N N 231 
LYS HG3  H  N N 232 
LYS HD2  H  N N 233 
LYS HD3  H  N N 234 
LYS HE2  H  N N 235 
LYS HE3  H  N N 236 
LYS HZ1  H  N N 237 
LYS HZ2  H  N N 238 
LYS HZ3  H  N N 239 
LYS HXT  H  N N 240 
MET N    N  N N 241 
MET CA   C  N S 242 
MET C    C  N N 243 
MET O    O  N N 244 
MET CB   C  N N 245 
MET CG   C  N N 246 
MET SD   S  N N 247 
MET CE   C  N N 248 
MET OXT  O  N N 249 
MET H    H  N N 250 
MET H2   H  N N 251 
MET HA   H  N N 252 
MET HB2  H  N N 253 
MET HB3  H  N N 254 
MET HG2  H  N N 255 
MET HG3  H  N N 256 
MET HE1  H  N N 257 
MET HE2  H  N N 258 
MET HE3  H  N N 259 
MET HXT  H  N N 260 
PHE N    N  N N 261 
PHE CA   C  N S 262 
PHE C    C  N N 263 
PHE O    O  N N 264 
PHE CB   C  N N 265 
PHE CG   C  Y N 266 
PHE CD1  C  Y N 267 
PHE CD2  C  Y N 268 
PHE CE1  C  Y N 269 
PHE CE2  C  Y N 270 
PHE CZ   C  Y N 271 
PHE OXT  O  N N 272 
PHE H    H  N N 273 
PHE H2   H  N N 274 
PHE HA   H  N N 275 
PHE HB2  H  N N 276 
PHE HB3  H  N N 277 
PHE HD1  H  N N 278 
PHE HD2  H  N N 279 
PHE HE1  H  N N 280 
PHE HE2  H  N N 281 
PHE HZ   H  N N 282 
PHE HXT  H  N N 283 
PRO N    N  N N 284 
PRO CA   C  N S 285 
PRO C    C  N N 286 
PRO O    O  N N 287 
PRO CB   C  N N 288 
PRO CG   C  N N 289 
PRO CD   C  N N 290 
PRO OXT  O  N N 291 
PRO H    H  N N 292 
PRO HA   H  N N 293 
PRO HB2  H  N N 294 
PRO HB3  H  N N 295 
PRO HG2  H  N N 296 
PRO HG3  H  N N 297 
PRO HD2  H  N N 298 
PRO HD3  H  N N 299 
PRO HXT  H  N N 300 
SER N    N  N N 301 
SER CA   C  N S 302 
SER C    C  N N 303 
SER O    O  N N 304 
SER CB   C  N N 305 
SER OG   O  N N 306 
SER OXT  O  N N 307 
SER H    H  N N 308 
SER H2   H  N N 309 
SER HA   H  N N 310 
SER HB2  H  N N 311 
SER HB3  H  N N 312 
SER HG   H  N N 313 
SER HXT  H  N N 314 
SO4 S    S  N N 315 
SO4 O1   O  N N 316 
SO4 O2   O  N N 317 
SO4 O3   O  N N 318 
SO4 O4   O  N N 319 
THR N    N  N N 320 
THR CA   C  N S 321 
THR C    C  N N 322 
THR O    O  N N 323 
THR CB   C  N R 324 
THR OG1  O  N N 325 
THR CG2  C  N N 326 
THR OXT  O  N N 327 
THR H    H  N N 328 
THR H2   H  N N 329 
THR HA   H  N N 330 
THR HB   H  N N 331 
THR HG1  H  N N 332 
THR HG21 H  N N 333 
THR HG22 H  N N 334 
THR HG23 H  N N 335 
THR HXT  H  N N 336 
TRP N    N  N N 337 
TRP CA   C  N S 338 
TRP C    C  N N 339 
TRP O    O  N N 340 
TRP CB   C  N N 341 
TRP CG   C  Y N 342 
TRP CD1  C  Y N 343 
TRP CD2  C  Y N 344 
TRP NE1  N  Y N 345 
TRP CE2  C  Y N 346 
TRP CE3  C  Y N 347 
TRP CZ2  C  Y N 348 
TRP CZ3  C  Y N 349 
TRP CH2  C  Y N 350 
TRP OXT  O  N N 351 
TRP H    H  N N 352 
TRP H2   H  N N 353 
TRP HA   H  N N 354 
TRP HB2  H  N N 355 
TRP HB3  H  N N 356 
TRP HD1  H  N N 357 
TRP HE1  H  N N 358 
TRP HE3  H  N N 359 
TRP HZ2  H  N N 360 
TRP HZ3  H  N N 361 
TRP HH2  H  N N 362 
TRP HXT  H  N N 363 
TYR N    N  N N 364 
TYR CA   C  N S 365 
TYR C    C  N N 366 
TYR O    O  N N 367 
TYR CB   C  N N 368 
TYR CG   C  Y N 369 
TYR CD1  C  Y N 370 
TYR CD2  C  Y N 371 
TYR CE1  C  Y N 372 
TYR CE2  C  Y N 373 
TYR CZ   C  Y N 374 
TYR OH   O  N N 375 
TYR OXT  O  N N 376 
TYR H    H  N N 377 
TYR H2   H  N N 378 
TYR HA   H  N N 379 
TYR HB2  H  N N 380 
TYR HB3  H  N N 381 
TYR HD1  H  N N 382 
TYR HD2  H  N N 383 
TYR HE1  H  N N 384 
TYR HE2  H  N N 385 
TYR HH   H  N N 386 
TYR HXT  H  N N 387 
VAL N    N  N N 388 
VAL CA   C  N S 389 
VAL C    C  N N 390 
VAL O    O  N N 391 
VAL CB   C  N N 392 
VAL CG1  C  N N 393 
VAL CG2  C  N N 394 
VAL OXT  O  N N 395 
VAL H    H  N N 396 
VAL H2   H  N N 397 
VAL HA   H  N N 398 
VAL HB   H  N N 399 
VAL HG11 H  N N 400 
VAL HG12 H  N N 401 
VAL HG13 H  N N 402 
VAL HG21 H  N N 403 
VAL HG22 H  N N 404 
VAL HG23 H  N N 405 
VAL HXT  H  N N 406 
WO4 W    W  N N 407 
WO4 O1   O  N N 408 
WO4 O2   O  N N 409 
WO4 O3   O  N N 410 
WO4 O4   O  N N 411 
# 
loop_
_chem_comp_bond.comp_id 
_chem_comp_bond.atom_id_1 
_chem_comp_bond.atom_id_2 
_chem_comp_bond.value_order 
_chem_comp_bond.pdbx_aromatic_flag 
_chem_comp_bond.pdbx_stereo_config 
_chem_comp_bond.pdbx_ordinal 
ALA N   CA   sing N N 1   
ALA N   H    sing N N 2   
ALA N   H2   sing N N 3   
ALA CA  C    sing N N 4   
ALA CA  CB   sing N N 5   
ALA CA  HA   sing N N 6   
ALA C   O    doub N N 7   
ALA C   OXT  sing N N 8   
ALA CB  HB1  sing N N 9   
ALA CB  HB2  sing N N 10  
ALA CB  HB3  sing N N 11  
ALA OXT HXT  sing N N 12  
ARG N   CA   sing N N 13  
ARG N   H    sing N N 14  
ARG N   H2   sing N N 15  
ARG CA  C    sing N N 16  
ARG CA  CB   sing N N 17  
ARG CA  HA   sing N N 18  
ARG C   O    doub N N 19  
ARG C   OXT  sing N N 20  
ARG CB  CG   sing N N 21  
ARG CB  HB2  sing N N 22  
ARG CB  HB3  sing N N 23  
ARG CG  CD   sing N N 24  
ARG CG  HG2  sing N N 25  
ARG CG  HG3  sing N N 26  
ARG CD  NE   sing N N 27  
ARG CD  HD2  sing N N 28  
ARG CD  HD3  sing N N 29  
ARG NE  CZ   sing N N 30  
ARG NE  HE   sing N N 31  
ARG CZ  NH1  sing N N 32  
ARG CZ  NH2  doub N N 33  
ARG NH1 HH11 sing N N 34  
ARG NH1 HH12 sing N N 35  
ARG NH2 HH21 sing N N 36  
ARG NH2 HH22 sing N N 37  
ARG OXT HXT  sing N N 38  
ASN N   CA   sing N N 39  
ASN N   H    sing N N 40  
ASN N   H2   sing N N 41  
ASN CA  C    sing N N 42  
ASN CA  CB   sing N N 43  
ASN CA  HA   sing N N 44  
ASN C   O    doub N N 45  
ASN C   OXT  sing N N 46  
ASN CB  CG   sing N N 47  
ASN CB  HB2  sing N N 48  
ASN CB  HB3  sing N N 49  
ASN CG  OD1  doub N N 50  
ASN CG  ND2  sing N N 51  
ASN ND2 HD21 sing N N 52  
ASN ND2 HD22 sing N N 53  
ASN OXT HXT  sing N N 54  
ASP N   CA   sing N N 55  
ASP N   H    sing N N 56  
ASP N   H2   sing N N 57  
ASP CA  C    sing N N 58  
ASP CA  CB   sing N N 59  
ASP CA  HA   sing N N 60  
ASP C   O    doub N N 61  
ASP C   OXT  sing N N 62  
ASP CB  CG   sing N N 63  
ASP CB  HB2  sing N N 64  
ASP CB  HB3  sing N N 65  
ASP CG  OD1  doub N N 66  
ASP CG  OD2  sing N N 67  
ASP OD2 HD2  sing N N 68  
ASP OXT HXT  sing N N 69  
BME C1  C2   sing N N 70  
BME C1  O1   sing N N 71  
BME C1  H11  sing N N 72  
BME C1  H12  sing N N 73  
BME C2  S2   sing N N 74  
BME C2  H21  sing N N 75  
BME C2  H22  sing N N 76  
BME O1  HO1  sing N N 77  
BME S2  HS2  sing N N 78  
CYS N   CA   sing N N 79  
CYS N   H    sing N N 80  
CYS N   H2   sing N N 81  
CYS CA  C    sing N N 82  
CYS CA  CB   sing N N 83  
CYS CA  HA   sing N N 84  
CYS C   O    doub N N 85  
CYS C   OXT  sing N N 86  
CYS CB  SG   sing N N 87  
CYS CB  HB2  sing N N 88  
CYS CB  HB3  sing N N 89  
CYS SG  HG   sing N N 90  
CYS OXT HXT  sing N N 91  
GLN N   CA   sing N N 92  
GLN N   H    sing N N 93  
GLN N   H2   sing N N 94  
GLN CA  C    sing N N 95  
GLN CA  CB   sing N N 96  
GLN CA  HA   sing N N 97  
GLN C   O    doub N N 98  
GLN C   OXT  sing N N 99  
GLN CB  CG   sing N N 100 
GLN CB  HB2  sing N N 101 
GLN CB  HB3  sing N N 102 
GLN CG  CD   sing N N 103 
GLN CG  HG2  sing N N 104 
GLN CG  HG3  sing N N 105 
GLN CD  OE1  doub N N 106 
GLN CD  NE2  sing N N 107 
GLN NE2 HE21 sing N N 108 
GLN NE2 HE22 sing N N 109 
GLN OXT HXT  sing N N 110 
GLU N   CA   sing N N 111 
GLU N   H    sing N N 112 
GLU N   H2   sing N N 113 
GLU CA  C    sing N N 114 
GLU CA  CB   sing N N 115 
GLU CA  HA   sing N N 116 
GLU C   O    doub N N 117 
GLU C   OXT  sing N N 118 
GLU CB  CG   sing N N 119 
GLU CB  HB2  sing N N 120 
GLU CB  HB3  sing N N 121 
GLU CG  CD   sing N N 122 
GLU CG  HG2  sing N N 123 
GLU CG  HG3  sing N N 124 
GLU CD  OE1  doub N N 125 
GLU CD  OE2  sing N N 126 
GLU OE2 HE2  sing N N 127 
GLU OXT HXT  sing N N 128 
GLY N   CA   sing N N 129 
GLY N   H    sing N N 130 
GLY N   H2   sing N N 131 
GLY CA  C    sing N N 132 
GLY CA  HA2  sing N N 133 
GLY CA  HA3  sing N N 134 
GLY C   O    doub N N 135 
GLY C   OXT  sing N N 136 
GLY OXT HXT  sing N N 137 
HIS N   CA   sing N N 138 
HIS N   H    sing N N 139 
HIS N   H2   sing N N 140 
HIS CA  C    sing N N 141 
HIS CA  CB   sing N N 142 
HIS CA  HA   sing N N 143 
HIS C   O    doub N N 144 
HIS C   OXT  sing N N 145 
HIS CB  CG   sing N N 146 
HIS CB  HB2  sing N N 147 
HIS CB  HB3  sing N N 148 
HIS CG  ND1  sing Y N 149 
HIS CG  CD2  doub Y N 150 
HIS ND1 CE1  doub Y N 151 
HIS ND1 HD1  sing N N 152 
HIS CD2 NE2  sing Y N 153 
HIS CD2 HD2  sing N N 154 
HIS CE1 NE2  sing Y N 155 
HIS CE1 HE1  sing N N 156 
HIS NE2 HE2  sing N N 157 
HIS OXT HXT  sing N N 158 
HOH O   H1   sing N N 159 
HOH O   H2   sing N N 160 
ILE N   CA   sing N N 161 
ILE N   H    sing N N 162 
ILE N   H2   sing N N 163 
ILE CA  C    sing N N 164 
ILE CA  CB   sing N N 165 
ILE CA  HA   sing N N 166 
ILE C   O    doub N N 167 
ILE C   OXT  sing N N 168 
ILE CB  CG1  sing N N 169 
ILE CB  CG2  sing N N 170 
ILE CB  HB   sing N N 171 
ILE CG1 CD1  sing N N 172 
ILE CG1 HG12 sing N N 173 
ILE CG1 HG13 sing N N 174 
ILE CG2 HG21 sing N N 175 
ILE CG2 HG22 sing N N 176 
ILE CG2 HG23 sing N N 177 
ILE CD1 HD11 sing N N 178 
ILE CD1 HD12 sing N N 179 
ILE CD1 HD13 sing N N 180 
ILE OXT HXT  sing N N 181 
LEU N   CA   sing N N 182 
LEU N   H    sing N N 183 
LEU N   H2   sing N N 184 
LEU CA  C    sing N N 185 
LEU CA  CB   sing N N 186 
LEU CA  HA   sing N N 187 
LEU C   O    doub N N 188 
LEU C   OXT  sing N N 189 
LEU CB  CG   sing N N 190 
LEU CB  HB2  sing N N 191 
LEU CB  HB3  sing N N 192 
LEU CG  CD1  sing N N 193 
LEU CG  CD2  sing N N 194 
LEU CG  HG   sing N N 195 
LEU CD1 HD11 sing N N 196 
LEU CD1 HD12 sing N N 197 
LEU CD1 HD13 sing N N 198 
LEU CD2 HD21 sing N N 199 
LEU CD2 HD22 sing N N 200 
LEU CD2 HD23 sing N N 201 
LEU OXT HXT  sing N N 202 
LYS N   CA   sing N N 203 
LYS N   H    sing N N 204 
LYS N   H2   sing N N 205 
LYS CA  C    sing N N 206 
LYS CA  CB   sing N N 207 
LYS CA  HA   sing N N 208 
LYS C   O    doub N N 209 
LYS C   OXT  sing N N 210 
LYS CB  CG   sing N N 211 
LYS CB  HB2  sing N N 212 
LYS CB  HB3  sing N N 213 
LYS CG  CD   sing N N 214 
LYS CG  HG2  sing N N 215 
LYS CG  HG3  sing N N 216 
LYS CD  CE   sing N N 217 
LYS CD  HD2  sing N N 218 
LYS CD  HD3  sing N N 219 
LYS CE  NZ   sing N N 220 
LYS CE  HE2  sing N N 221 
LYS CE  HE3  sing N N 222 
LYS NZ  HZ1  sing N N 223 
LYS NZ  HZ2  sing N N 224 
LYS NZ  HZ3  sing N N 225 
LYS OXT HXT  sing N N 226 
MET N   CA   sing N N 227 
MET N   H    sing N N 228 
MET N   H2   sing N N 229 
MET CA  C    sing N N 230 
MET CA  CB   sing N N 231 
MET CA  HA   sing N N 232 
MET C   O    doub N N 233 
MET C   OXT  sing N N 234 
MET CB  CG   sing N N 235 
MET CB  HB2  sing N N 236 
MET CB  HB3  sing N N 237 
MET CG  SD   sing N N 238 
MET CG  HG2  sing N N 239 
MET CG  HG3  sing N N 240 
MET SD  CE   sing N N 241 
MET CE  HE1  sing N N 242 
MET CE  HE2  sing N N 243 
MET CE  HE3  sing N N 244 
MET OXT HXT  sing N N 245 
PHE N   CA   sing N N 246 
PHE N   H    sing N N 247 
PHE N   H2   sing N N 248 
PHE CA  C    sing N N 249 
PHE CA  CB   sing N N 250 
PHE CA  HA   sing N N 251 
PHE C   O    doub N N 252 
PHE C   OXT  sing N N 253 
PHE CB  CG   sing N N 254 
PHE CB  HB2  sing N N 255 
PHE CB  HB3  sing N N 256 
PHE CG  CD1  doub Y N 257 
PHE CG  CD2  sing Y N 258 
PHE CD1 CE1  sing Y N 259 
PHE CD1 HD1  sing N N 260 
PHE CD2 CE2  doub Y N 261 
PHE CD2 HD2  sing N N 262 
PHE CE1 CZ   doub Y N 263 
PHE CE1 HE1  sing N N 264 
PHE CE2 CZ   sing Y N 265 
PHE CE2 HE2  sing N N 266 
PHE CZ  HZ   sing N N 267 
PHE OXT HXT  sing N N 268 
PRO N   CA   sing N N 269 
PRO N   CD   sing N N 270 
PRO N   H    sing N N 271 
PRO CA  C    sing N N 272 
PRO CA  CB   sing N N 273 
PRO CA  HA   sing N N 274 
PRO C   O    doub N N 275 
PRO C   OXT  sing N N 276 
PRO CB  CG   sing N N 277 
PRO CB  HB2  sing N N 278 
PRO CB  HB3  sing N N 279 
PRO CG  CD   sing N N 280 
PRO CG  HG2  sing N N 281 
PRO CG  HG3  sing N N 282 
PRO CD  HD2  sing N N 283 
PRO CD  HD3  sing N N 284 
PRO OXT HXT  sing N N 285 
SER N   CA   sing N N 286 
SER N   H    sing N N 287 
SER N   H2   sing N N 288 
SER CA  C    sing N N 289 
SER CA  CB   sing N N 290 
SER CA  HA   sing N N 291 
SER C   O    doub N N 292 
SER C   OXT  sing N N 293 
SER CB  OG   sing N N 294 
SER CB  HB2  sing N N 295 
SER CB  HB3  sing N N 296 
SER OG  HG   sing N N 297 
SER OXT HXT  sing N N 298 
SO4 S   O1   doub N N 299 
SO4 S   O2   doub N N 300 
SO4 S   O3   sing N N 301 
SO4 S   O4   sing N N 302 
THR N   CA   sing N N 303 
THR N   H    sing N N 304 
THR N   H2   sing N N 305 
THR CA  C    sing N N 306 
THR CA  CB   sing N N 307 
THR CA  HA   sing N N 308 
THR C   O    doub N N 309 
THR C   OXT  sing N N 310 
THR CB  OG1  sing N N 311 
THR CB  CG2  sing N N 312 
THR CB  HB   sing N N 313 
THR OG1 HG1  sing N N 314 
THR CG2 HG21 sing N N 315 
THR CG2 HG22 sing N N 316 
THR CG2 HG23 sing N N 317 
THR OXT HXT  sing N N 318 
TRP N   CA   sing N N 319 
TRP N   H    sing N N 320 
TRP N   H2   sing N N 321 
TRP CA  C    sing N N 322 
TRP CA  CB   sing N N 323 
TRP CA  HA   sing N N 324 
TRP C   O    doub N N 325 
TRP C   OXT  sing N N 326 
TRP CB  CG   sing N N 327 
TRP CB  HB2  sing N N 328 
TRP CB  HB3  sing N N 329 
TRP CG  CD1  doub Y N 330 
TRP CG  CD2  sing Y N 331 
TRP CD1 NE1  sing Y N 332 
TRP CD1 HD1  sing N N 333 
TRP CD2 CE2  doub Y N 334 
TRP CD2 CE3  sing Y N 335 
TRP NE1 CE2  sing Y N 336 
TRP NE1 HE1  sing N N 337 
TRP CE2 CZ2  sing Y N 338 
TRP CE3 CZ3  doub Y N 339 
TRP CE3 HE3  sing N N 340 
TRP CZ2 CH2  doub Y N 341 
TRP CZ2 HZ2  sing N N 342 
TRP CZ3 CH2  sing Y N 343 
TRP CZ3 HZ3  sing N N 344 
TRP CH2 HH2  sing N N 345 
TRP OXT HXT  sing N N 346 
TYR N   CA   sing N N 347 
TYR N   H    sing N N 348 
TYR N   H2   sing N N 349 
TYR CA  C    sing N N 350 
TYR CA  CB   sing N N 351 
TYR CA  HA   sing N N 352 
TYR C   O    doub N N 353 
TYR C   OXT  sing N N 354 
TYR CB  CG   sing N N 355 
TYR CB  HB2  sing N N 356 
TYR CB  HB3  sing N N 357 
TYR CG  CD1  doub Y N 358 
TYR CG  CD2  sing Y N 359 
TYR CD1 CE1  sing Y N 360 
TYR CD1 HD1  sing N N 361 
TYR CD2 CE2  doub Y N 362 
TYR CD2 HD2  sing N N 363 
TYR CE1 CZ   doub Y N 364 
TYR CE1 HE1  sing N N 365 
TYR CE2 CZ   sing Y N 366 
TYR CE2 HE2  sing N N 367 
TYR CZ  OH   sing N N 368 
TYR OH  HH   sing N N 369 
TYR OXT HXT  sing N N 370 
VAL N   CA   sing N N 371 
VAL N   H    sing N N 372 
VAL N   H2   sing N N 373 
VAL CA  C    sing N N 374 
VAL CA  CB   sing N N 375 
VAL CA  HA   sing N N 376 
VAL C   O    doub N N 377 
VAL C   OXT  sing N N 378 
VAL CB  CG1  sing N N 379 
VAL CB  CG2  sing N N 380 
VAL CB  HB   sing N N 381 
VAL CG1 HG11 sing N N 382 
VAL CG1 HG12 sing N N 383 
VAL CG1 HG13 sing N N 384 
VAL CG2 HG21 sing N N 385 
VAL CG2 HG22 sing N N 386 
VAL CG2 HG23 sing N N 387 
VAL OXT HXT  sing N N 388 
WO4 W   O1   doub N N 389 
WO4 W   O2   doub N N 390 
WO4 W   O3   sing N N 391 
WO4 W   O4   sing N N 392 
# 
_atom_sites.entry_id                    1CWS 
_atom_sites.fract_transf_matrix[1][1]   -0.00011465 
_atom_sites.fract_transf_matrix[1][2]   0.01454890 
_atom_sites.fract_transf_matrix[1][3]   0.01272655 
_atom_sites.fract_transf_matrix[2][1]   -0.01382168 
_atom_sites.fract_transf_matrix[2][2]   0.00099618 
_atom_sites.fract_transf_matrix[2][3]   -0.00126333 
_atom_sites.fract_transf_matrix[3][1]   -0.00154091 
_atom_sites.fract_transf_matrix[3][2]   -0.00873439 
_atom_sites.fract_transf_matrix[3][3]   0.00997121 
_atom_sites.fract_transf_vector[1]      0.398720 
_atom_sites.fract_transf_vector[2]      0.164447 
_atom_sites.fract_transf_vector[3]      0.370335 
# 
loop_
_atom_type.symbol 
C  
CL 
N  
O  
S  
W  
# 
loop_
_atom_site.group_PDB 
_atom_site.id 
_atom_site.type_symbol 
_atom_site.label_atom_id 
_atom_site.label_alt_id 
_atom_site.label_comp_id 
_atom_site.label_asym_id 
_atom_site.label_entity_id 
_atom_site.label_seq_id 
_atom_site.pdbx_PDB_ins_code 
_atom_site.Cartn_x 
_atom_site.Cartn_y 
_atom_site.Cartn_z 
_atom_site.occupancy 
_atom_site.B_iso_or_equiv 
_atom_site.pdbx_formal_charge 
_atom_site.auth_seq_id 
_atom_site.auth_comp_id 
_atom_site.auth_asym_id 
_atom_site.auth_atom_id 
_atom_site.pdbx_PDB_model_num 
ATOM   1    N  N   . SER A 1 18  ? -15.294 -20.463 5.311   1.00 53.04 ? 373 SER A N   1 
ATOM   2    C  CA  . SER A 1 18  ? -14.818 -20.801 4.000   1.00 54.28 ? 373 SER A CA  1 
ATOM   3    C  C   . SER A 1 18  ? -14.459 -19.649 3.105   1.00 49.60 ? 373 SER A C   1 
ATOM   4    O  O   . SER A 1 18  ? -15.061 -18.569 3.056   1.00 58.57 ? 373 SER A O   1 
ATOM   5    C  CB  . SER A 1 18  ? -15.681 -21.835 3.302   1.00 56.46 ? 373 SER A CB  1 
ATOM   6    O  OG  . SER A 1 18  ? -16.394 -21.272 2.206   1.00 62.01 ? 373 SER A OG  1 
ATOM   7    N  N   . ASP A 1 19  ? -13.401 -19.842 2.294   1.00 39.54 ? 374 ASP A N   1 
ATOM   8    C  CA  . ASP A 1 19  ? -13.052 -18.754 1.353   1.00 31.77 ? 374 ASP A CA  1 
ATOM   9    C  C   . ASP A 1 19  ? -12.656 -19.425 0.031   1.00 27.30 ? 374 ASP A C   1 
ATOM   10   O  O   . ASP A 1 19  ? -12.132 -20.544 0.038   1.00 28.87 ? 374 ASP A O   1 
ATOM   11   C  CB  . ASP A 1 19  ? -11.894 -17.942 1.886   1.00 34.11 ? 374 ASP A CB  1 
ATOM   12   C  CG  . ASP A 1 19  ? -11.607 -16.698 1.043   1.00 37.04 ? 374 ASP A CG  1 
ATOM   13   O  OD1 . ASP A 1 19  ? -12.288 -15.679 1.294   1.00 39.07 ? 374 ASP A OD1 1 
ATOM   14   O  OD2 . ASP A 1 19  ? -10.711 -16.755 0.169   1.00 31.83 ? 374 ASP A OD2 1 
ATOM   15   N  N   . HIS A 1 20  ? -12.961 -18.777 -1.080  1.00 22.09 ? 375 HIS A N   1 
ATOM   16   C  CA  . HIS A 1 20  ? -12.644 -19.424 -2.362  1.00 21.50 ? 375 HIS A CA  1 
ATOM   17   C  C   . HIS A 1 20  ? -11.248 -19.168 -2.832  1.00 20.74 ? 375 HIS A C   1 
ATOM   18   O  O   . HIS A 1 20  ? -10.914 -19.520 -3.984  1.00 24.53 ? 375 HIS A O   1 
ATOM   19   C  CB  . HIS A 1 20  ? -13.686 -18.986 -3.399  1.00 25.71 ? 375 HIS A CB  1 
ATOM   20   C  CG  . HIS A 1 20  ? -15.085 -19.277 -2.922  1.00 32.33 ? 375 HIS A CG  1 
ATOM   21   N  ND1 . HIS A 1 20  ? -15.360 -20.339 -2.074  1.00 33.61 ? 375 HIS A ND1 1 
ATOM   22   C  CD2 . HIS A 1 20  ? -16.256 -18.638 -3.162  1.00 34.20 ? 375 HIS A CD2 1 
ATOM   23   C  CE1 . HIS A 1 20  ? -16.662 -20.339 -1.821  1.00 35.68 ? 375 HIS A CE1 1 
ATOM   24   N  NE2 . HIS A 1 20  ? -17.220 -19.341 -2.467  1.00 36.72 ? 375 HIS A NE2 1 
ATOM   25   N  N   . ARG A 1 21  ? -10.387 -18.533 -2.037  1.00 19.55 ? 376 ARG A N   1 
ATOM   26   C  CA  . ARG A 1 21  ? -9.037  -18.209 -2.525  1.00 15.97 ? 376 ARG A CA  1 
ATOM   27   C  C   . ARG A 1 21  ? -7.973  -18.953 -1.746  1.00 20.28 ? 376 ARG A C   1 
ATOM   28   O  O   . ARG A 1 21  ? -8.269  -19.717 -0.826  1.00 20.67 ? 376 ARG A O   1 
ATOM   29   C  CB  . ARG A 1 21  ? -8.837  -16.673 -2.347  1.00 15.48 ? 376 ARG A CB  1 
ATOM   30   C  CG  . ARG A 1 21  ? -9.790  -15.905 -3.254  1.00 16.54 ? 376 ARG A CG  1 
ATOM   31   C  CD  . ARG A 1 21  ? -9.816  -14.421 -2.861  1.00 20.11 ? 376 ARG A CD  1 
ATOM   32   N  NE  . ARG A 1 21  ? -10.303 -14.275 -1.488  1.00 23.26 ? 376 ARG A NE  1 
ATOM   33   C  CZ  . ARG A 1 21  ? -10.390 -13.126 -0.840  1.00 28.83 ? 376 ARG A CZ  1 
ATOM   34   N  NH1 . ARG A 1 21  ? -10.015 -11.989 -1.418  1.00 22.56 ? 376 ARG A NH1 1 
ATOM   35   N  NH2 . ARG A 1 21  ? -10.859 -13.093 0.411   1.00 30.44 ? 376 ARG A NH2 1 
ATOM   36   N  N   . GLU A 1 22  ? -6.703  -18.726 -2.094  1.00 20.96 ? 377 GLU A N   1 
ATOM   37   C  CA  . GLU A 1 22  ? -5.604  -19.385 -1.361  1.00 17.32 ? 377 GLU A CA  1 
ATOM   38   C  C   . GLU A 1 22  ? -5.379  -18.680 -0.027  1.00 17.66 ? 377 GLU A C   1 
ATOM   39   O  O   . GLU A 1 22  ? -6.001  -17.651 0.278   1.00 15.56 ? 377 GLU A O   1 
ATOM   40   C  CB  . GLU A 1 22  ? -4.309  -19.262 -2.205  1.00 15.22 ? 377 GLU A CB  1 
ATOM   41   C  CG  . GLU A 1 22  ? -3.795  -17.846 -2.289  1.00 15.97 ? 377 GLU A CG  1 
ATOM   42   C  CD  . GLU A 1 22  ? -4.268  -17.077 -3.505  1.00 22.12 ? 377 GLU A CD  1 
ATOM   43   O  OE1 . GLU A 1 22  ? -5.358  -17.335 -4.045  1.00 20.35 ? 377 GLU A OE1 1 
ATOM   44   O  OE2 . GLU A 1 22  ? -3.517  -16.166 -3.939  1.00 28.75 ? 377 GLU A OE2 1 
ATOM   45   N  N   . LEU A 1 23  ? -4.482  -19.221 0.787   1.00 15.48 ? 378 LEU A N   1 
ATOM   46   C  CA  . LEU A 1 23  ? -4.229  -18.581 2.095   1.00 16.19 ? 378 LEU A CA  1 
ATOM   47   C  C   . LEU A 1 23  ? -3.273  -17.399 1.947   1.00 17.41 ? 378 LEU A C   1 
ATOM   48   O  O   . LEU A 1 23  ? -2.595  -17.262 0.934   1.00 16.98 ? 378 LEU A O   1 
ATOM   49   C  CB  . LEU A 1 23  ? -3.596  -19.634 3.021   1.00 14.95 ? 378 LEU A CB  1 
ATOM   50   C  CG  . LEU A 1 23  ? -4.461  -20.925 3.220   1.00 17.57 ? 378 LEU A CG  1 
ATOM   51   C  CD1 . LEU A 1 23  ? -3.574  -21.992 3.874   1.00 13.73 ? 378 LEU A CD1 1 
ATOM   52   C  CD2 . LEU A 1 23  ? -5.621  -20.615 4.172   1.00 13.23 ? 378 LEU A CD2 1 
ATOM   53   N  N   . ILE A 1 24  ? -3.171  -16.597 3.009   1.00 14.99 ? 379 ILE A N   1 
ATOM   54   C  CA  . ILE A 1 24  ? -2.216  -15.475 3.022   1.00 14.68 ? 379 ILE A CA  1 
ATOM   55   C  C   . ILE A 1 24  ? -0.793  -16.009 3.067   1.00 16.50 ? 379 ILE A C   1 
ATOM   56   O  O   . ILE A 1 24  ? -0.561  -17.218 3.177   1.00 18.18 ? 379 ILE A O   1 
ATOM   57   C  CB  . ILE A 1 24  ? -2.491  -14.506 4.161   1.00 12.20 ? 379 ILE A CB  1 
ATOM   58   C  CG1 . ILE A 1 24  ? -2.362  -15.145 5.569   1.00 17.70 ? 379 ILE A CG1 1 
ATOM   59   C  CG2 . ILE A 1 24  ? -3.883  -13.878 4.055   1.00 11.29 ? 379 ILE A CG2 1 
ATOM   60   C  CD1 . ILE A 1 24  ? -2.532  -14.103 6.675   1.00 11.69 ? 379 ILE A CD1 1 
ATOM   61   N  N   . GLY A 1 25  ? 0.198   -15.156 2.886   1.00 16.99 ? 380 GLY A N   1 
ATOM   62   C  CA  . GLY A 1 25  ? 1.570   -15.506 2.743   1.00 18.92 ? 380 GLY A CA  1 
ATOM   63   C  C   . GLY A 1 25  ? 2.199   -16.439 3.709   1.00 16.21 ? 380 GLY A C   1 
ATOM   64   O  O   . GLY A 1 25  ? 3.165   -17.163 3.385   1.00 19.49 ? 380 GLY A O   1 
ATOM   65   N  N   . ASP A 1 26  ? 1.785   -16.451 4.986   1.00 11.86 ? 381 ASP A N   1 
ATOM   66   C  CA  . ASP A 1 26  ? 2.468   -17.404 5.888   1.00 15.83 ? 381 ASP A CA  1 
ATOM   67   C  C   . ASP A 1 26  ? 1.552   -18.620 6.060   1.00 19.76 ? 381 ASP A C   1 
ATOM   68   O  O   . ASP A 1 26  ? 1.689   -19.394 7.005   1.00 20.90 ? 381 ASP A O   1 
ATOM   69   C  CB  . ASP A 1 26  ? 2.751   -16.719 7.214   1.00 16.05 ? 381 ASP A CB  1 
ATOM   70   C  CG  . ASP A 1 26  ? 1.502   -16.258 7.934   1.00 18.35 ? 381 ASP A CG  1 
ATOM   71   O  OD1 . ASP A 1 26  ? 0.382   -16.480 7.432   1.00 21.92 ? 381 ASP A OD1 1 
ATOM   72   O  OD2 . ASP A 1 26  ? 1.629   -15.666 9.013   1.00 18.71 ? 381 ASP A OD2 1 
ATOM   73   N  N   . TYR A 1 27  ? 0.574   -18.738 5.169   1.00 18.30 ? 382 TYR A N   1 
ATOM   74   C  CA  . TYR A 1 27  ? -0.391  -19.809 5.137   1.00 19.67 ? 382 TYR A CA  1 
ATOM   75   C  C   . TYR A 1 27  ? -1.123  -20.051 6.439   1.00 20.76 ? 382 TYR A C   1 
ATOM   76   O  O   . TYR A 1 27  ? -1.484  -21.198 6.722   1.00 17.64 ? 382 TYR A O   1 
ATOM   77   C  CB  . TYR A 1 27  ? 0.332   -21.155 4.723   1.00 15.88 ? 382 TYR A CB  1 
ATOM   78   C  CG  . TYR A 1 27  ? 1.284   -20.819 3.575   1.00 15.71 ? 382 TYR A CG  1 
ATOM   79   C  CD1 . TYR A 1 27  ? 0.790   -20.070 2.502   1.00 14.75 ? 382 TYR A CD1 1 
ATOM   80   C  CD2 . TYR A 1 27  ? 2.602   -21.181 3.577   1.00 17.81 ? 382 TYR A CD2 1 
ATOM   81   C  CE1 . TYR A 1 27  ? 1.595   -19.727 1.448   1.00 16.72 ? 382 TYR A CE1 1 
ATOM   82   C  CE2 . TYR A 1 27  ? 3.433   -20.829 2.505   1.00 20.75 ? 382 TYR A CE2 1 
ATOM   83   C  CZ  . TYR A 1 27  ? 2.930   -20.101 1.464   1.00 19.48 ? 382 TYR A CZ  1 
ATOM   84   O  OH  . TYR A 1 27  ? 3.721   -19.743 0.404   1.00 28.01 ? 382 TYR A OH  1 
ATOM   85   N  N   . SER A 1 28  ? -1.346  -19.001 7.214   1.00 20.20 ? 383 SER A N   1 
ATOM   86   C  CA  . SER A 1 28  ? -1.996  -19.134 8.523   1.00 17.35 ? 383 SER A CA  1 
ATOM   87   C  C   . SER A 1 28  ? -3.508  -19.035 8.402   1.00 19.81 ? 383 SER A C   1 
ATOM   88   O  O   . SER A 1 28  ? -4.259  -19.700 9.126   1.00 22.00 ? 383 SER A O   1 
ATOM   89   C  CB  . SER A 1 28  ? -1.490  -17.989 9.425   1.00 14.58 ? 383 SER A CB  1 
ATOM   90   O  OG  . SER A 1 28  ? -1.706  -16.735 8.786   1.00 21.31 ? 383 SER A OG  1 
ATOM   91   N  N   . LYS A 1 29  ? -3.981  -18.181 7.487   1.00 16.54 ? 384 LYS A N   1 
ATOM   92   C  CA  . LYS A 1 29  ? -5.430  -18.023 7.336   1.00 14.63 ? 384 LYS A CA  1 
ATOM   93   C  C   . LYS A 1 29  ? -5.795  -17.434 5.990   1.00 15.65 ? 384 LYS A C   1 
ATOM   94   O  O   . LYS A 1 29  ? -4.931  -17.173 5.146   1.00 16.35 ? 384 LYS A O   1 
ATOM   95   C  CB  . LYS A 1 29  ? -5.926  -17.097 8.475   1.00 16.93 ? 384 LYS A CB  1 
ATOM   96   C  CG  . LYS A 1 29  ? -5.084  -15.833 8.583   1.00 20.50 ? 384 LYS A CG  1 
ATOM   97   C  CD  . LYS A 1 29  ? -5.397  -15.116 9.897   1.00 25.66 ? 384 LYS A CD  1 
ATOM   98   C  CE  . LYS A 1 29  ? -4.424  -15.482 10.985  1.00 30.98 ? 384 LYS A CE  1 
ATOM   99   N  NZ  . LYS A 1 29  ? -3.140  -14.722 10.883  1.00 31.47 ? 384 LYS A NZ  1 
ATOM   100  N  N   . ALA A 1 30  ? -7.092  -17.234 5.742   1.00 12.94 ? 385 ALA A N   1 
ATOM   101  C  CA  . ALA A 1 30  ? -7.534  -16.682 4.461   1.00 14.73 ? 385 ALA A CA  1 
ATOM   102  C  C   . ALA A 1 30  ? -7.409  -15.151 4.449   1.00 16.70 ? 385 ALA A C   1 
ATOM   103  O  O   . ALA A 1 30  ? -7.360  -14.508 5.496   1.00 14.93 ? 385 ALA A O   1 
ATOM   104  C  CB  . ALA A 1 30  ? -9.027  -17.027 4.282   1.00 11.64 ? 385 ALA A CB  1 
ATOM   105  N  N   . PHE A 1 31  ? -7.398  -14.581 3.236   1.00 15.87 ? 386 PHE A N   1 
ATOM   106  C  CA  . PHE A 1 31  ? -7.375  -13.113 3.098   1.00 14.93 ? 386 PHE A CA  1 
ATOM   107  C  C   . PHE A 1 31  ? -8.692  -12.570 3.694   1.00 18.94 ? 386 PHE A C   1 
ATOM   108  O  O   . PHE A 1 31  ? -9.740  -13.184 3.491   1.00 19.16 ? 386 PHE A O   1 
ATOM   109  C  CB  . PHE A 1 31  ? -7.404  -12.769 1.574   1.00 12.17 ? 386 PHE A CB  1 
ATOM   110  C  CG  . PHE A 1 31  ? -5.989  -12.882 1.010   1.00 14.16 ? 386 PHE A CG  1 
ATOM   111  C  CD1 . PHE A 1 31  ? -5.560  -14.109 0.495   1.00 14.13 ? 386 PHE A CD1 1 
ATOM   112  C  CD2 . PHE A 1 31  ? -5.128  -11.818 1.033   1.00 13.08 ? 386 PHE A CD2 1 
ATOM   113  C  CE1 . PHE A 1 31  ? -4.275  -14.220 0.005   1.00 13.71 ? 386 PHE A CE1 1 
ATOM   114  C  CE2 . PHE A 1 31  ? -3.851  -11.907 0.510   1.00 16.23 ? 386 PHE A CE2 1 
ATOM   115  C  CZ  . PHE A 1 31  ? -3.426  -13.136 -0.002  1.00 16.52 ? 386 PHE A CZ  1 
ATOM   116  N  N   . LEU A 1 32  ? -8.612  -11.470 4.414   1.00 15.90 ? 387 LEU A N   1 
ATOM   117  C  CA  . LEU A 1 32  ? -9.818  -10.910 5.037   1.00 13.46 ? 387 LEU A CA  1 
ATOM   118  C  C   . LEU A 1 32  ? -10.667 -10.157 4.040   1.00 15.79 ? 387 LEU A C   1 
ATOM   119  O  O   . LEU A 1 32  ? -11.895 -10.165 4.084   1.00 17.83 ? 387 LEU A O   1 
ATOM   120  C  CB  . LEU A 1 32  ? -9.374  -9.974  6.159   1.00 11.80 ? 387 LEU A CB  1 
ATOM   121  C  CG  . LEU A 1 32  ? -10.487 -9.190  6.868   1.00 19.71 ? 387 LEU A CG  1 
ATOM   122  C  CD1 . LEU A 1 32  ? -11.391 -10.142 7.655   1.00 25.18 ? 387 LEU A CD1 1 
ATOM   123  C  CD2 . LEU A 1 32  ? -9.845  -8.207  7.861   1.00 22.30 ? 387 LEU A CD2 1 
ATOM   124  N  N   . LEU A 1 33  ? -10.039 -9.386  3.146   1.00 15.99 ? 388 LEU A N   1 
ATOM   125  C  CA  . LEU A 1 33  ? -10.819 -8.524  2.285   1.00 18.49 ? 388 LEU A CA  1 
ATOM   126  C  C   . LEU A 1 33  ? -11.230 -9.127  0.962   1.00 19.99 ? 388 LEU A C   1 
ATOM   127  O  O   . LEU A 1 33  ? -10.528 -9.953  0.376   1.00 19.14 ? 388 LEU A O   1 
ATOM   128  C  CB  . LEU A 1 33  ? -10.057 -7.198  2.020   1.00 16.42 ? 388 LEU A CB  1 
ATOM   129  C  CG  . LEU A 1 33  ? -9.376  -6.637  3.304   1.00 16.67 ? 388 LEU A CG  1 
ATOM   130  C  CD1 . LEU A 1 33  ? -8.592  -5.382  2.931   1.00 14.15 ? 388 LEU A CD1 1 
ATOM   131  C  CD2 . LEU A 1 33  ? -10.490 -6.269  4.294   1.00 17.27 ? 388 LEU A CD2 1 
ATOM   132  N  N   . GLN A 1 34  ? -12.352 -8.607  0.463   1.00 18.26 ? 389 GLN A N   1 
ATOM   133  C  CA  . GLN A 1 34  ? -12.875 -8.988  -0.861  1.00 22.14 ? 389 GLN A CA  1 
ATOM   134  C  C   . GLN A 1 34  ? -11.928 -8.327  -1.898  1.00 20.94 ? 389 GLN A C   1 
ATOM   135  O  O   . GLN A 1 34  ? -11.602 -7.153  -1.677  1.00 21.94 ? 389 GLN A O   1 
ATOM   136  C  CB  . GLN A 1 34  ? -14.246 -8.329  -1.058  1.00 31.16 ? 389 GLN A CB  1 
ATOM   137  C  CG  . GLN A 1 34  ? -15.441 -9.181  -0.714  1.00 48.35 ? 389 GLN A CG  1 
ATOM   138  C  CD  . GLN A 1 34  ? -16.736 -8.363  -0.697  1.00 63.05 ? 389 GLN A CD  1 
ATOM   139  O  OE1 . GLN A 1 34  ? -17.497 -8.416  0.271   1.00 81.72 ? 389 GLN A OE1 1 
ATOM   140  N  NE2 . GLN A 1 34  ? -16.952 -7.584  -1.755  1.00 75.12 ? 389 GLN A NE2 1 
ATOM   141  N  N   . THR A 1 35  ? -11.544 -9.068  -2.907  1.00 17.90 ? 390 THR A N   1 
ATOM   142  C  CA  . THR A 1 35  ? -10.614 -8.563  -3.905  1.00 21.19 ? 390 THR A CA  1 
ATOM   143  C  C   . THR A 1 35  ? -11.259 -8.441  -5.283  1.00 25.63 ? 390 THR A C   1 
ATOM   144  O  O   . THR A 1 35  ? -12.271 -9.078  -5.552  1.00 27.71 ? 390 THR A O   1 
ATOM   145  C  CB  . THR A 1 35  ? -9.371  -9.454  -4.000  1.00 24.29 ? 390 THR A CB  1 
ATOM   146  O  OG1 . THR A 1 35  ? -9.799  -10.834 -4.116  1.00 23.06 ? 390 THR A OG1 1 
ATOM   147  C  CG2 . THR A 1 35  ? -8.589  -9.365  -2.682  1.00 19.40 ? 390 THR A CG2 1 
ATOM   148  N  N   . VAL A 1 36  ? -10.660 -7.614  -6.116  1.00 25.75 ? 391 VAL A N   1 
ATOM   149  C  CA  . VAL A 1 36  ? -11.097 -7.332  -7.469  1.00 24.70 ? 391 VAL A CA  1 
ATOM   150  C  C   . VAL A 1 36  ? -10.018 -7.683  -8.478  1.00 27.56 ? 391 VAL A C   1 
ATOM   151  O  O   . VAL A 1 36  ? -8.844  -7.910  -8.105  1.00 22.95 ? 391 VAL A O   1 
ATOM   152  C  CB  . VAL A 1 36  ? -11.578 -5.883  -7.623  1.00 24.17 ? 391 VAL A CB  1 
ATOM   153  C  CG1 . VAL A 1 36  ? -12.847 -5.649  -6.796  1.00 24.80 ? 391 VAL A CG1 1 
ATOM   154  C  CG2 . VAL A 1 36  ? -10.522 -4.869  -7.216  1.00 19.61 ? 391 VAL A CG2 1 
ATOM   155  N  N   . ASP A 1 37  ? -10.359 -7.794  -9.765  1.00 27.11 ? 392 ASP A N   1 
ATOM   156  C  CA  . ASP A 1 37  ? -9.342  -8.114  -10.772 1.00 28.53 ? 392 ASP A CA  1 
ATOM   157  C  C   . ASP A 1 37  ? -8.434  -6.905  -11.021 1.00 24.40 ? 392 ASP A C   1 
ATOM   158  O  O   . ASP A 1 37  ? -8.880  -5.767  -11.088 1.00 25.77 ? 392 ASP A O   1 
ATOM   159  C  CB  . ASP A 1 37  ? -9.991  -8.536  -12.090 1.00 33.52 ? 392 ASP A CB  1 
ATOM   160  C  CG  . ASP A 1 37  ? -8.981  -8.939  -13.146 1.00 43.19 ? 392 ASP A CG  1 
ATOM   161  O  OD1 . ASP A 1 37  ? -8.021  -9.687  -12.838 1.00 50.45 ? 392 ASP A OD1 1 
ATOM   162  O  OD2 . ASP A 1 37  ? -9.142  -8.514  -14.317 1.00 54.84 ? 392 ASP A OD2 1 
ATOM   163  N  N   . GLY A 1 38  ? -7.148  -7.161  -11.174 1.00 21.61 ? 393 GLY A N   1 
ATOM   164  C  CA  . GLY A 1 38  ? -6.195  -6.076  -11.444 1.00 21.25 ? 393 GLY A CA  1 
ATOM   165  C  C   . GLY A 1 38  ? -5.172  -6.598  -12.462 1.00 25.00 ? 393 GLY A C   1 
ATOM   166  O  O   . GLY A 1 38  ? -5.117  -7.808  -12.680 1.00 32.42 ? 393 GLY A O   1 
ATOM   167  N  N   . LYS A 1 39  ? -4.401  -5.720  -13.047 1.00 24.71 ? 394 LYS A N   1 
ATOM   168  C  CA  . LYS A 1 39  ? -3.419  -6.057  -14.049 1.00 24.83 ? 394 LYS A CA  1 
ATOM   169  C  C   . LYS A 1 39  ? -2.496  -7.177  -13.650 1.00 25.11 ? 394 LYS A C   1 
ATOM   170  O  O   . LYS A 1 39  ? -2.249  -8.103  -14.439 1.00 30.82 ? 394 LYS A O   1 
ATOM   171  C  CB  . LYS A 1 39  ? -2.645  -4.823  -14.494 1.00 30.42 ? 394 LYS A CB  1 
ATOM   172  C  CG  . LYS A 1 39  ? -1.593  -5.113  -15.549 1.00 40.69 ? 394 LYS A CG  1 
ATOM   173  C  CD  . LYS A 1 39  ? -0.762  -3.876  -15.860 1.00 48.02 ? 394 LYS A CD  1 
ATOM   174  C  CE  . LYS A 1 39  ? -0.115  -3.317  -14.599 1.00 53.49 ? 394 LYS A CE  1 
ATOM   175  N  NZ  . LYS A 1 39  ? 1.177   -2.630  -14.912 1.00 63.40 ? 394 LYS A NZ  1 
ATOM   176  N  N   . HIS A 1 40  ? -1.915  -7.123  -12.452 1.00 22.34 ? 395 HIS A N   1 
ATOM   177  C  CA  . HIS A 1 40  ? -1.007  -8.223  -12.038 1.00 21.67 ? 395 HIS A CA  1 
ATOM   178  C  C   . HIS A 1 40  ? -1.874  -9.349  -11.458 1.00 23.32 ? 395 HIS A C   1 
ATOM   179  O  O   . HIS A 1 40  ? -2.445  -9.191  -10.372 1.00 27.54 ? 395 HIS A O   1 
ATOM   180  C  CB  . HIS A 1 40  ? -0.041  -7.701  -10.960 1.00 24.94 ? 395 HIS A CB  1 
ATOM   181  C  CG  . HIS A 1 40  ? 0.865   -6.636  -11.521 1.00 32.09 ? 395 HIS A CG  1 
ATOM   182  N  ND1 . HIS A 1 40  ? 0.578   -5.294  -11.439 1.00 36.70 ? 395 HIS A ND1 1 
ATOM   183  C  CD2 . HIS A 1 40  ? 2.011   -6.744  -12.240 1.00 34.63 ? 395 HIS A CD2 1 
ATOM   184  C  CE1 . HIS A 1 40  ? 1.526   -4.604  -12.045 1.00 37.66 ? 395 HIS A CE1 1 
ATOM   185  N  NE2 . HIS A 1 40  ? 2.405   -5.473  -12.548 1.00 38.73 ? 395 HIS A NE2 1 
ATOM   186  N  N   . GLN A 1 41  ? -2.008  -10.393 -12.217 1.00 24.12 ? 396 GLN A N   1 
ATOM   187  C  CA  . GLN A 1 41  ? -2.828  -11.543 -11.992 1.00 28.92 ? 396 GLN A CA  1 
ATOM   188  C  C   . GLN A 1 41  ? -2.559  -12.281 -10.707 1.00 25.03 ? 396 GLN A C   1 
ATOM   189  O  O   . GLN A 1 41  ? -3.462  -12.905 -10.136 1.00 27.51 ? 396 GLN A O   1 
ATOM   190  C  CB  . GLN A 1 41  ? -2.741  -12.510 -13.192 1.00 37.77 ? 396 GLN A CB  1 
ATOM   191  C  CG  . GLN A 1 41  ? -3.122  -11.794 -14.505 1.00 49.19 ? 396 GLN A CG  1 
ATOM   192  C  CD  . GLN A 1 41  ? -4.643  -11.784 -14.653 1.00 58.20 ? 396 GLN A CD  1 
ATOM   193  O  OE1 . GLN A 1 41  ? -5.184  -12.674 -15.309 1.00 77.43 ? 396 GLN A OE1 1 
ATOM   194  N  NE2 . GLN A 1 41  ? -5.303  -10.834 -14.004 1.00 57.83 ? 396 GLN A NE2 1 
ATOM   195  N  N   . ASP A 1 42  ? -1.320  -12.208 -10.224 1.00 23.43 ? 397 ASP A N   1 
ATOM   196  C  CA  . ASP A 1 42  ? -0.961  -12.895 -8.999  1.00 25.80 ? 397 ASP A CA  1 
ATOM   197  C  C   . ASP A 1 42  ? -1.066  -12.023 -7.762  1.00 28.67 ? 397 ASP A C   1 
ATOM   198  O  O   . ASP A 1 42  ? -0.841  -12.522 -6.654  1.00 35.16 ? 397 ASP A O   1 
ATOM   199  C  CB  . ASP A 1 42  ? 0.473   -13.450 -9.120  1.00 25.03 ? 397 ASP A CB  1 
ATOM   200  C  CG  . ASP A 1 42  ? 1.479   -12.359 -9.391  1.00 23.71 ? 397 ASP A CG  1 
ATOM   201  O  OD1 . ASP A 1 42  ? 1.144   -11.380 -10.086 1.00 28.00 ? 397 ASP A OD1 1 
ATOM   202  O  OD2 . ASP A 1 42  ? 2.603   -12.452 -8.855  1.00 34.69 ? 397 ASP A OD2 1 
ATOM   203  N  N   . LEU A 1 43  ? -1.370  -10.737 -7.913  1.00 24.23 ? 398 LEU A N   1 
ATOM   204  C  CA  . LEU A 1 43  ? -1.464  -9.852  -6.733  1.00 18.14 ? 398 LEU A CA  1 
ATOM   205  C  C   . LEU A 1 43  ? -2.921  -9.683  -6.335  1.00 18.24 ? 398 LEU A C   1 
ATOM   206  O  O   . LEU A 1 43  ? -3.801  -10.045 -7.123  1.00 20.18 ? 398 LEU A O   1 
ATOM   207  C  CB  . LEU A 1 43  ? -0.831  -8.508  -7.090  1.00 18.39 ? 398 LEU A CB  1 
ATOM   208  C  CG  . LEU A 1 43  ? 0.655   -8.589  -7.521  1.00 20.28 ? 398 LEU A CG  1 
ATOM   209  C  CD1 . LEU A 1 43  ? 1.223   -7.185  -7.681  1.00 23.24 ? 398 LEU A CD1 1 
ATOM   210  C  CD2 . LEU A 1 43  ? 1.453   -9.359  -6.473  1.00 16.28 ? 398 LEU A CD2 1 
ATOM   211  N  N   . LYS A 1 44  ? -3.181  -9.219  -5.128  1.00 18.76 ? 399 LYS A N   1 
ATOM   212  C  CA  . LYS A 1 44  ? -4.564  -9.038  -4.635  1.00 16.28 ? 399 LYS A CA  1 
ATOM   213  C  C   . LYS A 1 44  ? -4.861  -7.526  -4.610  1.00 17.47 ? 399 LYS A C   1 
ATOM   214  O  O   . LYS A 1 44  ? -4.061  -6.751  -4.084  1.00 15.62 ? 399 LYS A O   1 
ATOM   215  C  CB  . LYS A 1 44  ? -4.645  -9.574  -3.195  1.00 16.89 ? 399 LYS A CB  1 
ATOM   216  C  CG  . LYS A 1 44  ? -4.381  -11.074 -3.087  1.00 21.62 ? 399 LYS A CG  1 
ATOM   217  C  CD  . LYS A 1 44  ? -5.526  -11.873 -3.701  1.00 21.43 ? 399 LYS A CD  1 
ATOM   218  C  CE  . LYS A 1 44  ? -5.213  -13.373 -3.651  1.00 22.85 ? 399 LYS A CE  1 
ATOM   219  N  NZ  . LYS A 1 44  ? -4.233  -13.730 -4.730  1.00 24.13 ? 399 LYS A NZ  1 
ATOM   220  N  N   . TYR A 1 45  ? -5.956  -7.128  -5.238  1.00 14.38 ? 400 TYR A N   1 
ATOM   221  C  CA  . TYR A 1 45  ? -6.309  -5.714  -5.337  1.00 13.30 ? 400 TYR A CA  1 
ATOM   222  C  C   . TYR A 1 45  ? -7.652  -5.496  -4.602  1.00 18.11 ? 400 TYR A C   1 
ATOM   223  O  O   . TYR A 1 45  ? -8.505  -6.372  -4.656  1.00 20.58 ? 400 TYR A O   1 
ATOM   224  C  CB  . TYR A 1 45  ? -6.545  -5.329  -6.794  1.00 14.47 ? 400 TYR A CB  1 
ATOM   225  C  CG  . TYR A 1 45  ? -5.368  -5.305  -7.708  1.00 18.36 ? 400 TYR A CG  1 
ATOM   226  C  CD1 . TYR A 1 45  ? -4.776  -6.470  -8.192  1.00 21.15 ? 400 TYR A CD1 1 
ATOM   227  C  CD2 . TYR A 1 45  ? -4.843  -4.091  -8.153  1.00 19.05 ? 400 TYR A CD2 1 
ATOM   228  C  CE1 . TYR A 1 45  ? -3.691  -6.434  -9.056  1.00 24.25 ? 400 TYR A CE1 1 
ATOM   229  C  CE2 . TYR A 1 45  ? -3.778  -4.049  -9.025  1.00 22.32 ? 400 TYR A CE2 1 
ATOM   230  C  CZ  . TYR A 1 45  ? -3.203  -5.218  -9.482  1.00 26.95 ? 400 TYR A CZ  1 
ATOM   231  O  OH  . TYR A 1 45  ? -2.125  -5.151  -10.343 1.00 28.23 ? 400 TYR A OH  1 
ATOM   232  N  N   . ILE A 1 46  ? -7.785  -4.319  -4.015  1.00 15.44 ? 401 ILE A N   1 
ATOM   233  C  CA  . ILE A 1 46  ? -9.065  -3.986  -3.344  1.00 16.09 ? 401 ILE A CA  1 
ATOM   234  C  C   . ILE A 1 46  ? -9.592  -2.698  -3.980  1.00 16.69 ? 401 ILE A C   1 
ATOM   235  O  O   . ILE A 1 46  ? -8.799  -1.973  -4.600  1.00 13.01 ? 401 ILE A O   1 
ATOM   236  C  CB  . ILE A 1 46  ? -8.857  -3.775  -1.829  1.00 15.56 ? 401 ILE A CB  1 
ATOM   237  C  CG1 . ILE A 1 46  ? -7.828  -2.703  -1.489  1.00 19.00 ? 401 ILE A CG1 1 
ATOM   238  C  CG2 . ILE A 1 46  ? -8.418  -5.114  -1.209  1.00 8.81  ? 401 ILE A CG2 1 
ATOM   239  C  CD1 . ILE A 1 46  ? -8.071  -1.907  -0.239  1.00 18.80 ? 401 ILE A CD1 1 
ATOM   240  N  N   . SER A 1 47  ? -10.883 -2.461  -3.860  1.00 14.54 ? 402 SER A N   1 
ATOM   241  C  CA  . SER A 1 47  ? -11.485 -1.250  -4.472  1.00 13.35 ? 402 SER A CA  1 
ATOM   242  C  C   . SER A 1 47  ? -11.521 -0.116  -3.451  1.00 14.25 ? 402 SER A C   1 
ATOM   243  O  O   . SER A 1 47  ? -11.363 -0.313  -2.249  1.00 14.99 ? 402 SER A O   1 
ATOM   244  C  CB  . SER A 1 47  ? -12.972 -1.634  -4.774  1.00 11.77 ? 402 SER A CB  1 
ATOM   245  O  OG  . SER A 1 47  ? -13.597 -1.760  -3.483  1.00 20.75 ? 402 SER A OG  1 
ATOM   246  N  N   . PRO A 1 48  ? -11.748 1.094   -3.948  1.00 16.21 ? 403 PRO A N   1 
ATOM   247  C  CA  . PRO A 1 48  ? -11.827 2.268   -3.089  1.00 12.07 ? 403 PRO A CA  1 
ATOM   248  C  C   . PRO A 1 48  ? -12.800 2.059   -1.938  1.00 15.87 ? 403 PRO A C   1 
ATOM   249  O  O   . PRO A 1 48  ? -12.551 2.446   -0.794  1.00 21.53 ? 403 PRO A O   1 
ATOM   250  C  CB  . PRO A 1 48  ? -12.376 3.340   -4.050  1.00 14.08 ? 403 PRO A CB  1 
ATOM   251  C  CG  . PRO A 1 48  ? -11.751 2.933   -5.387  1.00 15.70 ? 403 PRO A CG  1 
ATOM   252  C  CD  . PRO A 1 48  ? -11.854 1.435   -5.390  1.00 17.50 ? 403 PRO A CD  1 
ATOM   253  N  N   . GLU A 1 49  ? -13.920 1.421   -2.257  1.00 15.76 ? 404 GLU A N   1 
ATOM   254  C  CA  . GLU A 1 49  ? -14.961 1.165   -1.260  1.00 22.47 ? 404 GLU A CA  1 
ATOM   255  C  C   . GLU A 1 49  ? -14.418 0.338   -0.097  1.00 24.30 ? 404 GLU A C   1 
ATOM   256  O  O   . GLU A 1 49  ? -14.752 0.547   1.076   1.00 18.14 ? 404 GLU A O   1 
ATOM   257  C  CB  . GLU A 1 49  ? -16.125 0.430   -1.933  1.00 29.35 ? 404 GLU A CB  1 
ATOM   258  C  CG  . GLU A 1 49  ? -17.493 0.931   -1.517  1.00 47.18 ? 404 GLU A CG  1 
ATOM   259  C  CD  . GLU A 1 49  ? -18.612 0.082   -2.112  1.00 61.75 ? 404 GLU A CD  1 
ATOM   260  O  OE1 . GLU A 1 49  ? -18.608 -0.054  -3.361  1.00 82.81 ? 404 GLU A OE1 1 
ATOM   261  O  OE2 . GLU A 1 49  ? -19.462 -0.432  -1.350  1.00 68.78 ? 404 GLU A OE2 1 
ATOM   262  N  N   . THR A 1 50  ? -13.578 -0.650  -0.430  1.00 23.70 ? 405 THR A N   1 
ATOM   263  C  CA  . THR A 1 50  ? -13.010 -1.489  0.662   1.00 21.86 ? 405 THR A CA  1 
ATOM   264  C  C   . THR A 1 50  ? -12.036 -0.633  1.466   1.00 18.05 ? 405 THR A C   1 
ATOM   265  O  O   . THR A 1 50  ? -11.928 -0.800  2.671   1.00 16.88 ? 405 THR A O   1 
ATOM   266  C  CB  . THR A 1 50  ? -12.308 -2.716  0.067   1.00 20.48 ? 405 THR A CB  1 
ATOM   267  O  OG1 . THR A 1 50  ? -13.281 -3.523  -0.604  1.00 21.25 ? 405 THR A OG1 1 
ATOM   268  C  CG2 . THR A 1 50  ? -11.690 -3.610  1.139   1.00 15.97 ? 405 THR A CG2 1 
ATOM   269  N  N   . MET A 1 51  ? -11.380 0.314   0.781   1.00 15.85 ? 406 MET A N   1 
ATOM   270  C  CA  . MET A 1 51  ? -10.420 1.181   1.498   1.00 12.03 ? 406 MET A CA  1 
ATOM   271  C  C   . MET A 1 51  ? -11.183 2.002   2.521   1.00 12.71 ? 406 MET A C   1 
ATOM   272  O  O   . MET A 1 51  ? -10.774 2.163   3.653   1.00 13.21 ? 406 MET A O   1 
ATOM   273  C  CB  . MET A 1 51  ? -9.708  2.101   0.505   1.00 12.48 ? 406 MET A CB  1 
ATOM   274  C  CG  . MET A 1 51  ? -8.681  3.017   1.169   1.00 15.72 ? 406 MET A CG  1 
ATOM   275  S  SD  . MET A 1 51  ? -7.179  2.090   1.662   1.00 25.68 ? 406 MET A SD  1 
ATOM   276  C  CE  . MET A 1 51  ? -7.352  2.228   3.435   1.00 18.98 ? 406 MET A CE  1 
ATOM   277  N  N   . VAL A 1 52  ? -12.358 2.498   2.099   1.00 13.23 ? 407 VAL A N   1 
ATOM   278  C  CA  . VAL A 1 52  ? -13.170 3.277   3.038   1.00 14.19 ? 407 VAL A CA  1 
ATOM   279  C  C   . VAL A 1 52  ? -13.740 2.426   4.152   1.00 16.72 ? 407 VAL A C   1 
ATOM   280  O  O   . VAL A 1 52  ? -13.944 2.900   5.281   1.00 15.96 ? 407 VAL A O   1 
ATOM   281  C  CB  . VAL A 1 52  ? -14.316 3.997   2.296   1.00 16.10 ? 407 VAL A CB  1 
ATOM   282  C  CG1 . VAL A 1 52  ? -15.303 4.590   3.315   1.00 17.47 ? 407 VAL A CG1 1 
ATOM   283  C  CG2 . VAL A 1 52  ? -13.726 5.131   1.455   1.00 23.46 ? 407 VAL A CG2 1 
ATOM   284  N  N   . ALA A 1 53  ? -14.056 1.151   3.883   1.00 12.90 ? 408 ALA A N   1 
ATOM   285  C  CA  . ALA A 1 53  ? -14.572 0.315   5.001   1.00 11.16 ? 408 ALA A CA  1 
ATOM   286  C  C   . ALA A 1 53  ? -13.504 0.176   6.073   1.00 12.07 ? 408 ALA A C   1 
ATOM   287  O  O   . ALA A 1 53  ? -13.777 0.238   7.276   1.00 18.45 ? 408 ALA A O   1 
ATOM   288  C  CB  . ALA A 1 53  ? -14.921 -1.066  4.433   1.00 13.41 ? 408 ALA A CB  1 
ATOM   289  N  N   . LEU A 1 54  ? -12.238 0.005   5.674   1.00 12.34 ? 409 LEU A N   1 
ATOM   290  C  CA  . LEU A 1 54  ? -11.169 -0.063  6.672   1.00 12.37 ? 409 LEU A CA  1 
ATOM   291  C  C   . LEU A 1 54  ? -11.036 1.284   7.399   1.00 14.54 ? 409 LEU A C   1 
ATOM   292  O  O   . LEU A 1 54  ? -10.842 1.335   8.610   1.00 18.00 ? 409 LEU A O   1 
ATOM   293  C  CB  . LEU A 1 54  ? -9.825  -0.349  5.987   1.00 13.81 ? 409 LEU A CB  1 
ATOM   294  C  CG  . LEU A 1 54  ? -9.530  -1.804  5.619   1.00 16.96 ? 409 LEU A CG  1 
ATOM   295  C  CD1 . LEU A 1 54  ? -8.341  -1.832  4.633   1.00 18.18 ? 409 LEU A CD1 1 
ATOM   296  C  CD2 . LEU A 1 54  ? -9.121  -2.575  6.880   1.00 17.18 ? 409 LEU A CD2 1 
ATOM   297  N  N   . LEU A 1 55  ? -11.067 2.396   6.662   1.00 14.47 ? 410 LEU A N   1 
ATOM   298  C  CA  . LEU A 1 55  ? -10.869 3.696   7.296   1.00 14.18 ? 410 LEU A CA  1 
ATOM   299  C  C   . LEU A 1 55  ? -11.994 4.067   8.247   1.00 13.50 ? 410 LEU A C   1 
ATOM   300  O  O   . LEU A 1 55  ? -11.767 4.829   9.186   1.00 16.58 ? 410 LEU A O   1 
ATOM   301  C  CB  . LEU A 1 55  ? -10.647 4.802   6.278   1.00 15.40 ? 410 LEU A CB  1 
ATOM   302  C  CG  . LEU A 1 55  ? -9.285  4.854   5.566   1.00 15.08 ? 410 LEU A CG  1 
ATOM   303  C  CD1 . LEU A 1 55  ? -9.436  5.591   4.236   1.00 11.13 ? 410 LEU A CD1 1 
ATOM   304  C  CD2 . LEU A 1 55  ? -8.259  5.571   6.445   1.00 13.71 ? 410 LEU A CD2 1 
ATOM   305  N  N   . THR A 1 56  ? -13.202 3.576   8.005   1.00 15.48 ? 411 THR A N   1 
ATOM   306  C  CA  . THR A 1 56  ? -14.345 3.880   8.858   1.00 17.08 ? 411 THR A CA  1 
ATOM   307  C  C   . THR A 1 56  ? -14.482 2.846   9.977   1.00 21.44 ? 411 THR A C   1 
ATOM   308  O  O   . THR A 1 56  ? -15.457 2.871   10.737  1.00 26.72 ? 411 THR A O   1 
ATOM   309  C  CB  . THR A 1 56  ? -15.671 3.954   8.098   1.00 14.68 ? 411 THR A CB  1 
ATOM   310  O  OG1 . THR A 1 56  ? -15.908 2.737   7.384   1.00 15.98 ? 411 THR A OG1 1 
ATOM   311  C  CG2 . THR A 1 56  ? -15.695 5.098   7.109   1.00 10.11 ? 411 THR A CG2 1 
ATOM   312  N  N   . GLY A 1 57  ? -13.510 1.956   10.097  1.00 20.55 ? 412 GLY A N   1 
ATOM   313  C  CA  . GLY A 1 57  ? -13.468 0.981   11.145  1.00 19.68 ? 412 GLY A CA  1 
ATOM   314  C  C   . GLY A 1 57  ? -14.399 -0.175  11.015  1.00 20.23 ? 412 GLY A C   1 
ATOM   315  O  O   . GLY A 1 57  ? -14.770 -0.814  12.025  1.00 20.11 ? 412 GLY A O   1 
ATOM   316  N  N   . LYS A 1 58  ? -14.799 -0.553  9.800   1.00 17.92 ? 413 LYS A N   1 
ATOM   317  C  CA  . LYS A 1 58  ? -15.673 -1.721  9.685   1.00 22.68 ? 413 LYS A CA  1 
ATOM   318  C  C   . LYS A 1 58  ? -14.973 -2.993  10.113  1.00 21.69 ? 413 LYS A C   1 
ATOM   319  O  O   . LYS A 1 58  ? -15.635 -3.988  10.432  1.00 23.60 ? 413 LYS A O   1 
ATOM   320  C  CB  . LYS A 1 58  ? -16.209 -1.880  8.263   1.00 28.80 ? 413 LYS A CB  1 
ATOM   321  C  CG  . LYS A 1 58  ? -16.845 -0.615  7.716   1.00 40.54 ? 413 LYS A CG  1 
ATOM   322  C  CD  . LYS A 1 58  ? -18.293 -0.505  8.165   1.00 51.44 ? 413 LYS A CD  1 
ATOM   323  C  CE  . LYS A 1 58  ? -18.602 0.895   8.700   1.00 58.22 ? 413 LYS A CE  1 
ATOM   324  N  NZ  . LYS A 1 58  ? -20.078 1.042   8.945   1.00 74.30 ? 413 LYS A NZ  1 
ATOM   325  N  N   . PHE A 1 59  ? -13.639 -3.014  10.107  1.00 17.89 ? 414 PHE A N   1 
ATOM   326  C  CA  . PHE A 1 59  ? -12.976 -4.276  10.500  1.00 16.69 ? 414 PHE A CA  1 
ATOM   327  C  C   . PHE A 1 59  ? -12.196 -4.116  11.789  1.00 18.30 ? 414 PHE A C   1 
ATOM   328  O  O   . PHE A 1 59  ? -11.217 -4.837  12.033  1.00 18.26 ? 414 PHE A O   1 
ATOM   329  C  CB  . PHE A 1 59  ? -12.036 -4.696  9.368   1.00 18.13 ? 414 PHE A CB  1 
ATOM   330  C  CG  . PHE A 1 59  ? -12.745 -5.015  8.065   1.00 21.76 ? 414 PHE A CG  1 
ATOM   331  C  CD1 . PHE A 1 59  ? -13.341 -6.247  7.868   1.00 24.74 ? 414 PHE A CD1 1 
ATOM   332  C  CD2 . PHE A 1 59  ? -12.792 -4.087  7.039   1.00 24.01 ? 414 PHE A CD2 1 
ATOM   333  C  CE1 . PHE A 1 59  ? -13.970 -6.541  6.671   1.00 27.00 ? 414 PHE A CE1 1 
ATOM   334  C  CE2 . PHE A 1 59  ? -13.451 -4.368  5.842   1.00 22.03 ? 414 PHE A CE2 1 
ATOM   335  C  CZ  . PHE A 1 59  ? -14.056 -5.588  5.664   1.00 22.28 ? 414 PHE A CZ  1 
ATOM   336  N  N   . SER A 1 60  ? -12.612 -3.193  12.646  1.00 19.52 ? 415 SER A N   1 
ATOM   337  C  CA  . SER A 1 60  ? -11.911 -2.920  13.876  1.00 21.71 ? 415 SER A CA  1 
ATOM   338  C  C   . SER A 1 60  ? -11.820 -4.076  14.835  1.00 19.57 ? 415 SER A C   1 
ATOM   339  O  O   . SER A 1 60  ? -10.853 -4.154  15.617  1.00 23.38 ? 415 SER A O   1 
ATOM   340  C  CB  . SER A 1 60  ? -12.449 -1.664  14.568  1.00 23.29 ? 415 SER A CB  1 
ATOM   341  O  OG  . SER A 1 60  ? -13.810 -1.833  14.901  1.00 27.97 ? 415 SER A OG  1 
ATOM   342  N  N   . ASN A 1 61  ? -12.777 -4.973  14.830  1.00 18.77 ? 416 ASN A N   1 
ATOM   343  C  CA  . ASN A 1 61  ? -12.793 -6.154  15.682  1.00 24.12 ? 416 ASN A CA  1 
ATOM   344  C  C   . ASN A 1 61  ? -11.631 -7.091  15.312  1.00 25.43 ? 416 ASN A C   1 
ATOM   345  O  O   . ASN A 1 61  ? -11.107 -7.845  16.121  1.00 28.35 ? 416 ASN A O   1 
ATOM   346  C  CB  . ASN A 1 61  ? -14.102 -6.956  15.365  1.00 29.44 ? 416 ASN A CB  1 
ATOM   347  C  CG  A ASN A 1 61  ? -15.111 -6.827  16.474  0.50 35.37 ? 416 ASN A CG  1 
ATOM   348  C  CG  B ASN A 1 61  ? -14.392 -6.966  13.885  0.50 34.12 ? 416 ASN A CG  1 
ATOM   349  O  OD1 A ASN A 1 61  ? -14.785 -6.429  17.598  0.50 42.53 ? 416 ASN A OD1 1 
ATOM   350  O  OD1 B ASN A 1 61  ? -14.245 -7.992  13.218  0.50 48.58 ? 416 ASN A OD1 1 
ATOM   351  N  ND2 A ASN A 1 61  ? -16.365 -7.169  16.181  0.50 45.64 ? 416 ASN A ND2 1 
ATOM   352  N  ND2 B ASN A 1 61  ? -14.841 -5.840  13.333  0.50 36.48 ? 416 ASN A ND2 1 
ATOM   353  N  N   . ILE A 1 62  ? -11.275 -7.057  14.025  1.00 20.26 ? 417 ILE A N   1 
ATOM   354  C  CA  . ILE A 1 62  ? -10.279 -7.962  13.515  1.00 21.62 ? 417 ILE A CA  1 
ATOM   355  C  C   . ILE A 1 62  ? -8.976  -7.348  13.084  1.00 22.20 ? 417 ILE A C   1 
ATOM   356  O  O   . ILE A 1 62  ? -7.925  -8.020  13.160  1.00 23.22 ? 417 ILE A O   1 
ATOM   357  C  CB  . ILE A 1 62  ? -10.874 -8.747  12.294  1.00 29.16 ? 417 ILE A CB  1 
ATOM   358  C  CG1 . ILE A 1 62  ? -12.047 -9.645  12.732  1.00 34.63 ? 417 ILE A CG1 1 
ATOM   359  C  CG2 . ILE A 1 62  ? -9.767  -9.608  11.697  1.00 29.84 ? 417 ILE A CG2 1 
ATOM   360  C  CD1 . ILE A 1 62  ? -13.022 -9.913  11.592  1.00 51.47 ? 417 ILE A CD1 1 
ATOM   361  N  N   . VAL A 1 63  ? -8.978  -6.136  12.541  1.00 19.07 ? 418 VAL A N   1 
ATOM   362  C  CA  . VAL A 1 63  ? -7.706  -5.547  12.049  1.00 16.68 ? 418 VAL A CA  1 
ATOM   363  C  C   . VAL A 1 63  ? -7.163  -4.576  13.086  1.00 17.07 ? 418 VAL A C   1 
ATOM   364  O  O   . VAL A 1 63  ? -7.809  -3.571  13.400  1.00 17.62 ? 418 VAL A O   1 
ATOM   365  C  CB  . VAL A 1 63  ? -7.966  -4.784  10.733  1.00 17.56 ? 418 VAL A CB  1 
ATOM   366  C  CG1 . VAL A 1 63  ? -6.723  -4.015  10.303  1.00 14.54 ? 418 VAL A CG1 1 
ATOM   367  C  CG2 . VAL A 1 63  ? -8.358  -5.801  9.643   1.00 16.00 ? 418 VAL A CG2 1 
ATOM   368  N  N   . ASP A 1 64  ? -6.005  -4.912  13.652  1.00 17.83 ? 419 ASP A N   1 
ATOM   369  C  CA  . ASP A 1 64  ? -5.428  -4.023  14.686  1.00 19.75 ? 419 ASP A CA  1 
ATOM   370  C  C   . ASP A 1 64  ? -4.823  -2.797  14.016  1.00 20.19 ? 419 ASP A C   1 
ATOM   371  O  O   . ASP A 1 64  ? -5.001  -1.665  14.416  1.00 17.67 ? 419 ASP A O   1 
ATOM   372  C  CB  . ASP A 1 64  ? -4.285  -4.779  15.401  1.00 24.19 ? 419 ASP A CB  1 
ATOM   373  C  CG  . ASP A 1 64  ? -4.021  -4.144  16.762  1.00 31.88 ? 419 ASP A CG  1 
ATOM   374  O  OD1 . ASP A 1 64  ? -5.001  -3.969  17.519  1.00 48.87 ? 419 ASP A OD1 1 
ATOM   375  O  OD2 . ASP A 1 64  ? -2.872  -3.782  17.041  1.00 36.00 ? 419 ASP A OD2 1 
ATOM   376  N  N   . LYS A 1 65  ? -4.069  -3.072  12.930  1.00 16.98 ? 420 LYS A N   1 
ATOM   377  C  CA  . LYS A 1 65  ? -3.426  -1.949  12.240  1.00 16.28 ? 420 LYS A CA  1 
ATOM   378  C  C   . LYS A 1 65  ? -3.408  -2.189  10.737  1.00 17.37 ? 420 LYS A C   1 
ATOM   379  O  O   . LYS A 1 65  ? -3.196  -3.322  10.268  1.00 15.61 ? 420 LYS A O   1 
ATOM   380  C  CB  . LYS A 1 65  ? -1.946  -1.885  12.702  1.00 22.01 ? 420 LYS A CB  1 
ATOM   381  C  CG  . LYS A 1 65  ? -1.799  -1.406  14.156  1.00 26.20 ? 420 LYS A CG  1 
ATOM   382  C  CD  . LYS A 1 65  ? -0.310  -1.514  14.534  1.00 29.22 ? 420 LYS A CD  1 
ATOM   383  C  CE  . LYS A 1 65  ? -0.145  -1.363  16.039  1.00 30.07 ? 420 LYS A CE  1 
ATOM   384  N  NZ  . LYS A 1 65  ? 1.126   -1.985  16.505  1.00 42.66 ? 420 LYS A NZ  1 
ATOM   385  N  N   . PHE A 1 66  ? -3.548  -1.106  9.983   1.00 13.93 ? 421 PHE A N   1 
ATOM   386  C  CA  . PHE A 1 66  ? -3.388  -1.256  8.523   1.00 14.62 ? 421 PHE A CA  1 
ATOM   387  C  C   . PHE A 1 66  ? -2.608  -0.057  8.026   1.00 18.54 ? 421 PHE A C   1 
ATOM   388  O  O   . PHE A 1 66  ? -2.855  1.075   8.437   1.00 21.05 ? 421 PHE A O   1 
ATOM   389  C  CB  . PHE A 1 66  ? -4.717  -1.452  7.839   1.00 14.31 ? 421 PHE A CB  1 
ATOM   390  C  CG  . PHE A 1 66  ? -5.650  -0.267  8.008   1.00 16.95 ? 421 PHE A CG  1 
ATOM   391  C  CD1 . PHE A 1 66  ? -6.433  -0.164  9.141   1.00 17.70 ? 421 PHE A CD1 1 
ATOM   392  C  CD2 . PHE A 1 66  ? -5.699  0.718   7.038   1.00 18.01 ? 421 PHE A CD2 1 
ATOM   393  C  CE1 . PHE A 1 66  ? -7.303  0.916   9.284   1.00 19.53 ? 421 PHE A CE1 1 
ATOM   394  C  CE2 . PHE A 1 66  ? -6.544  1.802   7.182   1.00 18.51 ? 421 PHE A CE2 1 
ATOM   395  C  CZ  . PHE A 1 66  ? -7.334  1.905   8.320   1.00 20.71 ? 421 PHE A CZ  1 
ATOM   396  N  N   . VAL A 1 67  ? -1.547  -0.305  7.273   1.00 18.52 ? 422 VAL A N   1 
ATOM   397  C  CA  . VAL A 1 67  ? -0.695  0.820   6.859   1.00 17.27 ? 422 VAL A CA  1 
ATOM   398  C  C   . VAL A 1 67  ? -0.935  1.082   5.366   1.00 15.86 ? 422 VAL A C   1 
ATOM   399  O  O   . VAL A 1 67  ? -0.854  0.189   4.550   1.00 12.12 ? 422 VAL A O   1 
ATOM   400  C  CB  . VAL A 1 67  ? 0.818   0.370   6.982   1.00 15.55 ? 422 VAL A CB  1 
ATOM   401  C  CG1 . VAL A 1 67  ? 1.664   1.576   6.564   1.00 15.62 ? 422 VAL A CG1 1 
ATOM   402  C  CG2 . VAL A 1 67  ? 1.065   0.063   8.456   1.00 14.27 ? 422 VAL A CG2 1 
ATOM   403  N  N   . ILE A 1 68  ? -1.254  2.326   5.050   1.00 13.25 ? 423 ILE A N   1 
ATOM   404  C  CA  . ILE A 1 68  ? -1.446  2.644   3.615   1.00 10.92 ? 423 ILE A CA  1 
ATOM   405  C  C   . ILE A 1 68  ? -0.100  3.223   3.152   1.00 12.27 ? 423 ILE A C   1 
ATOM   406  O  O   . ILE A 1 68  ? 0.319   4.247   3.703   1.00 13.97 ? 423 ILE A O   1 
ATOM   407  C  CB  . ILE A 1 68  ? -2.552  3.694   3.462   1.00 12.74 ? 423 ILE A CB  1 
ATOM   408  C  CG1 . ILE A 1 68  ? -3.895  3.229   4.099   1.00 15.48 ? 423 ILE A CG1 1 
ATOM   409  C  CG2 . ILE A 1 68  ? -2.785  4.007   1.985   1.00 13.17 ? 423 ILE A CG2 1 
ATOM   410  C  CD1 . ILE A 1 68  ? -4.926  4.352   4.124   1.00 16.71 ? 423 ILE A CD1 1 
ATOM   411  N  N   . VAL A 1 69  ? 0.558   2.524   2.253   1.00 12.39 ? 424 VAL A N   1 
ATOM   412  C  CA  . VAL A 1 69  ? 1.843   2.996   1.722   1.00 14.64 ? 424 VAL A CA  1 
ATOM   413  C  C   . VAL A 1 69  ? 1.621   3.678   0.357   1.00 15.51 ? 424 VAL A C   1 
ATOM   414  O  O   . VAL A 1 69  ? 1.298   3.017   -0.618  1.00 14.38 ? 424 VAL A O   1 
ATOM   415  C  CB  . VAL A 1 69  ? 2.817   1.814   1.493   1.00 15.48 ? 424 VAL A CB  1 
ATOM   416  C  CG1 . VAL A 1 69  ? 4.139   2.383   0.982   1.00 18.44 ? 424 VAL A CG1 1 
ATOM   417  C  CG2 . VAL A 1 69  ? 3.025   1.072   2.810   1.00 15.68 ? 424 VAL A CG2 1 
ATOM   418  N  N   . ASP A 1 70  ? 1.783   4.991   0.354   1.00 14.27 ? 425 ASP A N   1 
ATOM   419  C  CA  . ASP A 1 70  ? 1.626   5.770   -0.911  1.00 12.30 ? 425 ASP A CA  1 
ATOM   420  C  C   . ASP A 1 70  ? 3.075   5.821   -1.481  1.00 11.87 ? 425 ASP A C   1 
ATOM   421  O  O   . ASP A 1 70  ? 3.921   6.424   -0.823  1.00 12.88 ? 425 ASP A O   1 
ATOM   422  C  CB  . ASP A 1 70  ? 1.235   7.213   -0.464  1.00 9.69  ? 425 ASP A CB  1 
ATOM   423  C  CG  . ASP A 1 70  ? 0.886   8.123   -1.597  1.00 14.89 ? 425 ASP A CG  1 
ATOM   424  O  OD1 . ASP A 1 70  ? 1.403   7.974   -2.719  1.00 13.95 ? 425 ASP A OD1 1 
ATOM   425  O  OD2 . ASP A 1 70  ? 0.011   9.025   -1.413  1.00 18.06 ? 425 ASP A OD2 1 
ATOM   426  N  N   . CYS A 1 71  ? 3.315   5.163   -2.566  1.00 10.76 ? 426 CYS A N   1 
ATOM   427  C  CA  . CYS A 1 71  ? 4.621   5.062   -3.211  1.00 16.11 ? 426 CYS A CA  1 
ATOM   428  C  C   . CYS A 1 71  ? 4.895   6.169   -4.215  1.00 19.63 ? 426 CYS A C   1 
ATOM   429  O  O   . CYS A 1 71  ? 5.888   6.085   -4.960  1.00 25.85 ? 426 CYS A O   1 
ATOM   430  C  CB  . CYS A 1 71  ? 4.627   3.697   -4.021  1.00 15.61 ? 426 CYS A CB  1 
ATOM   431  S  SG  . CYS A 1 71  ? 4.234   2.342   -2.875  1.00 25.80 ? 426 CYS A SG  1 
ATOM   432  N  N   . ARG A 1 72  ? 4.073   7.203   -4.261  1.00 17.23 ? 427 ARG A N   1 
ATOM   433  C  CA  . ARG A 1 72  ? 4.298   8.309   -5.220  1.00 17.58 ? 427 ARG A CA  1 
ATOM   434  C  C   . ARG A 1 72  ? 5.422   9.209   -4.721  1.00 18.06 ? 427 ARG A C   1 
ATOM   435  O  O   . ARG A 1 72  ? 5.811   9.116   -3.557  1.00 20.51 ? 427 ARG A O   1 
ATOM   436  C  CB  . ARG A 1 72  ? 2.986   9.114   -5.325  1.00 14.59 ? 427 ARG A CB  1 
ATOM   437  C  CG  . ARG A 1 72  ? 1.843   8.297   -5.949  1.00 15.69 ? 427 ARG A CG  1 
ATOM   438  C  CD  . ARG A 1 72  ? 0.548   9.114   -5.956  1.00 14.32 ? 427 ARG A CD  1 
ATOM   439  N  NE  . ARG A 1 72  ? 0.176   9.513   -4.579  1.00 15.72 ? 427 ARG A NE  1 
ATOM   440  C  CZ  . ARG A 1 72  ? -0.669  10.511  -4.335  1.00 16.67 ? 427 ARG A CZ  1 
ATOM   441  N  NH1 . ARG A 1 72  ? -1.180  11.188  -5.369  1.00 13.98 ? 427 ARG A NH1 1 
ATOM   442  N  NH2 . ARG A 1 72  ? -1.021  10.853  -3.109  1.00 14.04 ? 427 ARG A NH2 1 
ATOM   443  N  N   . TYR A 1 73  ? 5.929   10.097  -5.575  1.00 17.90 ? 428 TYR A N   1 
ATOM   444  C  CA  . TYR A 1 73  ? 6.985   11.022  -5.151  1.00 17.44 ? 428 TYR A CA  1 
ATOM   445  C  C   . TYR A 1 73  ? 6.432   12.042  -4.173  1.00 16.03 ? 428 TYR A C   1 
ATOM   446  O  O   . TYR A 1 73  ? 5.226   12.291  -4.119  1.00 19.20 ? 428 TYR A O   1 
ATOM   447  C  CB  . TYR A 1 73  ? 7.540   11.759  -6.396  1.00 20.68 ? 428 TYR A CB  1 
ATOM   448  C  CG  . TYR A 1 73  ? 8.035   10.772  -7.430  1.00 23.46 ? 428 TYR A CG  1 
ATOM   449  C  CD1 . TYR A 1 73  ? 8.540   9.547   -7.011  1.00 24.56 ? 428 TYR A CD1 1 
ATOM   450  C  CD2 . TYR A 1 73  ? 7.995   11.059  -8.776  1.00 29.56 ? 428 TYR A CD2 1 
ATOM   451  C  CE1 . TYR A 1 73  ? 9.007   8.629   -7.937  1.00 27.65 ? 428 TYR A CE1 1 
ATOM   452  C  CE2 . TYR A 1 73  ? 8.444   10.141  -9.717  1.00 31.83 ? 428 TYR A CE2 1 
ATOM   453  C  CZ  . TYR A 1 73  ? 8.947   8.934   -9.276  1.00 32.82 ? 428 TYR A CZ  1 
ATOM   454  O  OH  . TYR A 1 73  ? 9.388   8.011   -10.202 1.00 44.73 ? 428 TYR A OH  1 
ATOM   455  N  N   . PRO A 1 74  ? 7.289   12.625  -3.346  1.00 14.80 ? 429 PRO A N   1 
ATOM   456  C  CA  . PRO A 1 74  ? 6.808   13.540  -2.323  1.00 18.73 ? 429 PRO A CA  1 
ATOM   457  C  C   . PRO A 1 74  ? 5.921   14.635  -2.791  1.00 22.27 ? 429 PRO A C   1 
ATOM   458  O  O   . PRO A 1 74  ? 4.910   15.000  -2.162  1.00 19.78 ? 429 PRO A O   1 
ATOM   459  C  CB  . PRO A 1 74  ? 8.073   14.011  -1.617  1.00 18.06 ? 429 PRO A CB  1 
ATOM   460  C  CG  . PRO A 1 74  ? 9.066   12.913  -1.890  1.00 14.56 ? 429 PRO A CG  1 
ATOM   461  C  CD  . PRO A 1 74  ? 8.747   12.433  -3.289  1.00 12.90 ? 429 PRO A CD  1 
ATOM   462  N  N   . TYR A 1 75  ? 6.182   15.248  -3.973  1.00 18.69 ? 430 TYR A N   1 
ATOM   463  C  CA  . TYR A 1 75  ? 5.275   16.349  -4.329  1.00 18.57 ? 430 TYR A CA  1 
ATOM   464  C  C   . TYR A 1 75  ? 3.870   15.858  -4.635  1.00 19.81 ? 430 TYR A C   1 
ATOM   465  O  O   . TYR A 1 75  ? 2.883   16.568  -4.373  1.00 18.41 ? 430 TYR A O   1 
ATOM   466  C  CB  . TYR A 1 75  ? 5.858   17.179  -5.448  1.00 14.65 ? 430 TYR A CB  1 
ATOM   467  C  CG  . TYR A 1 75  ? 6.029   16.411  -6.744  1.00 16.28 ? 430 TYR A CG  1 
ATOM   468  C  CD1 . TYR A 1 75  ? 7.176   15.683  -6.999  1.00 16.58 ? 430 TYR A CD1 1 
ATOM   469  C  CD2 . TYR A 1 75  ? 5.018   16.440  -7.698  1.00 16.72 ? 430 TYR A CD2 1 
ATOM   470  C  CE1 . TYR A 1 75  ? 7.303   14.992  -8.210  1.00 20.90 ? 430 TYR A CE1 1 
ATOM   471  C  CE2 . TYR A 1 75  ? 5.136   15.764  -8.899  1.00 17.61 ? 430 TYR A CE2 1 
ATOM   472  C  CZ  . TYR A 1 75  ? 6.287   15.034  -9.135  1.00 23.78 ? 430 TYR A CZ  1 
ATOM   473  O  OH  . TYR A 1 75  ? 6.406   14.350  -10.349 1.00 25.46 ? 430 TYR A OH  1 
ATOM   474  N  N   . GLU A 1 76  ? 3.746   14.656  -5.179  1.00 15.45 ? 431 GLU A N   1 
ATOM   475  C  CA  . GLU A 1 76  ? 2.404   14.098  -5.470  1.00 16.49 ? 431 GLU A CA  1 
ATOM   476  C  C   . GLU A 1 76  ? 1.646   13.921  -4.142  1.00 16.82 ? 431 GLU A C   1 
ATOM   477  O  O   . GLU A 1 76  ? 0.517   14.364  -3.978  1.00 20.40 ? 431 GLU A O   1 
ATOM   478  C  CB  . GLU A 1 76  ? 2.630   12.688  -6.081  1.00 18.53 ? 431 GLU A CB  1 
ATOM   479  C  CG  . GLU A 1 76  ? 3.054   12.747  -7.550  1.00 19.01 ? 431 GLU A CG  1 
ATOM   480  C  CD  . GLU A 1 76  ? 3.352   11.393  -8.144  1.00 17.43 ? 431 GLU A CD  1 
ATOM   481  O  OE1 . GLU A 1 76  ? 2.430   10.775  -8.739  1.00 17.69 ? 431 GLU A OE1 1 
ATOM   482  O  OE2 . GLU A 1 76  ? 4.523   10.947  -8.062  1.00 17.88 ? 431 GLU A OE2 1 
ATOM   483  N  N   . TYR A 1 77  ? 2.302   13.231  -3.220  1.00 14.86 ? 432 TYR A N   1 
ATOM   484  C  CA  . TYR A 1 77  ? 1.753   13.009  -1.885  1.00 16.92 ? 432 TYR A CA  1 
ATOM   485  C  C   . TYR A 1 77  ? 1.370   14.329  -1.230  1.00 20.93 ? 432 TYR A C   1 
ATOM   486  O  O   . TYR A 1 77  ? 0.305   14.477  -0.634  1.00 20.33 ? 432 TYR A O   1 
ATOM   487  C  CB  . TYR A 1 77  ? 2.793   12.306  -1.023  1.00 15.77 ? 432 TYR A CB  1 
ATOM   488  C  CG  . TYR A 1 77  ? 2.413   12.059  0.407   1.00 17.87 ? 432 TYR A CG  1 
ATOM   489  C  CD1 . TYR A 1 77  ? 1.729   10.902  0.785   1.00 15.88 ? 432 TYR A CD1 1 
ATOM   490  C  CD2 . TYR A 1 77  ? 2.794   12.953  1.409   1.00 17.11 ? 432 TYR A CD2 1 
ATOM   491  C  CE1 . TYR A 1 77  ? 1.401   10.661  2.104   1.00 16.24 ? 432 TYR A CE1 1 
ATOM   492  C  CE2 . TYR A 1 77  ? 2.472   12.716  2.729   1.00 18.58 ? 432 TYR A CE2 1 
ATOM   493  C  CZ  . TYR A 1 77  ? 1.784   11.572  3.071   1.00 20.71 ? 432 TYR A CZ  1 
ATOM   494  O  OH  . TYR A 1 77  ? 1.455   11.349  4.392   1.00 20.72 ? 432 TYR A OH  1 
ATOM   495  N  N   . GLU A 1 78  ? 2.254   15.324  -1.295  1.00 26.16 ? 433 GLU A N   1 
ATOM   496  C  CA  . GLU A 1 78  ? 1.953   16.605  -0.670  1.00 26.35 ? 433 GLU A CA  1 
ATOM   497  C  C   . GLU A 1 78  ? 0.771   17.314  -1.265  1.00 20.38 ? 433 GLU A C   1 
ATOM   498  O  O   . GLU A 1 78  ? 0.054   18.019  -0.550  1.00 26.85 ? 433 GLU A O   1 
ATOM   499  C  CB  . GLU A 1 78  ? 3.193   17.482  -0.566  1.00 34.26 ? 433 GLU A CB  1 
ATOM   500  C  CG  . GLU A 1 78  ? 4.209   16.893  0.440   1.00 47.48 ? 433 GLU A CG  1 
ATOM   501  C  CD  . GLU A 1 78  ? 5.533   17.627  0.394   1.00 57.84 ? 433 GLU A CD  1 
ATOM   502  O  OE1 . GLU A 1 78  ? 5.636   18.616  -0.369  1.00 67.91 ? 433 GLU A OE1 1 
ATOM   503  O  OE2 . GLU A 1 78  ? 6.470   17.214  1.118   1.00 68.43 ? 433 GLU A OE2 1 
ATOM   504  N  N   . GLY A 1 79  ? 0.484   17.118  -2.549  1.00 17.42 ? 434 GLY A N   1 
ATOM   505  C  CA  . GLY A 1 79  ? -0.641  17.740  -3.203  1.00 20.27 ? 434 GLY A CA  1 
ATOM   506  C  C   . GLY A 1 79  ? -1.974  17.095  -2.907  1.00 24.33 ? 434 GLY A C   1 
ATOM   507  O  O   . GLY A 1 79  ? -3.018  17.506  -3.422  1.00 24.24 ? 434 GLY A O   1 
ATOM   508  N  N   . GLY A 1 80  ? -1.996  16.045  -2.080  1.00 23.52 ? 435 GLY A N   1 
ATOM   509  C  CA  . GLY A 1 80  ? -3.237  15.355  -1.778  1.00 19.01 ? 435 GLY A CA  1 
ATOM   510  C  C   . GLY A 1 80  ? -3.022  13.856  -1.640  1.00 18.06 ? 435 GLY A C   1 
ATOM   511  O  O   . GLY A 1 80  ? -2.583  13.205  -2.589  1.00 18.04 ? 435 GLY A O   1 
ATOM   512  N  N   . HIS A 1 81  ? -3.353  13.322  -0.463  1.00 16.98 ? 436 HIS A N   1 
ATOM   513  C  CA  . HIS A 1 81  ? -3.242  11.893  -0.215  1.00 16.14 ? 436 HIS A CA  1 
ATOM   514  C  C   . HIS A 1 81  ? -4.365  11.371  0.656   1.00 14.96 ? 436 HIS A C   1 
ATOM   515  O  O   . HIS A 1 81  ? -5.191  12.087  1.215   1.00 16.88 ? 436 HIS A O   1 
ATOM   516  C  CB  . HIS A 1 81  ? -1.869  11.571  0.428   1.00 14.61 ? 436 HIS A CB  1 
ATOM   517  C  CG  . HIS A 1 81  ? -1.679  12.292  1.722   1.00 16.21 ? 436 HIS A CG  1 
ATOM   518  N  ND1 . HIS A 1 81  ? -1.051  13.514  1.807   1.00 14.67 ? 436 HIS A ND1 1 
ATOM   519  C  CD2 . HIS A 1 81  ? -2.107  11.982  2.980   1.00 17.50 ? 436 HIS A CD2 1 
ATOM   520  C  CE1 . HIS A 1 81  ? -1.074  13.923  3.070   1.00 12.30 ? 436 HIS A CE1 1 
ATOM   521  N  NE2 . HIS A 1 81  ? -1.700  13.030  3.791   1.00 15.22 ? 436 HIS A NE2 1 
ATOM   522  N  N   . ILE A 1 82  ? -4.403  10.045  0.812   1.00 12.45 ? 437 ILE A N   1 
ATOM   523  C  CA  . ILE A 1 82  ? -5.453  9.456   1.659   1.00 9.61  ? 437 ILE A CA  1 
ATOM   524  C  C   . ILE A 1 82  ? -5.088  9.685   3.110   1.00 12.20 ? 437 ILE A C   1 
ATOM   525  O  O   . ILE A 1 82  ? -3.912  9.588   3.498   1.00 13.66 ? 437 ILE A O   1 
ATOM   526  C  CB  . ILE A 1 82  ? -5.539  7.927   1.333   1.00 11.55 ? 437 ILE A CB  1 
ATOM   527  C  CG1 . ILE A 1 82  ? -5.860  7.687   -0.154  1.00 11.43 ? 437 ILE A CG1 1 
ATOM   528  C  CG2 . ILE A 1 82  ? -6.636  7.262   2.190   1.00 8.47  ? 437 ILE A CG2 1 
ATOM   529  C  CD1 . ILE A 1 82  ? -5.837  6.222   -0.569  1.00 11.48 ? 437 ILE A CD1 1 
ATOM   530  N  N   . LYS A 1 83  ? -6.064  10.028  3.942   1.00 13.96 ? 438 LYS A N   1 
ATOM   531  C  CA  . LYS A 1 83  ? -5.791  10.275  5.370   1.00 11.90 ? 438 LYS A CA  1 
ATOM   532  C  C   . LYS A 1 83  ? -5.134  9.068   6.029   1.00 13.70 ? 438 LYS A C   1 
ATOM   533  O  O   . LYS A 1 83  ? -5.583  7.932   5.832   1.00 17.20 ? 438 LYS A O   1 
ATOM   534  C  CB  . LYS A 1 83  ? -7.138  10.557  6.074   1.00 12.80 ? 438 LYS A CB  1 
ATOM   535  C  CG  . LYS A 1 83  ? -7.559  12.030  5.849   1.00 14.15 ? 438 LYS A CG  1 
ATOM   536  C  CD  . LYS A 1 83  ? -8.903  12.297  6.435   1.00 20.42 ? 438 LYS A CD  1 
ATOM   537  C  CE  . LYS A 1 83  ? -9.302  13.780  6.427   1.00 21.45 ? 438 LYS A CE  1 
ATOM   538  N  NZ  . LYS A 1 83  ? -10.823 13.853  6.643   1.00 29.37 ? 438 LYS A NZ  1 
ATOM   539  N  N   . THR A 1 84  ? -4.105  9.311   6.814   1.00 14.38 ? 439 THR A N   1 
ATOM   540  C  CA  . THR A 1 84  ? -3.284  8.403   7.532   1.00 16.56 ? 439 THR A CA  1 
ATOM   541  C  C   . THR A 1 84  ? -2.206  7.722   6.709   1.00 16.81 ? 439 THR A C   1 
ATOM   542  O  O   . THR A 1 84  ? -1.384  6.972   7.250   1.00 15.44 ? 439 THR A O   1 
ATOM   543  C  CB  . THR A 1 84  ? -4.035  7.307   8.311   1.00 18.70 ? 439 THR A CB  1 
ATOM   544  O  OG1 . THR A 1 84  ? -4.519  6.333   7.390   1.00 12.75 ? 439 THR A OG1 1 
ATOM   545  C  CG2 . THR A 1 84  ? -5.215  7.869   9.081   1.00 17.81 ? 439 THR A CG2 1 
ATOM   546  N  N   . ALA A 1 85  ? -2.205  7.926   5.385   1.00 14.30 ? 440 ALA A N   1 
ATOM   547  C  CA  . ALA A 1 85  ? -1.213  7.231   4.563   1.00 15.40 ? 440 ALA A CA  1 
ATOM   548  C  C   . ALA A 1 85  ? 0.200   7.754   4.862   1.00 14.26 ? 440 ALA A C   1 
ATOM   549  O  O   . ALA A 1 85  ? 0.359   8.919   5.192   1.00 17.21 ? 440 ALA A O   1 
ATOM   550  C  CB  . ALA A 1 85  ? -1.541  7.395   3.074   1.00 10.47 ? 440 ALA A CB  1 
ATOM   551  N  N   . VAL A 1 86  ? 1.184   6.875   4.758   1.00 13.37 ? 441 VAL A N   1 
ATOM   552  C  CA  . VAL A 1 86  ? 2.593   7.240   4.918   1.00 13.47 ? 441 VAL A CA  1 
ATOM   553  C  C   . VAL A 1 86  ? 3.255   7.291   3.556   1.00 13.99 ? 441 VAL A C   1 
ATOM   554  O  O   . VAL A 1 86  ? 2.891   6.509   2.667   1.00 17.23 ? 441 VAL A O   1 
ATOM   555  C  CB  . VAL A 1 86  ? 3.311   6.231   5.839   1.00 15.87 ? 441 VAL A CB  1 
ATOM   556  C  CG1 . VAL A 1 86  ? 3.362   4.861   5.189   1.00 13.48 ? 441 VAL A CG1 1 
ATOM   557  C  CG2 . VAL A 1 86  ? 4.720   6.719   6.142   1.00 20.13 ? 441 VAL A CG2 1 
ATOM   558  N  N   . ASN A 1 87  ? 4.156   8.237   3.306   1.00 16.20 ? 442 ASN A N   1 
ATOM   559  C  CA  . ASN A 1 87  ? 4.755   8.319   1.941   1.00 16.07 ? 442 ASN A CA  1 
ATOM   560  C  C   . ASN A 1 87  ? 6.134   7.654   1.959   1.00 15.56 ? 442 ASN A C   1 
ATOM   561  O  O   . ASN A 1 87  ? 7.022   8.140   2.649   1.00 19.30 ? 442 ASN A O   1 
ATOM   562  C  CB  . ASN A 1 87  ? 4.919   9.799   1.580   1.00 17.95 ? 442 ASN A CB  1 
ATOM   563  C  CG  . ASN A 1 87  ? 5.413   10.080  0.190   1.00 18.55 ? 442 ASN A CG  1 
ATOM   564  O  OD1 . ASN A 1 87  ? 6.157   11.039  -0.038  1.00 26.25 ? 442 ASN A OD1 1 
ATOM   565  N  ND2 . ASN A 1 87  ? 5.023   9.273   -0.796  1.00 15.47 ? 442 ASN A ND2 1 
ATOM   566  N  N   . LEU A 1 88  ? 6.289   6.569   1.229   1.00 18.81 ? 443 LEU A N   1 
ATOM   567  C  CA  . LEU A 1 88  ? 7.553   5.823   1.156   1.00 19.09 ? 443 LEU A CA  1 
ATOM   568  C  C   . LEU A 1 88  ? 7.887   5.535   -0.311  1.00 19.07 ? 443 LEU A C   1 
ATOM   569  O  O   . LEU A 1 88  ? 7.690   4.423   -0.784  1.00 16.69 ? 443 LEU A O   1 
ATOM   570  C  CB  . LEU A 1 88  ? 7.383   4.465   1.903   1.00 13.50 ? 443 LEU A CB  1 
ATOM   571  C  CG  . LEU A 1 88  ? 7.040   4.567   3.381   1.00 16.34 ? 443 LEU A CG  1 
ATOM   572  C  CD1 . LEU A 1 88  ? 6.548   3.265   3.956   1.00 20.84 ? 443 LEU A CD1 1 
ATOM   573  C  CD2 . LEU A 1 88  ? 8.161   5.141   4.220   1.00 13.75 ? 443 LEU A CD2 1 
ATOM   574  N  N   . PRO A 1 89  ? 8.379   6.528   -1.038  1.00 18.42 ? 444 PRO A N   1 
ATOM   575  C  CA  . PRO A 1 89  ? 8.714   6.371   -2.443  1.00 16.88 ? 444 PRO A CA  1 
ATOM   576  C  C   . PRO A 1 89  ? 9.976   5.611   -2.748  1.00 16.30 ? 444 PRO A C   1 
ATOM   577  O  O   . PRO A 1 89  ? 10.122  5.024   -3.839  1.00 19.72 ? 444 PRO A O   1 
ATOM   578  C  CB  . PRO A 1 89  ? 8.831   7.821   -2.930  1.00 17.99 ? 444 PRO A CB  1 
ATOM   579  C  CG  . PRO A 1 89  ? 9.230   8.586   -1.717  1.00 18.73 ? 444 PRO A CG  1 
ATOM   580  C  CD  . PRO A 1 89  ? 8.601   7.893   -0.535  1.00 16.89 ? 444 PRO A CD  1 
ATOM   581  N  N   . LEU A 1 90  ? 10.946  5.545   -1.844  1.00 13.55 ? 445 LEU A N   1 
ATOM   582  C  CA  . LEU A 1 90  ? 12.198  4.821   -2.191  1.00 15.70 ? 445 LEU A CA  1 
ATOM   583  C  C   . LEU A 1 90  ? 12.251  3.491   -1.444  1.00 16.63 ? 445 LEU A C   1 
ATOM   584  O  O   . LEU A 1 90  ? 11.853  3.431   -0.279  1.00 15.83 ? 445 LEU A O   1 
ATOM   585  C  CB  . LEU A 1 90  ? 13.379  5.723   -1.759  1.00 15.52 ? 445 LEU A CB  1 
ATOM   586  C  CG  . LEU A 1 90  ? 13.436  7.093   -2.474  1.00 16.04 ? 445 LEU A CG  1 
ATOM   587  C  CD1 . LEU A 1 90  ? 14.349  8.049   -1.745  1.00 18.96 ? 445 LEU A CD1 1 
ATOM   588  C  CD2 . LEU A 1 90  ? 13.937  6.871   -3.902  1.00 13.87 ? 445 LEU A CD2 1 
ATOM   589  N  N   . GLU A 1 91  ? 12.709  2.450   -2.106  1.00 16.43 ? 446 GLU A N   1 
ATOM   590  C  CA  . GLU A 1 91  ? 12.787  1.100   -1.513  1.00 20.32 ? 446 GLU A CA  1 
ATOM   591  C  C   . GLU A 1 91  ? 13.470  1.182   -0.143  1.00 21.88 ? 446 GLU A C   1 
ATOM   592  O  O   . GLU A 1 91  ? 13.069  0.577   0.842   1.00 23.44 ? 446 GLU A O   1 
ATOM   593  C  CB  . GLU A 1 91  ? 13.703  0.238   -2.403  1.00 22.19 ? 446 GLU A CB  1 
ATOM   594  C  CG  . GLU A 1 91  ? 13.182  -0.037  -3.780  1.00 29.94 ? 446 GLU A CG  1 
ATOM   595  C  CD  . GLU A 1 91  ? 13.995  -1.109  -4.511  1.00 35.98 ? 446 GLU A CD  1 
ATOM   596  O  OE1 . GLU A 1 91  ? 15.074  -1.481  -3.996  1.00 36.89 ? 446 GLU A OE1 1 
ATOM   597  O  OE2 . GLU A 1 91  ? 13.552  -1.530  -5.594  1.00 47.33 ? 446 GLU A OE2 1 
ATOM   598  N  N   . ARG A 1 92  ? 14.527  1.997   -0.141  1.00 20.86 ? 447 ARG A N   1 
ATOM   599  C  CA  . ARG A 1 92  ? 15.287  2.215   1.061   1.00 25.12 ? 447 ARG A CA  1 
ATOM   600  C  C   . ARG A 1 92  ? 14.468  2.745   2.201   1.00 27.22 ? 447 ARG A C   1 
ATOM   601  O  O   . ARG A 1 92  ? 14.551  2.279   3.349   1.00 25.89 ? 447 ARG A O   1 
ATOM   602  C  CB  . ARG A 1 92  ? 16.651  2.742   0.876   1.00 24.51 ? 447 ARG A CB  1 
ATOM   603  C  CG  . ARG A 1 92  ? 16.842  4.218   0.629   1.00 30.42 ? 447 ARG A CG  1 
ATOM   604  C  CD  . ARG A 1 92  ? 18.164  4.489   -0.100  1.00 33.95 ? 447 ARG A CD  1 
ATOM   605  N  NE  . ARG A 1 92  ? 18.305  5.924   -0.421  1.00 32.30 ? 447 ARG A NE  1 
ATOM   606  C  CZ  . ARG A 1 92  ? 18.081  6.400   -1.651  1.00 29.43 ? 447 ARG A CZ  1 
ATOM   607  N  NH1 . ARG A 1 92  ? 17.712  5.549   -2.598  1.00 24.06 ? 447 ARG A NH1 1 
ATOM   608  N  NH2 . ARG A 1 92  ? 18.230  7.697   -1.911  1.00 17.01 ? 447 ARG A NH2 1 
ATOM   609  N  N   . ASP A 1 93  ? 13.566  3.708   1.927   1.00 24.56 ? 448 ASP A N   1 
ATOM   610  C  CA  . ASP A 1 93  ? 12.731  4.221   3.010   1.00 24.64 ? 448 ASP A CA  1 
ATOM   611  C  C   . ASP A 1 93  ? 11.728  3.141   3.452   1.00 19.71 ? 448 ASP A C   1 
ATOM   612  O  O   . ASP A 1 93  ? 11.381  3.039   4.601   1.00 15.77 ? 448 ASP A O   1 
ATOM   613  C  CB  . ASP A 1 93  ? 11.887  5.406   2.511   1.00 27.42 ? 448 ASP A CB  1 
ATOM   614  C  CG  . ASP A 1 93  ? 12.755  6.572   2.091   1.00 37.34 ? 448 ASP A CG  1 
ATOM   615  O  OD1 . ASP A 1 93  ? 13.897  6.666   2.595   1.00 37.20 ? 448 ASP A OD1 1 
ATOM   616  O  OD2 . ASP A 1 93  ? 12.279  7.345   1.222   1.00 52.50 ? 448 ASP A OD2 1 
ATOM   617  N  N   . ALA A 1 94  ? 11.180  2.452   2.453   1.00 18.21 ? 449 ALA A N   1 
ATOM   618  C  CA  . ALA A 1 94  ? 10.152  1.448   2.813   1.00 18.62 ? 449 ALA A CA  1 
ATOM   619  C  C   . ALA A 1 94  ? 10.776  0.377   3.690   1.00 20.19 ? 449 ALA A C   1 
ATOM   620  O  O   . ALA A 1 94  ? 10.211  -0.077  4.665   1.00 17.63 ? 449 ALA A O   1 
ATOM   621  C  CB  . ALA A 1 94  ? 9.632   0.809   1.523   1.00 21.58 ? 449 ALA A CB  1 
ATOM   622  N  N   . GLU A 1 95  ? 11.975  -0.087  3.298   1.00 21.99 ? 450 GLU A N   1 
ATOM   623  C  CA  . GLU A 1 95  ? 12.549  -1.176  4.121   1.00 28.05 ? 450 GLU A CA  1 
ATOM   624  C  C   . GLU A 1 95  ? 12.785  -0.719  5.543   1.00 27.69 ? 450 GLU A C   1 
ATOM   625  O  O   . GLU A 1 95  ? 12.539  -1.393  6.540   1.00 27.59 ? 450 GLU A O   1 
ATOM   626  C  CB  . GLU A 1 95  ? 13.856  -1.653  3.487   1.00 34.10 ? 450 GLU A CB  1 
ATOM   627  C  CG  . GLU A 1 95  ? 14.670  -2.542  4.420   1.00 42.34 ? 450 GLU A CG  1 
ATOM   628  C  CD  . GLU A 1 95  ? 15.615  -3.468  3.678   1.00 45.64 ? 450 GLU A CD  1 
ATOM   629  O  OE1 . GLU A 1 95  ? 16.114  -3.062  2.610   1.00 53.37 ? 450 GLU A OE1 1 
ATOM   630  O  OE2 . GLU A 1 95  ? 15.864  -4.587  4.174   1.00 47.41 ? 450 GLU A OE2 1 
ATOM   631  N  N   . SER A 1 96  ? 13.279  0.508   5.688   1.00 26.46 ? 451 SER A N   1 
ATOM   632  C  CA  . SER A 1 96  ? 13.571  1.019   7.016   1.00 24.26 ? 451 SER A CA  1 
ATOM   633  C  C   . SER A 1 96  ? 12.343  1.219   7.867   1.00 20.48 ? 451 SER A C   1 
ATOM   634  O  O   . SER A 1 96  ? 12.339  0.888   9.050   1.00 29.17 ? 451 SER A O   1 
ATOM   635  C  CB  . SER A 1 96  ? 14.343  2.356   6.866   1.00 30.33 ? 451 SER A CB  1 
ATOM   636  O  OG  . SER A 1 96  ? 13.950  3.228   7.918   1.00 57.86 ? 451 SER A OG  1 
ATOM   637  N  N   . PHE A 1 97  ? 11.286  1.802   7.306   1.00 17.80 ? 452 PHE A N   1 
ATOM   638  C  CA  . PHE A 1 97  ? 10.056  2.051   8.053   1.00 16.80 ? 452 PHE A CA  1 
ATOM   639  C  C   . PHE A 1 97  ? 9.328   0.756   8.395   1.00 15.98 ? 452 PHE A C   1 
ATOM   640  O  O   . PHE A 1 97  ? 8.727   0.638   9.464   1.00 22.89 ? 452 PHE A O   1 
ATOM   641  C  CB  . PHE A 1 97  ? 9.134   2.953   7.194   1.00 15.89 ? 452 PHE A CB  1 
ATOM   642  C  CG  . PHE A 1 97  ? 7.867   3.402   7.895   1.00 18.80 ? 452 PHE A CG  1 
ATOM   643  C  CD1 . PHE A 1 97  ? 6.689   2.681   7.756   1.00 19.49 ? 452 PHE A CD1 1 
ATOM   644  C  CD2 . PHE A 1 97  ? 7.837   4.548   8.668   1.00 22.79 ? 452 PHE A CD2 1 
ATOM   645  C  CE1 . PHE A 1 97  ? 5.522   3.100   8.353   1.00 21.86 ? 452 PHE A CE1 1 
ATOM   646  C  CE2 . PHE A 1 97  ? 6.681   4.977   9.298   1.00 23.23 ? 452 PHE A CE2 1 
ATOM   647  C  CZ  . PHE A 1 97  ? 5.511   4.242   9.156   1.00 24.19 ? 452 PHE A CZ  1 
ATOM   648  N  N   . LEU A 1 98  ? 9.283   -0.224  7.502   1.00 15.55 ? 453 LEU A N   1 
ATOM   649  C  CA  . LEU A 1 98  ? 8.481   -1.421  7.727   1.00 18.71 ? 453 LEU A CA  1 
ATOM   650  C  C   . LEU A 1 98  ? 9.237   -2.614  8.244   1.00 21.36 ? 453 LEU A C   1 
ATOM   651  O  O   . LEU A 1 98  ? 8.674   -3.480  8.924   1.00 20.77 ? 453 LEU A O   1 
ATOM   652  C  CB  . LEU A 1 98  ? 7.881   -1.836  6.326   1.00 20.62 ? 453 LEU A CB  1 
ATOM   653  C  CG  . LEU A 1 98  ? 6.835   -0.829  5.809   1.00 22.34 ? 453 LEU A CG  1 
ATOM   654  C  CD1 . LEU A 1 98  ? 6.546   -1.099  4.343   1.00 23.82 ? 453 LEU A CD1 1 
ATOM   655  C  CD2 . LEU A 1 98  ? 5.568   -0.963  6.649   1.00 14.50 ? 453 LEU A CD2 1 
ATOM   656  N  N   . LEU A 1 99  ? 10.498  -2.785  7.842   1.00 22.69 ? 454 LEU A N   1 
ATOM   657  C  CA  . LEU A 1 99  ? 11.249  -3.968  8.210   1.00 26.90 ? 454 LEU A CA  1 
ATOM   658  C  C   . LEU A 1 99  ? 12.275  -3.789  9.295   1.00 30.86 ? 454 LEU A C   1 
ATOM   659  O  O   . LEU A 1 99  ? 12.749  -4.791  9.881   1.00 30.26 ? 454 LEU A O   1 
ATOM   660  C  CB  . LEU A 1 99  ? 11.869  -4.608  6.959   1.00 24.17 ? 454 LEU A CB  1 
ATOM   661  C  CG  . LEU A 1 99  ? 10.851  -5.253  5.998   1.00 26.91 ? 454 LEU A CG  1 
ATOM   662  C  CD1 . LEU A 1 99  ? 11.533  -5.614  4.682   1.00 26.59 ? 454 LEU A CD1 1 
ATOM   663  C  CD2 . LEU A 1 99  ? 10.256  -6.501  6.651   1.00 29.06 ? 454 LEU A CD2 1 
ATOM   664  N  N   . LYS A 1 100 ? 12.691  -2.566  9.619   1.00 30.68 ? 455 LYS A N   1 
ATOM   665  C  CA  . LYS A 1 100 ? 13.707  -2.398  10.672  1.00 36.85 ? 455 LYS A CA  1 
ATOM   666  C  C   . LYS A 1 100 ? 13.106  -2.813  12.017  1.00 35.70 ? 455 LYS A C   1 
ATOM   667  O  O   . LYS A 1 100 ? 13.630  -3.689  12.697  1.00 40.20 ? 455 LYS A O   1 
ATOM   668  C  CB  . LYS A 1 100 ? 14.217  -0.976  10.714  1.00 45.80 ? 455 LYS A CB  1 
ATOM   669  C  CG  . LYS A 1 100 ? 15.424  -0.749  11.603  1.00 57.12 ? 455 LYS A CG  1 
ATOM   670  C  CD  . LYS A 1 100 ? 15.194  0.384   12.593  1.00 65.56 ? 455 LYS A CD  1 
ATOM   671  C  CE  . LYS A 1 100 ? 15.546  1.739   11.981  1.00 69.13 ? 455 LYS A CE  1 
ATOM   672  N  NZ  . LYS A 1 100 ? 14.580  2.792   12.435  1.00 73.33 ? 455 LYS A NZ  1 
ATOM   673  N  N   . SER A 1 101 ? 11.975  -2.229  12.331  1.00 37.23 ? 456 SER A N   1 
ATOM   674  C  CA  . SER A 1 101 ? 11.187  -2.603  13.513  1.00 43.38 ? 456 SER A CA  1 
ATOM   675  C  C   . SER A 1 101 ? 9.741   -2.846  13.032  1.00 38.92 ? 456 SER A C   1 
ATOM   676  O  O   . SER A 1 101 ? 8.954   -1.915  12.881  1.00 41.16 ? 456 SER A O   1 
ATOM   677  C  CB  . SER A 1 101 ? 11.215  -1.493  14.553  1.00 51.08 ? 456 SER A CB  1 
ATOM   678  O  OG  . SER A 1 101 ? 12.448  -0.774  14.489  1.00 77.65 ? 456 SER A OG  1 
ATOM   679  N  N   . PRO A 1 102 ? 9.469   -4.104  12.719  1.00 31.88 ? 457 PRO A N   1 
ATOM   680  C  CA  . PRO A 1 102 ? 8.186   -4.463  12.109  1.00 29.71 ? 457 PRO A CA  1 
ATOM   681  C  C   . PRO A 1 102 ? 7.003   -3.917  12.881  1.00 30.94 ? 457 PRO A C   1 
ATOM   682  O  O   . PRO A 1 102 ? 7.060   -3.782  14.101  1.00 29.91 ? 457 PRO A O   1 
ATOM   683  C  CB  . PRO A 1 102 ? 8.206   -5.984  12.109  1.00 27.77 ? 457 PRO A CB  1 
ATOM   684  C  CG  . PRO A 1 102 ? 9.673   -6.317  12.087  1.00 29.63 ? 457 PRO A CG  1 
ATOM   685  C  CD  . PRO A 1 102 ? 10.311  -5.280  12.987  1.00 26.60 ? 457 PRO A CD  1 
ATOM   686  N  N   . ILE A 1 103 ? 5.938   -3.574  12.172  1.00 28.17 ? 458 ILE A N   1 
ATOM   687  C  CA  . ILE A 1 103 ? 4.706   -3.109  12.852  1.00 25.18 ? 458 ILE A CA  1 
ATOM   688  C  C   . ILE A 1 103 ? 3.868   -4.354  13.148  1.00 30.12 ? 458 ILE A C   1 
ATOM   689  O  O   . ILE A 1 103 ? 3.540   -5.110  12.237  1.00 33.56 ? 458 ILE A O   1 
ATOM   690  C  CB  . ILE A 1 103 ? 3.939   -2.162  11.914  1.00 27.68 ? 458 ILE A CB  1 
ATOM   691  C  CG1 . ILE A 1 103 ? 4.680   -0.808  11.771  1.00 30.21 ? 458 ILE A CG1 1 
ATOM   692  C  CG2 . ILE A 1 103 ? 2.526   -1.933  12.412  1.00 32.10 ? 458 ILE A CG2 1 
ATOM   693  C  CD1 . ILE A 1 103 ? 4.518   -0.149  10.446  1.00 23.75 ? 458 ILE A CD1 1 
ATOM   694  N  N   . ALA A 1 104 ? 3.671   -4.646  14.428  1.00 30.99 ? 459 ALA A N   1 
ATOM   695  C  CA  . ALA A 1 104 ? 3.007   -5.885  14.831  1.00 30.18 ? 459 ALA A CA  1 
ATOM   696  C  C   . ALA A 1 104 ? 1.706   -5.589  15.569  1.00 32.05 ? 459 ALA A C   1 
ATOM   697  O  O   . ALA A 1 104 ? 1.561   -4.519  16.159  1.00 29.10 ? 459 ALA A O   1 
ATOM   698  C  CB  . ALA A 1 104 ? 3.949   -6.692  15.714  1.00 30.38 ? 459 ALA A CB  1 
ATOM   699  N  N   . PRO A 1 105 ? 0.776   -6.541  15.522  1.00 33.65 ? 460 PRO A N   1 
ATOM   700  C  CA  . PRO A 1 105 ? -0.525  -6.380  16.153  1.00 35.93 ? 460 PRO A CA  1 
ATOM   701  C  C   . PRO A 1 105 ? -0.434  -6.381  17.679  1.00 40.49 ? 460 PRO A C   1 
ATOM   702  O  O   . PRO A 1 105 ? 0.364   -7.095  18.266  1.00 38.10 ? 460 PRO A O   1 
ATOM   703  C  CB  . PRO A 1 105 ? -1.338  -7.556  15.671  1.00 33.57 ? 460 PRO A CB  1 
ATOM   704  C  CG  . PRO A 1 105 ? -0.433  -8.450  14.938  1.00 34.09 ? 460 PRO A CG  1 
ATOM   705  C  CD  . PRO A 1 105 ? 0.929   -7.871  14.912  1.00 32.98 ? 460 PRO A CD  1 
ATOM   706  N  N   . CYS A 1 106 ? -1.288  -5.574  18.305  1.00 42.47 ? 461 CYS A N   1 
ATOM   707  C  CA  . CYS A 1 106 ? -1.313  -5.529  19.763  1.00 45.68 ? 461 CYS A CA  1 
ATOM   708  C  C   . CYS A 1 106 ? -1.915  -6.805  20.315  1.00 48.00 ? 461 CYS A C   1 
ATOM   709  O  O   . CYS A 1 106 ? -1.734  -7.159  21.471  1.00 51.95 ? 461 CYS A O   1 
ATOM   710  C  CB  . CYS A 1 106 ? -2.035  -4.287  20.256  1.00 48.04 ? 461 CYS A CB  1 
ATOM   711  S  SG  . CYS A 1 106 ? -0.954  -2.845  20.463  1.00 82.71 ? 461 CYS A SG  1 
ATOM   712  N  N   . SER A 1 107 ? -2.619  -7.554  19.462  1.00 51.21 ? 462 SER A N   1 
ATOM   713  C  CA  . SER A 1 107 ? -3.161  -8.846  19.939  1.00 54.06 ? 462 SER A CA  1 
ATOM   714  C  C   . SER A 1 107 ? -2.938  -9.911  18.856  1.00 57.46 ? 462 SER A C   1 
ATOM   715  O  O   . SER A 1 107 ? -3.145  -9.626  17.668  1.00 61.21 ? 462 SER A O   1 
ATOM   716  C  CB  . SER A 1 107 ? -4.652  -8.696  20.234  1.00 53.74 ? 462 SER A CB  1 
ATOM   717  O  OG  . SER A 1 107 ? -5.323  -9.940  20.063  1.00 59.27 ? 462 SER A OG  1 
ATOM   718  N  N   . LEU A 1 108 ? -2.530  -11.090 19.250  1.00 59.63 ? 463 LEU A N   1 
ATOM   719  C  CA  . LEU A 1 108 ? -2.266  -12.211 18.327  1.00 63.46 ? 463 LEU A CA  1 
ATOM   720  C  C   . LEU A 1 108 ? -3.553  -12.568 17.570  1.00 57.83 ? 463 LEU A C   1 
ATOM   721  O  O   . LEU A 1 108 ? -3.496  -13.165 16.491  1.00 55.04 ? 463 LEU A O   1 
ATOM   722  C  CB  . LEU A 1 108 ? -1.844  -13.425 19.167  1.00 72.90 ? 463 LEU A CB  1 
ATOM   723  C  CG  . LEU A 1 108 ? -0.935  -14.474 18.581  1.00 79.13 ? 463 LEU A CG  1 
ATOM   724  C  CD1 . LEU A 1 108 ? -0.576  -15.529 19.651  1.00 81.38 ? 463 LEU A CD1 1 
ATOM   725  C  CD2 . LEU A 1 108 ? -1.567  -15.188 17.386  1.00 88.97 ? 463 LEU A CD2 1 
ATOM   726  N  N   . ASP A 1 109 ? -4.688  -12.243 18.167  1.00 54.08 ? 464 ASP A N   1 
ATOM   727  C  CA  . ASP A 1 109 ? -5.983  -12.539 17.553  1.00 54.48 ? 464 ASP A CA  1 
ATOM   728  C  C   . ASP A 1 109 ? -6.209  -11.648 16.325  1.00 46.26 ? 464 ASP A C   1 
ATOM   729  O  O   . ASP A 1 109 ? -6.880  -12.033 15.379  1.00 55.23 ? 464 ASP A O   1 
ATOM   730  C  CB  . ASP A 1 109 ? -7.098  -12.231 18.580  1.00 62.56 ? 464 ASP A CB  1 
ATOM   731  C  CG  . ASP A 1 109 ? -7.120  -13.264 19.692  1.00 72.16 ? 464 ASP A CG  1 
ATOM   732  O  OD1 . ASP A 1 109 ? -6.764  -14.437 19.421  1.00 85.07 ? 464 ASP A OD1 1 
ATOM   733  O  OD2 . ASP A 1 109 ? -7.463  -12.907 20.841  1.00 82.11 ? 464 ASP A OD2 1 
ATOM   734  N  N   . LYS A 1 110 ? -5.637  -10.453 16.390  1.00 34.79 ? 465 LYS A N   1 
ATOM   735  C  CA  . LYS A 1 110 ? -5.764  -9.446  15.399  1.00 28.10 ? 465 LYS A CA  1 
ATOM   736  C  C   . LYS A 1 110 ? -4.738  -9.428  14.303  1.00 25.87 ? 465 LYS A C   1 
ATOM   737  O  O   . LYS A 1 110 ? -3.624  -9.940  14.414  1.00 30.11 ? 465 LYS A O   1 
ATOM   738  C  CB  . LYS A 1 110 ? -6.026  -8.089  16.010  1.00 26.82 ? 465 LYS A CB  1 
ATOM   739  C  CG  . LYS A 1 110 ? -7.353  -8.003  16.768  1.00 27.60 ? 465 LYS A CG  1 
ATOM   740  C  CD  . LYS A 1 110 ? -7.361  -6.739  17.615  1.00 31.71 ? 465 LYS A CD  1 
ATOM   741  C  CE  . LYS A 1 110 ? -8.669  -5.989  17.493  1.00 34.39 ? 465 LYS A CE  1 
ATOM   742  N  NZ  . LYS A 1 110 ? -8.512  -4.569  17.961  1.00 34.18 ? 465 LYS A NZ  1 
ATOM   743  N  N   . ARG A 1 111 ? -5.095  -8.820  13.163  1.00 22.33 ? 466 ARG A N   1 
ATOM   744  C  CA  . ARG A 1 111 ? -4.230  -8.768  12.007  1.00 20.50 ? 466 ARG A CA  1 
ATOM   745  C  C   . ARG A 1 111 ? -3.608  -7.376  11.772  1.00 18.51 ? 466 ARG A C   1 
ATOM   746  O  O   . ARG A 1 111 ? -4.177  -6.344  12.090  1.00 20.25 ? 466 ARG A O   1 
ATOM   747  C  CB  . ARG A 1 111 ? -5.061  -9.068  10.732  1.00 16.43 ? 466 ARG A CB  1 
ATOM   748  C  CG  . ARG A 1 111 ? -5.610  -10.470 10.630  1.00 13.63 ? 466 ARG A CG  1 
ATOM   749  C  CD  . ARG A 1 111 ? -6.425  -10.625 9.363   1.00 15.92 ? 466 ARG A CD  1 
ATOM   750  N  NE  . ARG A 1 111 ? -7.278  -11.809 9.341   1.00 20.79 ? 466 ARG A NE  1 
ATOM   751  C  CZ  . ARG A 1 111 ? -7.392  -12.608 8.269   1.00 25.72 ? 466 ARG A CZ  1 
ATOM   752  N  NH1 . ARG A 1 111 ? -6.678  -12.370 7.170   1.00 19.39 ? 466 ARG A NH1 1 
ATOM   753  N  NH2 . ARG A 1 111 ? -8.188  -13.676 8.290   1.00 23.56 ? 466 ARG A NH2 1 
ATOM   754  N  N   . VAL A 1 112 ? -2.483  -7.419  11.074  1.00 11.21 ? 467 VAL A N   1 
ATOM   755  C  CA  . VAL A 1 112 ? -1.867  -6.208  10.524  1.00 11.02 ? 467 VAL A CA  1 
ATOM   756  C  C   . VAL A 1 112 ? -1.982  -6.389  8.978   1.00 17.04 ? 467 VAL A C   1 
ATOM   757  O  O   . VAL A 1 112 ? -1.760  -7.527  8.523   1.00 19.68 ? 467 VAL A O   1 
ATOM   758  C  CB  . VAL A 1 112 ? -0.360  -6.162  10.871  1.00 14.28 ? 467 VAL A CB  1 
ATOM   759  C  CG1 . VAL A 1 112 ? 0.269   -4.886  10.296  1.00 11.42 ? 467 VAL A CG1 1 
ATOM   760  C  CG2 . VAL A 1 112 ? -0.249  -6.084  12.412  1.00 24.51 ? 467 VAL A CG2 1 
ATOM   761  N  N   . ILE A 1 113 ? -2.359  -5.358  8.276   1.00 17.11 ? 468 ILE A N   1 
ATOM   762  C  CA  . ILE A 1 113 ? -2.494  -5.445  6.786   1.00 16.39 ? 468 ILE A CA  1 
ATOM   763  C  C   . ILE A 1 113 ? -1.768  -4.264  6.159   1.00 14.81 ? 468 ILE A C   1 
ATOM   764  O  O   . ILE A 1 113 ? -1.688  -3.178  6.745   1.00 13.10 ? 468 ILE A O   1 
ATOM   765  C  CB  . ILE A 1 113 ? -4.001  -5.401  6.459   1.00 16.60 ? 468 ILE A CB  1 
ATOM   766  C  CG1 . ILE A 1 113 ? -4.706  -6.724  6.821   1.00 15.00 ? 468 ILE A CG1 1 
ATOM   767  C  CG2 . ILE A 1 113 ? -4.276  -5.027  5.029   1.00 16.11 ? 468 ILE A CG2 1 
ATOM   768  C  CD1 . ILE A 1 113 ? -6.195  -6.668  6.537   1.00 20.86 ? 468 ILE A CD1 1 
ATOM   769  N  N   . LEU A 1 114 ? -1.164  -4.443  4.989   1.00 12.06 ? 469 LEU A N   1 
ATOM   770  C  CA  . LEU A 1 114 ? -0.535  -3.317  4.293   1.00 11.01 ? 469 LEU A CA  1 
ATOM   771  C  C   . LEU A 1 114 ? -1.318  -3.139  2.943   1.00 13.08 ? 469 LEU A C   1 
ATOM   772  O  O   . LEU A 1 114 ? -1.642  -4.168  2.331   1.00 13.71 ? 469 LEU A O   1 
ATOM   773  C  CB  . LEU A 1 114 ? 0.897   -3.708  3.873   1.00 14.83 ? 469 LEU A CB  1 
ATOM   774  C  CG  . LEU A 1 114 ? 1.917   -3.910  4.976   1.00 19.99 ? 469 LEU A CG  1 
ATOM   775  C  CD1 . LEU A 1 114 ? 3.340   -3.830  4.411   1.00 16.87 ? 469 LEU A CD1 1 
ATOM   776  C  CD2 . LEU A 1 114 ? 1.737   -2.919  6.102   1.00 21.86 ? 469 LEU A CD2 1 
ATOM   777  N  N   . ILE A 1 115 ? -1.502  -1.914  2.556   1.00 11.46 ? 470 ILE A N   1 
ATOM   778  C  CA  . ILE A 1 115 ? -2.057  -1.490  1.280   1.00 13.44 ? 470 ILE A CA  1 
ATOM   779  C  C   . ILE A 1 115 ? -1.077  -0.568  0.558   1.00 12.91 ? 470 ILE A C   1 
ATOM   780  O  O   . ILE A 1 115 ? -0.613  0.432   1.067   1.00 15.10 ? 470 ILE A O   1 
ATOM   781  C  CB  . ILE A 1 115 ? -3.406  -0.767  1.419   1.00 15.43 ? 470 ILE A CB  1 
ATOM   782  C  CG1 . ILE A 1 115 ? -4.461  -1.662  2.126   1.00 20.38 ? 470 ILE A CG1 1 
ATOM   783  C  CG2 . ILE A 1 115 ? -3.953  -0.406  0.032   1.00 11.85 ? 470 ILE A CG2 1 
ATOM   784  C  CD1 . ILE A 1 115 ? -4.383  -1.555  3.618   1.00 23.88 ? 470 ILE A CD1 1 
ATOM   785  N  N   . PHE A 1 116 ? -0.676  -0.945  -0.662  1.00 9.69  ? 471 PHE A N   1 
ATOM   786  C  CA  . PHE A 1 116 ? 0.230   -0.039  -1.382  1.00 8.98  ? 471 PHE A CA  1 
ATOM   787  C  C   . PHE A 1 116 ? -0.588  0.602   -2.527  1.00 14.34 ? 471 PHE A C   1 
ATOM   788  O  O   . PHE A 1 116 ? -1.481  -0.037  -3.058  1.00 14.82 ? 471 PHE A O   1 
ATOM   789  C  CB  . PHE A 1 116 ? 1.260   -0.953  -2.135  1.00 9.53  ? 471 PHE A CB  1 
ATOM   790  C  CG  . PHE A 1 116 ? 2.234   -1.555  -1.126  1.00 14.81 ? 471 PHE A CG  1 
ATOM   791  C  CD1 . PHE A 1 116 ? 1.892   -2.703  -0.437  1.00 18.58 ? 471 PHE A CD1 1 
ATOM   792  C  CD2 . PHE A 1 116 ? 3.444   -0.945  -0.878  1.00 12.72 ? 471 PHE A CD2 1 
ATOM   793  C  CE1 . PHE A 1 116 ? 2.760   -3.254  0.506   1.00 18.72 ? 471 PHE A CE1 1 
ATOM   794  C  CE2 . PHE A 1 116 ? 4.322   -1.508  0.022   1.00 16.28 ? 471 PHE A CE2 1 
ATOM   795  C  CZ  . PHE A 1 116 ? 3.992   -2.663  0.705   1.00 17.83 ? 471 PHE A CZ  1 
ATOM   796  N  N   . HIS A 1 117 ? -0.146  1.759   -2.961  1.00 15.69 ? 472 HIS A N   1 
ATOM   797  C  CA  . HIS A 1 117 ? -0.763  2.348   -4.171  1.00 15.89 ? 472 HIS A CA  1 
ATOM   798  C  C   . HIS A 1 117 ? 0.158   3.480   -4.661  1.00 16.82 ? 472 HIS A C   1 
ATOM   799  O  O   . HIS A 1 117 ? 0.919   4.002   -3.865  1.00 15.79 ? 472 HIS A O   1 
ATOM   800  C  CB  . HIS A 1 117 ? -2.128  2.920   -3.819  1.00 14.26 ? 472 HIS A CB  1 
ATOM   801  C  CG  . HIS A 1 117 ? -2.104  4.238   -3.112  1.00 13.86 ? 472 HIS A CG  1 
ATOM   802  N  ND1 . HIS A 1 117 ? -1.937  5.433   -3.772  1.00 13.13 ? 472 HIS A ND1 1 
ATOM   803  C  CD2 . HIS A 1 117 ? -2.289  4.564   -1.813  1.00 14.43 ? 472 HIS A CD2 1 
ATOM   804  C  CE1 . HIS A 1 117 ? -1.991  6.438   -2.931  1.00 13.64 ? 472 HIS A CE1 1 
ATOM   805  N  NE2 . HIS A 1 117 ? -2.207  5.930   -1.718  1.00 16.64 ? 472 HIS A NE2 1 
ATOM   806  N  N   . CYS A 1 118 ? 0.017   3.827   -5.917  1.00 21.93 ? 473 CYS A N   1 
ATOM   807  C  CA  . CYS A 1 118 ? 0.662   4.979   -6.520  1.00 24.16 ? 473 CYS A CA  1 
ATOM   808  C  C   . CYS A 1 118 ? -0.393  5.873   -7.162  1.00 23.38 ? 473 CYS A C   1 
ATOM   809  O  O   . CYS A 1 118 ? -1.525  5.999   -6.652  1.00 13.50 ? 473 CYS A O   1 
ATOM   810  C  CB  . CYS A 1 118 ? 1.798   4.618   -7.433  1.00 24.67 ? 473 CYS A CB  1 
ATOM   811  S  SG  . CYS A 1 118 ? 1.442   3.298   -8.622  1.00 22.34 ? 473 CYS A SG  1 
ATOM   812  N  N   . GLU A 1 119 ? -0.091  6.486   -8.290  1.00 23.26 ? 474 GLU A N   1 
ATOM   813  C  CA  . GLU A 1 119 ? -1.113  7.342   -8.926  1.00 24.76 ? 474 GLU A CA  1 
ATOM   814  C  C   . GLU A 1 119 ? -2.164  6.463   -9.580  1.00 23.18 ? 474 GLU A C   1 
ATOM   815  O  O   . GLU A 1 119 ? -3.357  6.733   -9.477  1.00 24.51 ? 474 GLU A O   1 
ATOM   816  C  CB  . GLU A 1 119 ? -0.456  8.289   -9.920  1.00 25.18 ? 474 GLU A CB  1 
ATOM   817  C  CG  . GLU A 1 119 ? -1.362  9.273   -10.613 1.00 24.76 ? 474 GLU A CG  1 
ATOM   818  C  CD  . GLU A 1 119 ? -0.645  10.298  -11.459 1.00 26.61 ? 474 GLU A CD  1 
ATOM   819  O  OE1 . GLU A 1 119 ? 0.586   10.196  -11.672 1.00 26.22 ? 474 GLU A OE1 1 
ATOM   820  O  OE2 . GLU A 1 119 ? -1.315  11.247  -11.915 1.00 28.36 ? 474 GLU A OE2 1 
ATOM   821  N  N   . PHE A 1 120 ? -1.711  5.414   -10.288 1.00 19.47 ? 475 PHE A N   1 
ATOM   822  C  CA  . PHE A 1 120 ? -2.667  4.509   -10.916 1.00 25.01 ? 475 PHE A CA  1 
ATOM   823  C  C   . PHE A 1 120 ? -2.531  3.091   -10.324 1.00 23.82 ? 475 PHE A C   1 
ATOM   824  O  O   . PHE A 1 120 ? -3.260  2.213   -10.795 1.00 21.78 ? 475 PHE A O   1 
ATOM   825  C  CB  . PHE A 1 120 ? -2.333  4.343   -12.439 1.00 32.98 ? 475 PHE A CB  1 
ATOM   826  C  CG  . PHE A 1 120 ? -2.271  5.692   -13.136 1.00 37.39 ? 475 PHE A CG  1 
ATOM   827  C  CD1 . PHE A 1 120 ? -3.427  6.415   -13.365 1.00 40.47 ? 475 PHE A CD1 1 
ATOM   828  C  CD2 . PHE A 1 120 ? -1.048  6.235   -13.493 1.00 37.57 ? 475 PHE A CD2 1 
ATOM   829  C  CE1 . PHE A 1 120 ? -3.361  7.678   -13.929 1.00 41.44 ? 475 PHE A CE1 1 
ATOM   830  C  CE2 . PHE A 1 120 ? -0.974  7.480   -14.069 1.00 37.75 ? 475 PHE A CE2 1 
ATOM   831  C  CZ  . PHE A 1 120 ? -2.135  8.215   -14.270 1.00 41.20 ? 475 PHE A CZ  1 
ATOM   832  N  N   . SER A 1 121 ? -1.573  2.918   -9.440  1.00 23.04 ? 476 SER A N   1 
ATOM   833  C  CA  . SER A 1 121 ? -1.310  1.572   -8.873  1.00 26.36 ? 476 SER A CA  1 
ATOM   834  C  C   . SER A 1 121 ? -0.999  0.617   -10.027 1.00 28.40 ? 476 SER A C   1 
ATOM   835  O  O   . SER A 1 121 ? -1.370  -0.538  -10.063 1.00 24.40 ? 476 SER A O   1 
ATOM   836  C  CB  . SER A 1 121 ? -2.565  1.079   -8.139  1.00 22.51 ? 476 SER A CB  1 
ATOM   837  O  OG  . SER A 1 121 ? -2.648  1.688   -6.861  1.00 25.17 ? 476 SER A OG  1 
ATOM   838  N  N   . SER A 1 122 ? -0.307  1.169   -11.031 1.00 29.82 ? 477 SER A N   1 
ATOM   839  C  CA  . SER A 1 122 ? 0.034   0.317   -12.174 1.00 32.41 ? 477 SER A CA  1 
ATOM   840  C  C   . SER A 1 122 ? 1.463   -0.162  -12.124 1.00 33.71 ? 477 SER A C   1 
ATOM   841  O  O   . SER A 1 122 ? 1.764   -1.341  -12.367 1.00 30.48 ? 477 SER A O   1 
ATOM   842  C  CB  . SER A 1 122 ? -0.377  0.983   -13.463 1.00 32.61 ? 477 SER A CB  1 
ATOM   843  O  OG  . SER A 1 122 ? 0.612   0.937   -14.459 1.00 51.83 ? 477 SER A OG  1 
ATOM   844  N  N   . GLU A 1 123 ? 2.409   0.715   -11.764 1.00 34.75 ? 478 GLU A N   1 
ATOM   845  C  CA  . GLU A 1 123 ? 3.803   0.332   -11.714 1.00 37.68 ? 478 GLU A CA  1 
ATOM   846  C  C   . GLU A 1 123 ? 4.423   0.469   -10.335 1.00 33.27 ? 478 GLU A C   1 
ATOM   847  O  O   . GLU A 1 123 ? 4.811   -0.507  -9.698  1.00 31.70 ? 478 GLU A O   1 
ATOM   848  C  CB  . GLU A 1 123 ? 4.604   1.215   -12.705 1.00 50.44 ? 478 GLU A CB  1 
ATOM   849  C  CG  . GLU A 1 123 ? 5.100   0.415   -13.904 1.00 66.54 ? 478 GLU A CG  1 
ATOM   850  C  CD  . GLU A 1 123 ? 4.542   -0.999  -13.911 1.00 77.85 ? 478 GLU A CD  1 
ATOM   851  O  OE1 . GLU A 1 123 ? 5.071   -1.858  -13.170 1.00 91.96 ? 478 GLU A OE1 1 
ATOM   852  O  OE2 . GLU A 1 123 ? 3.574   -1.245  -14.663 1.00 90.99 ? 478 GLU A OE2 1 
ATOM   853  N  N   . ARG A 1 124 ? 4.588   1.712   -9.896  1.00 32.56 ? 479 ARG A N   1 
ATOM   854  C  CA  . ARG A 1 124 ? 5.236   2.024   -8.648  1.00 30.85 ? 479 ARG A CA  1 
ATOM   855  C  C   . ARG A 1 124 ? 4.723   1.179   -7.492  1.00 29.27 ? 479 ARG A C   1 
ATOM   856  O  O   . ARG A 1 124 ? 5.525   0.488   -6.857  1.00 24.77 ? 479 ARG A O   1 
ATOM   857  C  CB  . ARG A 1 124 ? 5.223   3.520   -8.341  1.00 28.68 ? 479 ARG A CB  1 
ATOM   858  C  CG  . ARG A 1 124 ? 6.250   4.327   -9.128  1.00 29.75 ? 479 ARG A CG  1 
ATOM   859  C  CD  . ARG A 1 124 ? 6.137   5.828   -8.914  1.00 27.73 ? 479 ARG A CD  1 
ATOM   860  N  NE  . ARG A 1 124 ? 4.837   6.372   -9.297  1.00 23.47 ? 479 ARG A NE  1 
ATOM   861  C  CZ  . ARG A 1 124 ? 4.468   7.633   -9.154  1.00 25.20 ? 479 ARG A CZ  1 
ATOM   862  N  NH1 . ARG A 1 124 ? 5.313   8.534   -8.655  1.00 20.77 ? 479 ARG A NH1 1 
ATOM   863  N  NH2 . ARG A 1 124 ? 3.249   8.025   -9.515  1.00 21.52 ? 479 ARG A NH2 1 
ATOM   864  N  N   . GLY A 1 125 ? 3.425   1.189   -7.254  1.00 28.23 ? 480 GLY A N   1 
ATOM   865  C  CA  . GLY A 1 125 ? 2.765   0.464   -6.197  1.00 24.85 ? 480 GLY A CA  1 
ATOM   866  C  C   . GLY A 1 125 ? 3.131   -1.010  -6.191  1.00 25.92 ? 480 GLY A C   1 
ATOM   867  O  O   . GLY A 1 125 ? 3.728   -1.510  -5.224  1.00 24.24 ? 480 GLY A O   1 
ATOM   868  N  N   . PRO A 1 126 ? 2.764   -1.722  -7.239  1.00 24.45 ? 481 PRO A N   1 
ATOM   869  C  CA  . PRO A 1 126 ? 3.067   -3.137  -7.380  1.00 27.06 ? 481 PRO A CA  1 
ATOM   870  C  C   . PRO A 1 126 ? 4.508   -3.509  -7.140  1.00 29.49 ? 481 PRO A C   1 
ATOM   871  O  O   . PRO A 1 126 ? 4.842   -4.532  -6.491  1.00 22.07 ? 481 PRO A O   1 
ATOM   872  C  CB  . PRO A 1 126 ? 2.656   -3.394  -8.853  1.00 29.52 ? 481 PRO A CB  1 
ATOM   873  C  CG  . PRO A 1 126 ? 1.475   -2.481  -9.026  1.00 26.81 ? 481 PRO A CG  1 
ATOM   874  C  CD  . PRO A 1 126 ? 1.854   -1.215  -8.275  1.00 24.62 ? 481 PRO A CD  1 
ATOM   875  N  N   . ARG A 1 127 ? 5.427   -2.691  -7.659  1.00 30.28 ? 482 ARG A N   1 
ATOM   876  C  CA  . ARG A 1 127 ? 6.856   -2.963  -7.520  1.00 29.96 ? 482 ARG A CA  1 
ATOM   877  C  C   . ARG A 1 127 ? 7.286   -2.916  -6.057  1.00 22.65 ? 482 ARG A C   1 
ATOM   878  O  O   . ARG A 1 127 ? 7.956   -3.805  -5.556  1.00 21.72 ? 482 ARG A O   1 
ATOM   879  C  CB  . ARG A 1 127 ? 7.661   -1.892  -8.295  1.00 38.79 ? 482 ARG A CB  1 
ATOM   880  C  CG  . ARG A 1 127 ? 8.969   -2.432  -8.841  1.00 48.65 ? 482 ARG A CG  1 
ATOM   881  C  CD  . ARG A 1 127 ? 9.833   -1.321  -9.399  1.00 60.23 ? 482 ARG A CD  1 
ATOM   882  N  NE  . ARG A 1 127 ? 10.163  -0.323  -8.394  1.00 72.15 ? 482 ARG A NE  1 
ATOM   883  C  CZ  . ARG A 1 127 ? 9.883   0.973   -8.474  1.00 79.94 ? 482 ARG A CZ  1 
ATOM   884  N  NH1 . ARG A 1 127 ? 9.235   1.460   -9.529  1.00 85.76 ? 482 ARG A NH1 1 
ATOM   885  N  NH2 . ARG A 1 127 ? 10.241  1.797   -7.489  1.00 85.48 ? 482 ARG A NH2 1 
ATOM   886  N  N   . MET A 1 128 ? 6.872   -1.845  -5.381  1.00 18.66 ? 483 MET A N   1 
ATOM   887  C  CA  . MET A 1 128 ? 7.228   -1.695  -3.968  1.00 17.34 ? 483 MET A CA  1 
ATOM   888  C  C   . MET A 1 128 ? 6.645   -2.856  -3.154  1.00 17.97 ? 483 MET A C   1 
ATOM   889  O  O   . MET A 1 128 ? 7.276   -3.348  -2.228  1.00 18.66 ? 483 MET A O   1 
ATOM   890  C  CB  . MET A 1 128 ? 6.709   -0.361  -3.446  1.00 13.80 ? 483 MET A CB  1 
ATOM   891  C  CG  . MET A 1 128 ? 7.218   -0.034  -2.047  1.00 15.44 ? 483 MET A CG  1 
ATOM   892  S  SD  . MET A 1 128 ? 9.000   0.214   -2.031  1.00 31.07 ? 483 MET A SD  1 
ATOM   893  C  CE  . MET A 1 128 ? 9.121   1.716   -3.034  1.00 30.60 ? 483 MET A CE  1 
ATOM   894  N  N   . CYS A 1 129 ? 5.450   -3.289  -3.548  1.00 16.57 ? 484 CYS A N   1 
ATOM   895  C  CA  . CYS A 1 129 ? 4.790   -4.407  -2.881  1.00 16.53 ? 484 CYS A CA  1 
ATOM   896  C  C   . CYS A 1 129 ? 5.609   -5.679  -3.063  1.00 19.54 ? 484 CYS A C   1 
ATOM   897  O  O   . CYS A 1 129 ? 5.923   -6.379  -2.103  1.00 17.73 ? 484 CYS A O   1 
ATOM   898  C  CB  . CYS A 1 129 ? 3.373   -4.602  -3.448  1.00 14.37 ? 484 CYS A CB  1 
ATOM   899  S  SG  . CYS A 1 129 ? 2.376   -5.716  -2.346  1.00 21.18 ? 484 CYS A SG  1 
ATOM   900  N  N   . ARG A 1 130 ? 6.004   -5.962  -4.317  1.00 17.55 ? 485 ARG A N   1 
ATOM   901  C  CA  . ARG A 1 130 ? 6.804   -7.195  -4.512  1.00 17.52 ? 485 ARG A CA  1 
ATOM   902  C  C   . ARG A 1 130 ? 8.120   -7.094  -3.786  1.00 17.02 ? 485 ARG A C   1 
ATOM   903  O  O   . ARG A 1 130 ? 8.661   -8.065  -3.237  1.00 17.12 ? 485 ARG A O   1 
ATOM   904  C  CB  . ARG A 1 130 ? 7.026   -7.393  -6.013  1.00 18.62 ? 485 ARG A CB  1 
ATOM   905  C  CG  . ARG A 1 130 ? 5.744   -7.721  -6.772  1.00 22.04 ? 485 ARG A CG  1 
ATOM   906  C  CD  . ARG A 1 130 ? 6.088   -8.155  -8.218  1.00 26.60 ? 485 ARG A CD  1 
ATOM   907  N  NE  . ARG A 1 130 ? 4.863   -8.205  -9.035  1.00 31.62 ? 485 ARG A NE  1 
ATOM   908  C  CZ  . ARG A 1 130 ? 4.110   -9.302  -9.132  1.00 33.03 ? 485 ARG A CZ  1 
ATOM   909  N  NH1 . ARG A 1 130 ? 4.482   -10.405 -8.487  1.00 28.21 ? 485 ARG A NH1 1 
ATOM   910  N  NH2 . ARG A 1 130 ? 3.000   -9.305  -9.858  1.00 35.09 ? 485 ARG A NH2 1 
ATOM   911  N  N   . PHE A 1 131 ? 8.686   -5.886  -3.756  1.00 18.37 ? 486 PHE A N   1 
ATOM   912  C  CA  . PHE A 1 131 ? 10.001  -5.748  -3.087  1.00 22.87 ? 486 PHE A CA  1 
ATOM   913  C  C   . PHE A 1 131 ? 9.919   -6.018  -1.606  1.00 26.04 ? 486 PHE A C   1 
ATOM   914  O  O   . PHE A 1 131 ? 10.774  -6.680  -1.002  1.00 20.19 ? 486 PHE A O   1 
ATOM   915  C  CB  . PHE A 1 131 ? 10.538  -4.346  -3.374  1.00 22.09 ? 486 PHE A CB  1 
ATOM   916  C  CG  . PHE A 1 131 ? 11.643  -3.914  -2.430  1.00 23.27 ? 486 PHE A CG  1 
ATOM   917  C  CD1 . PHE A 1 131 ? 12.934  -4.381  -2.616  1.00 21.32 ? 486 PHE A CD1 1 
ATOM   918  C  CD2 . PHE A 1 131 ? 11.372  -3.069  -1.372  1.00 24.11 ? 486 PHE A CD2 1 
ATOM   919  C  CE1 . PHE A 1 131 ? 13.928  -3.995  -1.735  1.00 18.01 ? 486 PHE A CE1 1 
ATOM   920  C  CE2 . PHE A 1 131 ? 12.369  -2.677  -0.503  1.00 23.65 ? 486 PHE A CE2 1 
ATOM   921  C  CZ  . PHE A 1 131 ? 13.647  -3.161  -0.693  1.00 18.68 ? 486 PHE A CZ  1 
ATOM   922  N  N   . ILE A 1 132 ? 8.872   -5.513  -0.939  1.00 25.05 ? 487 ILE A N   1 
ATOM   923  C  CA  . ILE A 1 132 ? 8.741   -5.771  0.506   1.00 19.57 ? 487 ILE A CA  1 
ATOM   924  C  C   . ILE A 1 132 ? 8.548   -7.241  0.795   1.00 17.48 ? 487 ILE A C   1 
ATOM   925  O  O   . ILE A 1 132 ? 9.081   -7.772  1.792   1.00 17.38 ? 487 ILE A O   1 
ATOM   926  C  CB  . ILE A 1 132 ? 7.581   -4.928  1.080   1.00 17.28 ? 487 ILE A CB  1 
ATOM   927  C  CG1 . ILE A 1 132 ? 7.920   -3.410  1.104   1.00 17.96 ? 487 ILE A CG1 1 
ATOM   928  C  CG2 . ILE A 1 132 ? 7.258   -5.381  2.505   1.00 15.38 ? 487 ILE A CG2 1 
ATOM   929  C  CD1 . ILE A 1 132 ? 9.162   -3.120  1.948   1.00 19.23 ? 487 ILE A CD1 1 
ATOM   930  N  N   . ARG A 1 133 ? 7.833   -7.982  -0.052  1.00 15.42 ? 488 ARG A N   1 
ATOM   931  C  CA  . ARG A 1 133 ? 7.634   -9.420  0.210   1.00 17.63 ? 488 ARG A CA  1 
ATOM   932  C  C   . ARG A 1 133 ? 8.949   -10.182 0.039   1.00 21.30 ? 488 ARG A C   1 
ATOM   933  O  O   . ARG A 1 133 ? 9.238   -11.159 0.733   1.00 20.48 ? 488 ARG A O   1 
ATOM   934  C  CB  . ARG A 1 133 ? 6.559   -9.994  -0.703  1.00 16.62 ? 488 ARG A CB  1 
ATOM   935  C  CG  . ARG A 1 133 ? 6.483   -11.519 -0.734  1.00 17.70 ? 488 ARG A CG  1 
ATOM   936  C  CD  . ARG A 1 133 ? 6.086   -12.117 0.591   1.00 15.42 ? 488 ARG A CD  1 
ATOM   937  N  NE  . ARG A 1 133 ? 4.910   -11.492 1.203   1.00 15.63 ? 488 ARG A NE  1 
ATOM   938  C  CZ  . ARG A 1 133 ? 3.659   -11.892 0.999   1.00 15.43 ? 488 ARG A CZ  1 
ATOM   939  N  NH1 . ARG A 1 133 ? 3.393   -12.891 0.167   1.00 12.41 ? 488 ARG A NH1 1 
ATOM   940  N  NH2 . ARG A 1 133 ? 2.649   -11.278 1.615   1.00 15.00 ? 488 ARG A NH2 1 
ATOM   941  N  N   . GLU A 1 134 ? 9.756   -9.715  -0.892  1.00 20.88 ? 489 GLU A N   1 
ATOM   942  C  CA  . GLU A 1 134 ? 11.074  -10.353 -1.144  1.00 24.52 ? 489 GLU A CA  1 
ATOM   943  C  C   . GLU A 1 134 ? 11.954  -10.222 0.086   1.00 19.45 ? 489 GLU A C   1 
ATOM   944  O  O   . GLU A 1 134 ? 12.540  -11.190 0.568   1.00 21.04 ? 489 GLU A O   1 
ATOM   945  C  CB  . GLU A 1 134 ? 11.650  -9.719  -2.366  1.00 34.17 ? 489 GLU A CB  1 
ATOM   946  C  CG  . GLU A 1 134 ? 12.851  -10.271 -3.049  1.00 49.16 ? 489 GLU A CG  1 
ATOM   947  C  CD  . GLU A 1 134 ? 13.618  -9.141  -3.769  1.00 62.88 ? 489 GLU A CD  1 
ATOM   948  O  OE1 . GLU A 1 134 ? 13.071  -8.619  -4.763  1.00 79.80 ? 489 GLU A OE1 1 
ATOM   949  O  OE2 . GLU A 1 134 ? 14.674  -8.744  -3.248  1.00 77.32 ? 489 GLU A OE2 1 
ATOM   950  N  N   . ARG A 1 135 ? 12.029  -9.011  0.644   1.00 13.02 ? 490 ARG A N   1 
ATOM   951  C  CA  . ARG A 1 135 ? 12.828  -8.774  1.825   1.00 15.10 ? 490 ARG A CA  1 
ATOM   952  C  C   . ARG A 1 135 ? 12.257  -9.475  3.050   1.00 18.76 ? 490 ARG A C   1 
ATOM   953  O  O   . ARG A 1 135 ? 13.009  -9.907  3.914   1.00 23.30 ? 490 ARG A O   1 
ATOM   954  C  CB  . ARG A 1 135 ? 12.849  -7.251  2.126   1.00 17.34 ? 490 ARG A CB  1 
ATOM   955  C  CG  . ARG A 1 135 ? 13.513  -6.506  0.956   1.00 22.35 ? 490 ARG A CG  1 
ATOM   956  C  CD  . ARG A 1 135 ? 14.949  -7.027  0.777   1.00 25.86 ? 490 ARG A CD  1 
ATOM   957  N  NE  . ARG A 1 135 ? 15.667  -6.912  2.067   1.00 36.02 ? 490 ARG A NE  1 
ATOM   958  C  CZ  . ARG A 1 135 ? 16.649  -7.766  2.389   1.00 42.57 ? 490 ARG A CZ  1 
ATOM   959  N  NH1 . ARG A 1 135 ? 16.990  -8.706  1.512   1.00 39.87 ? 490 ARG A NH1 1 
ATOM   960  N  NH2 . ARG A 1 135 ? 17.271  -7.669  3.553   1.00 46.06 ? 490 ARG A NH2 1 
ATOM   961  N  N   . ASP A 1 136 ? 10.935  -9.494  3.137   1.00 20.14 ? 491 ASP A N   1 
ATOM   962  C  CA  . ASP A 1 136 ? 10.280  -10.163 4.290   1.00 19.49 ? 491 ASP A CA  1 
ATOM   963  C  C   . ASP A 1 136 ? 10.621  -11.661 4.228   1.00 19.85 ? 491 ASP A C   1 
ATOM   964  O  O   . ASP A 1 136 ? 10.923  -12.295 5.236   1.00 18.92 ? 491 ASP A O   1 
ATOM   965  C  CB  . ASP A 1 136 ? 8.793   -9.896  4.230   1.00 19.49 ? 491 ASP A CB  1 
ATOM   966  C  CG  . ASP A 1 136 ? 8.001   -10.096 5.477   1.00 21.84 ? 491 ASP A CG  1 
ATOM   967  O  OD1 . ASP A 1 136 ? 8.542   -10.584 6.497   1.00 25.65 ? 491 ASP A OD1 1 
ATOM   968  O  OD2 . ASP A 1 136 ? 6.760   -9.824  5.494   1.00 16.85 ? 491 ASP A OD2 1 
ATOM   969  N  N   . ARG A 1 137 ? 10.625  -12.238 3.034   1.00 19.65 ? 492 ARG A N   1 
ATOM   970  C  CA  . ARG A 1 137 ? 10.984  -13.644 2.868   1.00 20.50 ? 492 ARG A CA  1 
ATOM   971  C  C   . ARG A 1 137 ? 12.449  -13.858 3.253   1.00 25.43 ? 492 ARG A C   1 
ATOM   972  O  O   . ARG A 1 137 ? 12.815  -14.826 3.907   1.00 30.51 ? 492 ARG A O   1 
ATOM   973  C  CB  . ARG A 1 137 ? 10.787  -14.088 1.410   1.00 18.39 ? 492 ARG A CB  1 
ATOM   974  C  CG  . ARG A 1 137 ? 9.354   -14.350 1.020   1.00 19.98 ? 492 ARG A CG  1 
ATOM   975  C  CD  . ARG A 1 137 ? 8.806   -15.657 1.567   1.00 21.40 ? 492 ARG A CD  1 
ATOM   976  N  NE  . ARG A 1 137 ? 7.448   -15.922 1.051   1.00 20.03 ? 492 ARG A NE  1 
ATOM   977  C  CZ  . ARG A 1 137 ? 6.482   -16.503 1.751   1.00 22.80 ? 492 ARG A CZ  1 
ATOM   978  N  NH1 . ARG A 1 137 ? 6.701   -16.898 3.000   1.00 16.59 ? 492 ARG A NH1 1 
ATOM   979  N  NH2 . ARG A 1 137 ? 5.269   -16.706 1.215   1.00 19.86 ? 492 ARG A NH2 1 
ATOM   980  N  N   . ALA A 1 138 ? 13.309  -12.942 2.822   1.00 26.21 ? 493 ALA A N   1 
ATOM   981  C  CA  . ALA A 1 138 ? 14.727  -13.070 3.091   1.00 23.93 ? 493 ALA A CA  1 
ATOM   982  C  C   . ALA A 1 138 ? 15.086  -13.111 4.545   1.00 22.24 ? 493 ALA A C   1 
ATOM   983  O  O   . ALA A 1 138 ? 15.960  -13.875 4.968   1.00 36.34 ? 493 ALA A O   1 
ATOM   984  C  CB  . ALA A 1 138 ? 15.497  -11.980 2.354   1.00 27.58 ? 493 ALA A CB  1 
ATOM   985  N  N   . VAL A 1 139 ? 14.475  -12.297 5.391   1.00 23.64 ? 494 VAL A N   1 
ATOM   986  C  CA  . VAL A 1 139 ? 14.842  -12.223 6.787   1.00 27.71 ? 494 VAL A CA  1 
ATOM   987  C  C   . VAL A 1 139 ? 14.067  -13.122 7.705   1.00 27.24 ? 494 VAL A C   1 
ATOM   988  O  O   . VAL A 1 139 ? 14.190  -13.029 8.939   1.00 31.62 ? 494 VAL A O   1 
ATOM   989  C  CB  . VAL A 1 139 ? 14.754  -10.753 7.302   1.00 29.49 ? 494 VAL A CB  1 
ATOM   990  C  CG1 . VAL A 1 139 ? 15.578  -9.848  6.378   1.00 34.69 ? 494 VAL A CG1 1 
ATOM   991  C  CG2 . VAL A 1 139 ? 13.303  -10.291 7.298   1.00 24.33 ? 494 VAL A CG2 1 
ATOM   992  N  N   . ASN A 1 140 ? 13.198  -13.990 7.188   1.00 26.63 ? 495 ASN A N   1 
ATOM   993  C  CA  . ASN A 1 140 ? 12.398  -14.833 8.089   1.00 24.04 ? 495 ASN A CA  1 
ATOM   994  C  C   . ASN A 1 140 ? 12.616  -16.301 7.762   1.00 25.90 ? 495 ASN A C   1 
ATOM   995  O  O   . ASN A 1 140 ? 13.059  -16.666 6.676   1.00 25.05 ? 495 ASN A O   1 
ATOM   996  C  CB  . ASN A 1 140 ? 10.894  -14.543 7.845   1.00 21.29 ? 495 ASN A CB  1 
ATOM   997  C  CG  . ASN A 1 140 ? 10.414  -13.405 8.706   1.00 26.98 ? 495 ASN A CG  1 
ATOM   998  O  OD1 . ASN A 1 140 ? 10.350  -13.516 9.931   1.00 36.18 ? 495 ASN A OD1 1 
ATOM   999  N  ND2 . ASN A 1 140 ? 10.111  -12.268 8.071   1.00 25.74 ? 495 ASN A ND2 1 
ATOM   1000 N  N   . ASP A 1 141 ? 12.204  -17.154 8.707   1.00 28.30 ? 496 ASP A N   1 
ATOM   1001 C  CA  . ASP A 1 141 ? 12.322  -18.605 8.362   1.00 30.41 ? 496 ASP A CA  1 
ATOM   1002 C  C   . ASP A 1 141 ? 11.055  -19.009 7.620   1.00 22.53 ? 496 ASP A C   1 
ATOM   1003 O  O   . ASP A 1 141 ? 9.952   -18.716 8.087   1.00 25.65 ? 496 ASP A O   1 
ATOM   1004 C  CB  . ASP A 1 141 ? 12.443  -19.392 9.677   1.00 39.63 ? 496 ASP A CB  1 
ATOM   1005 C  CG  . ASP A 1 141 ? 13.930  -19.487 10.059  1.00 48.19 ? 496 ASP A CG  1 
ATOM   1006 O  OD1 . ASP A 1 141 ? 14.663  -20.155 9.303   1.00 64.85 ? 496 ASP A OD1 1 
ATOM   1007 O  OD2 . ASP A 1 141 ? 14.307  -18.826 11.034  1.00 57.75 ? 496 ASP A OD2 1 
ATOM   1008 N  N   . TYR A 1 142 ? 11.213  -19.584 6.442   1.00 16.27 ? 497 TYR A N   1 
ATOM   1009 C  CA  . TYR A 1 142 ? 10.003  -19.918 5.656   1.00 18.42 ? 497 TYR A CA  1 
ATOM   1010 C  C   . TYR A 1 142 ? 9.098   -20.825 6.475   1.00 25.81 ? 497 TYR A C   1 
ATOM   1011 O  O   . TYR A 1 142 ? 9.619   -21.715 7.165   1.00 34.85 ? 497 TYR A O   1 
ATOM   1012 C  CB  . TYR A 1 142 ? 10.436  -20.543 4.366   1.00 15.11 ? 497 TYR A CB  1 
ATOM   1013 C  CG  . TYR A 1 142 ? 9.323   -20.964 3.447   1.00 19.54 ? 497 TYR A CG  1 
ATOM   1014 C  CD1 . TYR A 1 142 ? 8.779   -20.098 2.508   1.00 20.42 ? 497 TYR A CD1 1 
ATOM   1015 C  CD2 . TYR A 1 142 ? 8.831   -22.262 3.523   1.00 20.47 ? 497 TYR A CD2 1 
ATOM   1016 C  CE1 . TYR A 1 142 ? 7.747   -20.528 1.681   1.00 24.62 ? 497 TYR A CE1 1 
ATOM   1017 C  CE2 . TYR A 1 142 ? 7.822   -22.696 2.690   1.00 21.56 ? 497 TYR A CE2 1 
ATOM   1018 C  CZ  . TYR A 1 142 ? 7.286   -21.820 1.768   1.00 25.57 ? 497 TYR A CZ  1 
ATOM   1019 O  OH  . TYR A 1 142 ? 6.287   -22.283 0.934   1.00 34.67 ? 497 TYR A OH  1 
ATOM   1020 N  N   . PRO A 1 143 ? 7.790   -20.602 6.481   1.00 25.10 ? 498 PRO A N   1 
ATOM   1021 C  CA  . PRO A 1 143 ? 7.165   -19.521 5.717   1.00 25.04 ? 498 PRO A CA  1 
ATOM   1022 C  C   . PRO A 1 143 ? 6.691   -18.356 6.564   1.00 24.63 ? 498 PRO A C   1 
ATOM   1023 O  O   . PRO A 1 143 ? 5.730   -17.910 5.980   1.00 24.86 ? 498 PRO A O   1 
ATOM   1024 C  CB  . PRO A 1 143 ? 5.894   -20.239 5.196   1.00 22.70 ? 498 PRO A CB  1 
ATOM   1025 C  CG  . PRO A 1 143 ? 5.502   -21.112 6.343   1.00 23.41 ? 498 PRO A CG  1 
ATOM   1026 C  CD  . PRO A 1 143 ? 6.744   -21.425 7.128   1.00 25.46 ? 498 PRO A CD  1 
ATOM   1027 N  N   . SER A 1 144 ? 7.245   -18.012 7.661   1.00 20.08 ? 499 SER A N   1 
ATOM   1028 C  CA  . SER A 1 144 ? 6.783   -16.892 8.472   1.00 18.45 ? 499 SER A CA  1 
ATOM   1029 C  C   . SER A 1 144 ? 7.099   -15.586 7.738   1.00 17.87 ? 499 SER A C   1 
ATOM   1030 O  O   . SER A 1 144 ? 8.033   -15.551 6.935   1.00 16.58 ? 499 SER A O   1 
ATOM   1031 C  CB  . SER A 1 144 ? 7.513   -16.890 9.815   1.00 21.52 ? 499 SER A CB  1 
ATOM   1032 O  OG  . SER A 1 144 ? 7.258   -18.101 10.503  1.00 34.27 ? 499 SER A OG  1 
ATOM   1033 N  N   . LEU A 1 145 ? 6.269   -14.602 8.028   1.00 16.92 ? 500 LEU A N   1 
ATOM   1034 C  CA  . LEU A 1 145 ? 6.442   -13.271 7.430   1.00 17.01 ? 500 LEU A CA  1 
ATOM   1035 C  C   . LEU A 1 145 ? 6.005   -12.222 8.461   1.00 18.05 ? 500 LEU A C   1 
ATOM   1036 O  O   . LEU A 1 145 ? 5.136   -12.496 9.278   1.00 18.44 ? 500 LEU A O   1 
ATOM   1037 C  CB  . LEU A 1 145 ? 5.482   -13.126 6.225   1.00 15.61 ? 500 LEU A CB  1 
ATOM   1038 C  CG  . LEU A 1 145 ? 5.818   -13.898 4.973   1.00 14.47 ? 500 LEU A CG  1 
ATOM   1039 C  CD1 . LEU A 1 145 ? 4.710   -13.682 3.921   1.00 19.01 ? 500 LEU A CD1 1 
ATOM   1040 C  CD2 . LEU A 1 145 ? 7.165   -13.465 4.387   1.00 10.72 ? 500 LEU A CD2 1 
ATOM   1041 N  N   . TYR A 1 146 ? 6.531   -11.010 8.306   1.00 14.14 ? 501 TYR A N   1 
ATOM   1042 C  CA  . TYR A 1 146 ? 6.002   -9.934  9.179   1.00 16.02 ? 501 TYR A CA  1 
ATOM   1043 C  C   . TYR A 1 146 ? 4.691   -9.423  8.553   1.00 15.44 ? 501 TYR A C   1 
ATOM   1044 O  O   . TYR A 1 146 ? 3.791   -8.975  9.238   1.00 14.91 ? 501 TYR A O   1 
ATOM   1045 C  CB  . TYR A 1 146 ? 7.019   -8.774  9.112   1.00 20.65 ? 501 TYR A CB  1 
ATOM   1046 C  CG  . TYR A 1 146 ? 8.293   -9.086  9.860   1.00 25.26 ? 501 TYR A CG  1 
ATOM   1047 C  CD1 . TYR A 1 146 ? 8.237   -9.427  11.204  1.00 29.85 ? 501 TYR A CD1 1 
ATOM   1048 C  CD2 . TYR A 1 146 ? 9.528   -9.022  9.242   1.00 32.85 ? 501 TYR A CD2 1 
ATOM   1049 C  CE1 . TYR A 1 146 ? 9.382   -9.714  11.918  1.00 35.96 ? 501 TYR A CE1 1 
ATOM   1050 C  CE2 . TYR A 1 146 ? 10.692  -9.299  9.949   1.00 37.09 ? 501 TYR A CE2 1 
ATOM   1051 C  CZ  . TYR A 1 146 ? 10.607  -9.641  11.279  1.00 38.98 ? 501 TYR A CZ  1 
ATOM   1052 O  OH  . TYR A 1 146 ? 11.743  -9.922  11.998  1.00 56.41 ? 501 TYR A OH  1 
ATOM   1053 N  N   . TYR A 1 147 ? 4.621   -9.482  7.219   1.00 13.34 ? 502 TYR A N   1 
ATOM   1054 C  CA  . TYR A 1 147 ? 3.373   -8.938  6.587   1.00 11.80 ? 502 TYR A CA  1 
ATOM   1055 C  C   . TYR A 1 147 ? 2.883   -9.955  5.559   1.00 15.13 ? 502 TYR A C   1 
ATOM   1056 O  O   . TYR A 1 147 ? 3.231   -9.892  4.379   1.00 15.39 ? 502 TYR A O   1 
ATOM   1057 C  CB  . TYR A 1 147 ? 3.783   -7.642  5.851   1.00 12.16 ? 502 TYR A CB  1 
ATOM   1058 C  CG  . TYR A 1 147 ? 4.414   -6.622  6.789   1.00 18.51 ? 502 TYR A CG  1 
ATOM   1059 C  CD1 . TYR A 1 147 ? 3.669   -6.022  7.799   1.00 16.55 ? 502 TYR A CD1 1 
ATOM   1060 C  CD2 . TYR A 1 147 ? 5.751   -6.258  6.652   1.00 17.76 ? 502 TYR A CD2 1 
ATOM   1061 C  CE1 . TYR A 1 147 ? 4.244   -5.088  8.648   1.00 17.01 ? 502 TYR A CE1 1 
ATOM   1062 C  CE2 . TYR A 1 147 ? 6.330   -5.327  7.502   1.00 16.03 ? 502 TYR A CE2 1 
ATOM   1063 C  CZ  . TYR A 1 147 ? 5.570   -4.750  8.502   1.00 19.08 ? 502 TYR A CZ  1 
ATOM   1064 O  OH  . TYR A 1 147 ? 6.149   -3.811  9.343   1.00 15.53 ? 502 TYR A OH  1 
ATOM   1065 N  N   . PRO A 1 148 ? 2.130   -10.936 6.025   1.00 15.23 ? 503 PRO A N   1 
ATOM   1066 C  CA  . PRO A 1 148 ? 1.658   -12.011 5.157   1.00 14.46 ? 503 PRO A CA  1 
ATOM   1067 C  C   . PRO A 1 148 ? 0.511   -11.586 4.249   1.00 14.45 ? 503 PRO A C   1 
ATOM   1068 O  O   . PRO A 1 148 ? 0.184   -12.230 3.266   1.00 14.22 ? 503 PRO A O   1 
ATOM   1069 C  CB  . PRO A 1 148 ? 1.177   -13.071 6.160   1.00 11.07 ? 503 PRO A CB  1 
ATOM   1070 C  CG  . PRO A 1 148 ? 0.928   -12.361 7.423   1.00 15.15 ? 503 PRO A CG  1 
ATOM   1071 C  CD  . PRO A 1 148 ? 1.725   -11.086 7.420   1.00 14.22 ? 503 PRO A CD  1 
ATOM   1072 N  N   . GLU A 1 149 ? -0.152  -10.493 4.613   1.00 14.48 ? 504 GLU A N   1 
ATOM   1073 C  CA  . GLU A 1 149 ? -1.353  -10.059 3.903   1.00 15.25 ? 504 GLU A CA  1 
ATOM   1074 C  C   . GLU A 1 149 ? -1.170  -8.636  3.369   1.00 17.88 ? 504 GLU A C   1 
ATOM   1075 O  O   . GLU A 1 149 ? -1.170  -7.686  4.150   1.00 17.54 ? 504 GLU A O   1 
ATOM   1076 C  CB  . GLU A 1 149 ? -2.530  -10.051 4.924   1.00 10.46 ? 504 GLU A CB  1 
ATOM   1077 C  CG  . GLU A 1 149 ? -3.862  -9.770  4.261   1.00 15.77 ? 504 GLU A CG  1 
ATOM   1078 C  CD  . GLU A 1 149 ? -5.045  -10.144 5.136   1.00 18.90 ? 504 GLU A CD  1 
ATOM   1079 O  OE1 . GLU A 1 149 ? -4.838  -10.455 6.324   1.00 15.36 ? 504 GLU A OE1 1 
ATOM   1080 O  OE2 . GLU A 1 149 ? -6.187  -10.126 4.617   1.00 16.08 ? 504 GLU A OE2 1 
ATOM   1081 N  N   . MET A 1 150 ? -1.023  -8.511  2.062   1.00 16.16 ? 505 MET A N   1 
ATOM   1082 C  CA  . MET A 1 150 ? -0.772  -7.184  1.452   1.00 13.49 ? 505 MET A CA  1 
ATOM   1083 C  C   . MET A 1 150 ? -1.623  -7.019  0.202   1.00 12.80 ? 505 MET A C   1 
ATOM   1084 O  O   . MET A 1 150 ? -1.767  -7.947  -0.599  1.00 13.31 ? 505 MET A O   1 
ATOM   1085 C  CB  . MET A 1 150 ? 0.732   -7.210  1.004   1.00 12.62 ? 505 MET A CB  1 
ATOM   1086 C  CG  . MET A 1 150 ? 1.630   -7.279  2.271   1.00 14.76 ? 505 MET A CG  1 
ATOM   1087 S  SD  . MET A 1 150 ? 3.375   -7.012  1.784   1.00 33.11 ? 505 MET A SD  1 
ATOM   1088 C  CE  . MET A 1 150 ? 3.635   -8.442  0.816   1.00 12.56 ? 505 MET A CE  1 
ATOM   1089 N  N   . TYR A 1 151 ? -2.206  -5.841  0.054   1.00 11.03 ? 506 TYR A N   1 
ATOM   1090 C  CA  . TYR A 1 151 ? -3.084  -5.626  -1.116  1.00 12.39 ? 506 TYR A CA  1 
ATOM   1091 C  C   . TYR A 1 151 ? -2.603  -4.377  -1.897  1.00 14.75 ? 506 TYR A C   1 
ATOM   1092 O  O   . TYR A 1 151 ? -1.931  -3.539  -1.316  1.00 11.91 ? 506 TYR A O   1 
ATOM   1093 C  CB  . TYR A 1 151 ? -4.458  -5.180  -0.520  1.00 10.26 ? 506 TYR A CB  1 
ATOM   1094 C  CG  . TYR A 1 151 ? -5.121  -6.283  0.268   1.00 13.73 ? 506 TYR A CG  1 
ATOM   1095 C  CD1 . TYR A 1 151 ? -5.868  -7.271  -0.362  1.00 10.01 ? 506 TYR A CD1 1 
ATOM   1096 C  CD2 . TYR A 1 151 ? -5.037  -6.307  1.644   1.00 11.68 ? 506 TYR A CD2 1 
ATOM   1097 C  CE1 . TYR A 1 151 ? -6.487  -8.276  0.376   1.00 14.68 ? 506 TYR A CE1 1 
ATOM   1098 C  CE2 . TYR A 1 151 ? -5.668  -7.285  2.376   1.00 11.51 ? 506 TYR A CE2 1 
ATOM   1099 C  CZ  . TYR A 1 151 ? -6.400  -8.258  1.751   1.00 13.43 ? 506 TYR A CZ  1 
ATOM   1100 O  OH  . TYR A 1 151 ? -7.006  -9.239  2.502   1.00 12.25 ? 506 TYR A OH  1 
ATOM   1101 N  N   . ILE A 1 152 ? -3.116  -4.263  -3.103  1.00 14.95 ? 507 ILE A N   1 
ATOM   1102 C  CA  . ILE A 1 152 ? -2.906  -3.065  -3.923  1.00 14.68 ? 507 ILE A CA  1 
ATOM   1103 C  C   . ILE A 1 152 ? -4.252  -2.330  -4.067  1.00 14.59 ? 507 ILE A C   1 
ATOM   1104 O  O   . ILE A 1 152 ? -5.250  -2.994  -4.396  1.00 16.82 ? 507 ILE A O   1 
ATOM   1105 C  CB  . ILE A 1 152 ? -2.559  -3.564  -5.381  1.00 20.03 ? 507 ILE A CB  1 
ATOM   1106 C  CG1 . ILE A 1 152 ? -1.382  -4.564  -5.347  1.00 19.18 ? 507 ILE A CG1 1 
ATOM   1107 C  CG2 . ILE A 1 152 ? -2.186  -2.332  -6.198  1.00 16.01 ? 507 ILE A CG2 1 
ATOM   1108 C  CD1 . ILE A 1 152 ? -0.083  -3.897  -4.967  1.00 21.87 ? 507 ILE A CD1 1 
ATOM   1109 N  N   . LEU A 1 153 ? -4.257  -1.011  -3.903  1.00 10.73 ? 508 LEU A N   1 
ATOM   1110 C  CA  . LEU A 1 153 ? -5.514  -0.254  -4.130  1.00 13.71 ? 508 LEU A CA  1 
ATOM   1111 C  C   . LEU A 1 153 ? -5.738  -0.064  -5.618  1.00 17.14 ? 508 LEU A C   1 
ATOM   1112 O  O   . LEU A 1 153 ? -5.022  0.664   -6.325  1.00 14.45 ? 508 LEU A O   1 
ATOM   1113 C  CB  . LEU A 1 153 ? -5.501  1.080   -3.394  1.00 16.16 ? 508 LEU A CB  1 
ATOM   1114 C  CG  . LEU A 1 153 ? -6.639  2.072   -3.759  1.00 17.90 ? 508 LEU A CG  1 
ATOM   1115 C  CD1 . LEU A 1 153 ? -7.972  1.526   -3.234  1.00 12.23 ? 508 LEU A CD1 1 
ATOM   1116 C  CD2 . LEU A 1 153 ? -6.360  3.414   -3.075  1.00 17.40 ? 508 LEU A CD2 1 
ATOM   1117 N  N   . LYS A 1 154 ? -6.725  -0.781  -6.165  1.00 17.89 ? 509 LYS A N   1 
ATOM   1118 C  CA  . LYS A 1 154 ? -6.935  -0.702  -7.606  1.00 17.05 ? 509 LYS A CA  1 
ATOM   1119 C  C   . LYS A 1 154 ? -7.267  0.691   -8.068  1.00 17.19 ? 509 LYS A C   1 
ATOM   1120 O  O   . LYS A 1 154 ? -8.172  1.360   -7.557  1.00 14.46 ? 509 LYS A O   1 
ATOM   1121 C  CB  . LYS A 1 154 ? -8.108  -1.650  -7.988  1.00 21.03 ? 509 LYS A CB  1 
ATOM   1122 C  CG  . LYS A 1 154 ? -8.473  -1.470  -9.470  1.00 25.38 ? 509 LYS A CG  1 
ATOM   1123 C  CD  . LYS A 1 154 ? -8.875  -2.769  -10.113 1.00 29.18 ? 509 LYS A CD  1 
ATOM   1124 C  CE  . LYS A 1 154 ? -8.819  -2.649  -11.655 1.00 32.32 ? 509 LYS A CE  1 
ATOM   1125 N  NZ  . LYS A 1 154 ? -10.168 -2.900  -12.226 1.00 43.51 ? 509 LYS A NZ  1 
ATOM   1126 N  N   . GLY A 1 155 ? -6.583  1.176   -9.114  1.00 16.83 ? 510 GLY A N   1 
ATOM   1127 C  CA  . GLY A 1 155 ? -6.968  2.533   -9.563  1.00 17.78 ? 510 GLY A CA  1 
ATOM   1128 C  C   . GLY A 1 155 ? -6.131  3.592   -8.913  1.00 21.71 ? 510 GLY A C   1 
ATOM   1129 O  O   . GLY A 1 155 ? -6.045  4.743   -9.371  1.00 20.52 ? 510 GLY A O   1 
ATOM   1130 N  N   . GLY A 1 156 ? -5.443  3.266   -7.803  1.00 19.23 ? 511 GLY A N   1 
ATOM   1131 C  CA  . GLY A 1 156 ? -4.569  4.274   -7.214  1.00 14.51 ? 511 GLY A CA  1 
ATOM   1132 C  C   . GLY A 1 156 ? -5.254  5.488   -6.713  1.00 15.02 ? 511 GLY A C   1 
ATOM   1133 O  O   . GLY A 1 156 ? -6.481  5.585   -6.599  1.00 19.68 ? 511 GLY A O   1 
ATOM   1134 N  N   . TYR A 1 157 ? -4.484  6.550   -6.391  1.00 13.66 ? 512 TYR A N   1 
ATOM   1135 C  CA  . TYR A 1 157 ? -5.136  7.761   -5.876  1.00 17.02 ? 512 TYR A CA  1 
ATOM   1136 C  C   . TYR A 1 157 ? -6.075  8.414   -6.864  1.00 20.15 ? 512 TYR A C   1 
ATOM   1137 O  O   . TYR A 1 157 ? -7.140  8.956   -6.485  1.00 23.32 ? 512 TYR A O   1 
ATOM   1138 C  CB  . TYR A 1 157 ? -4.059  8.725   -5.386  1.00 13.89 ? 512 TYR A CB  1 
ATOM   1139 C  CG  . TYR A 1 157 ? -4.596  9.946   -4.674  1.00 15.03 ? 512 TYR A CG  1 
ATOM   1140 C  CD1 . TYR A 1 157 ? -4.923  9.891   -3.332  1.00 9.91  ? 512 TYR A CD1 1 
ATOM   1141 C  CD2 . TYR A 1 157 ? -4.746  11.160  -5.357  1.00 13.49 ? 512 TYR A CD2 1 
ATOM   1142 C  CE1 . TYR A 1 157 ? -5.407  10.993  -2.667  1.00 14.16 ? 512 TYR A CE1 1 
ATOM   1143 C  CE2 . TYR A 1 157 ? -5.231  12.282  -4.692  1.00 12.44 ? 512 TYR A CE2 1 
ATOM   1144 C  CZ  . TYR A 1 157 ? -5.557  12.189  -3.360  1.00 13.19 ? 512 TYR A CZ  1 
ATOM   1145 O  OH  . TYR A 1 157 ? -6.023  13.267  -2.683  1.00 15.99 ? 512 TYR A OH  1 
ATOM   1146 N  N   . LYS A 1 158 ? -5.747  8.415   -8.139  1.00 22.06 ? 513 LYS A N   1 
ATOM   1147 C  CA  . LYS A 1 158 ? -6.552  8.952   -9.204  1.00 24.22 ? 513 LYS A CA  1 
ATOM   1148 C  C   . LYS A 1 158 ? -7.995  8.503   -9.210  1.00 21.20 ? 513 LYS A C   1 
ATOM   1149 O  O   . LYS A 1 158 ? -8.934  9.282   -9.394  1.00 22.81 ? 513 LYS A O   1 
ATOM   1150 C  CB  . LYS A 1 158 ? -5.886  8.594   -10.562 1.00 31.85 ? 513 LYS A CB  1 
ATOM   1151 C  CG  . LYS A 1 158 ? -6.349  9.569   -11.656 1.00 40.28 ? 513 LYS A CG  1 
ATOM   1152 C  CD  . LYS A 1 158 ? -6.264  8.936   -13.018 1.00 48.62 ? 513 LYS A CD  1 
ATOM   1153 C  CE  . LYS A 1 158 ? -7.620  8.807   -13.684 1.00 57.06 ? 513 LYS A CE  1 
ATOM   1154 N  NZ  . LYS A 1 158 ? -7.910  7.374   -14.021 1.00 72.76 ? 513 LYS A NZ  1 
ATOM   1155 N  N   . GLU A 1 159 ? -8.278  7.218   -8.979  1.00 18.43 ? 514 GLU A N   1 
ATOM   1156 C  CA  . GLU A 1 159 ? -9.668  6.758   -8.949  1.00 18.40 ? 514 GLU A CA  1 
ATOM   1157 C  C   . GLU A 1 159 ? -10.262 6.967   -7.552  1.00 22.13 ? 514 GLU A C   1 
ATOM   1158 O  O   . GLU A 1 159 ? -11.484 6.978   -7.405  1.00 27.27 ? 514 GLU A O   1 
ATOM   1159 C  CB  . GLU A 1 159 ? -9.683  5.216   -9.169  1.00 26.13 ? 514 GLU A CB  1 
ATOM   1160 C  CG  . GLU A 1 159 ? -9.326  4.808   -10.576 1.00 41.99 ? 514 GLU A CG  1 
ATOM   1161 C  CD  . GLU A 1 159 ? -10.215 5.483   -11.614 1.00 54.83 ? 514 GLU A CD  1 
ATOM   1162 O  OE1 . GLU A 1 159 ? -11.359 5.837   -11.256 1.00 67.45 ? 514 GLU A OE1 1 
ATOM   1163 O  OE2 . GLU A 1 159 ? -9.759  5.646   -12.763 1.00 71.84 ? 514 GLU A OE2 1 
ATOM   1164 N  N   . PHE A 1 160 ? -9.389  7.028   -6.541  1.00 19.72 ? 515 PHE A N   1 
ATOM   1165 C  CA  . PHE A 1 160 ? -9.886  7.161   -5.171  1.00 16.63 ? 515 PHE A CA  1 
ATOM   1166 C  C   . PHE A 1 160 ? -10.407 8.551   -4.883  1.00 13.89 ? 515 PHE A C   1 
ATOM   1167 O  O   . PHE A 1 160 ? -11.515 8.739   -4.367  1.00 13.78 ? 515 PHE A O   1 
ATOM   1168 C  CB  . PHE A 1 160 ? -8.782  6.807   -4.151  1.00 15.44 ? 515 PHE A CB  1 
ATOM   1169 C  CG  . PHE A 1 160 ? -9.359  6.733   -2.735  1.00 16.96 ? 515 PHE A CG  1 
ATOM   1170 C  CD1 . PHE A 1 160 ? -10.007 5.597   -2.298  1.00 13.27 ? 515 PHE A CD1 1 
ATOM   1171 C  CD2 . PHE A 1 160 ? -9.254  7.828   -1.883  1.00 14.84 ? 515 PHE A CD2 1 
ATOM   1172 C  CE1 . PHE A 1 160 ? -10.539 5.516   -1.032  1.00 14.26 ? 515 PHE A CE1 1 
ATOM   1173 C  CE2 . PHE A 1 160 ? -9.763  7.745   -0.589  1.00 14.89 ? 515 PHE A CE2 1 
ATOM   1174 C  CZ  . PHE A 1 160 ? -10.418 6.592   -0.158  1.00 14.15 ? 515 PHE A CZ  1 
ATOM   1175 N  N   . PHE A 1 161 ? -9.588  9.543   -5.182  1.00 12.21 ? 516 PHE A N   1 
ATOM   1176 C  CA  . PHE A 1 161 ? -9.952  10.912  -4.935  1.00 17.29 ? 516 PHE A CA  1 
ATOM   1177 C  C   . PHE A 1 161 ? -11.318 11.314  -5.432  1.00 19.43 ? 516 PHE A C   1 
ATOM   1178 O  O   . PHE A 1 161 ? -12.088 11.971  -4.709  1.00 25.60 ? 516 PHE A O   1 
ATOM   1179 C  CB  . PHE A 1 161 ? -8.877  11.878  -5.410  1.00 18.06 ? 516 PHE A CB  1 
ATOM   1180 C  CG  . PHE A 1 161 ? -9.241  13.353  -5.216  1.00 19.90 ? 516 PHE A CG  1 
ATOM   1181 C  CD1 . PHE A 1 161 ? -9.444  13.883  -3.969  1.00 21.60 ? 516 PHE A CD1 1 
ATOM   1182 C  CD2 . PHE A 1 161 ? -9.376  14.191  -6.322  1.00 20.16 ? 516 PHE A CD2 1 
ATOM   1183 C  CE1 . PHE A 1 161 ? -9.771  15.224  -3.802  1.00 21.55 ? 516 PHE A CE1 1 
ATOM   1184 C  CE2 . PHE A 1 161 ? -9.693  15.520  -6.169  1.00 18.81 ? 516 PHE A CE2 1 
ATOM   1185 C  CZ  . PHE A 1 161 ? -9.877  16.048  -4.910  1.00 19.93 ? 516 PHE A CZ  1 
ATOM   1186 N  N   . PRO A 1 162 ? -11.662 11.067  -6.685  1.00 18.94 ? 517 PRO A N   1 
ATOM   1187 C  CA  . PRO A 1 162 ? -12.963 11.537  -7.186  1.00 19.98 ? 517 PRO A CA  1 
ATOM   1188 C  C   . PRO A 1 162 ? -14.136 10.897  -6.467  1.00 23.34 ? 517 PRO A C   1 
ATOM   1189 O  O   . PRO A 1 162 ? -15.259 11.396  -6.458  1.00 22.03 ? 517 PRO A O   1 
ATOM   1190 C  CB  . PRO A 1 162 ? -12.973 11.088  -8.648  1.00 20.84 ? 517 PRO A CB  1 
ATOM   1191 C  CG  . PRO A 1 162 ? -11.585 10.704  -8.981  1.00 23.59 ? 517 PRO A CG  1 
ATOM   1192 C  CD  . PRO A 1 162 ? -10.864 10.410  -7.713  1.00 21.80 ? 517 PRO A CD  1 
ATOM   1193 N  N   . GLN A 1 163 ? -13.904 9.711   -5.892  1.00 20.22 ? 518 GLN A N   1 
ATOM   1194 C  CA  . GLN A 1 163 ? -15.008 9.019   -5.237  1.00 19.32 ? 518 GLN A CA  1 
ATOM   1195 C  C   . GLN A 1 163 ? -15.164 9.374   -3.783  1.00 21.73 ? 518 GLN A C   1 
ATOM   1196 O  O   . GLN A 1 163 ? -16.294 9.433   -3.292  1.00 19.32 ? 518 GLN A O   1 
ATOM   1197 C  CB  . GLN A 1 163 ? -14.846 7.503   -5.429  1.00 24.31 ? 518 GLN A CB  1 
ATOM   1198 C  CG  . GLN A 1 163 ? -14.690 7.133   -6.909  1.00 38.83 ? 518 GLN A CG  1 
ATOM   1199 C  CD  . GLN A 1 163 ? -15.022 5.686   -7.178  1.00 53.12 ? 518 GLN A CD  1 
ATOM   1200 O  OE1 . GLN A 1 163 ? -14.396 5.018   -8.012  1.00 73.10 ? 518 GLN A OE1 1 
ATOM   1201 N  NE2 . GLN A 1 163 ? -16.006 5.165   -6.444  1.00 71.38 ? 518 GLN A NE2 1 
ATOM   1202 N  N   . HIS A 1 164 ? -14.065 9.573   -3.041  1.00 22.10 ? 519 HIS A N   1 
ATOM   1203 C  CA  . HIS A 1 164 ? -14.193 9.843   -1.586  1.00 21.31 ? 519 HIS A CA  1 
ATOM   1204 C  C   . HIS A 1 164 ? -13.274 10.994  -1.184  1.00 20.85 ? 519 HIS A C   1 
ATOM   1205 O  O   . HIS A 1 164 ? -12.347 10.861  -0.398  1.00 19.32 ? 519 HIS A O   1 
ATOM   1206 C  CB  . HIS A 1 164 ? -13.721 8.570   -0.842  1.00 19.12 ? 519 HIS A CB  1 
ATOM   1207 C  CG  . HIS A 1 164 ? -14.650 7.426   -1.101  1.00 17.31 ? 519 HIS A CG  1 
ATOM   1208 N  ND1 . HIS A 1 164 ? -15.888 7.346   -0.461  1.00 19.76 ? 519 HIS A ND1 1 
ATOM   1209 C  CD2 . HIS A 1 164 ? -14.561 6.377   -1.946  1.00 16.71 ? 519 HIS A CD2 1 
ATOM   1210 C  CE1 . HIS A 1 164 ? -16.490 6.241   -0.892  1.00 17.41 ? 519 HIS A CE1 1 
ATOM   1211 N  NE2 . HIS A 1 164 ? -15.721 5.645   -1.768  1.00 17.52 ? 519 HIS A NE2 1 
ATOM   1212 N  N   . PRO A 1 165 ? -13.552 12.153  -1.778  1.00 17.13 ? 520 PRO A N   1 
ATOM   1213 C  CA  . PRO A 1 165 ? -12.665 13.284  -1.587  1.00 18.14 ? 520 PRO A CA  1 
ATOM   1214 C  C   . PRO A 1 165 ? -12.476 13.652  -0.148  1.00 17.86 ? 520 PRO A C   1 
ATOM   1215 O  O   . PRO A 1 165 ? -11.470 14.208  0.280   1.00 17.52 ? 520 PRO A O   1 
ATOM   1216 C  CB  . PRO A 1 165 ? -13.293 14.380  -2.435  1.00 18.12 ? 520 PRO A CB  1 
ATOM   1217 C  CG  . PRO A 1 165 ? -14.739 13.999  -2.573  1.00 15.48 ? 520 PRO A CG  1 
ATOM   1218 C  CD  . PRO A 1 165 ? -14.754 12.492  -2.571  1.00 17.71 ? 520 PRO A CD  1 
ATOM   1219 N  N   . ASN A 1 166 ? -13.507 13.355  0.671   1.00 19.53 ? 521 ASN A N   1 
ATOM   1220 C  CA  . ASN A 1 166 ? -13.427 13.754  2.063   1.00 19.66 ? 521 ASN A CA  1 
ATOM   1221 C  C   . ASN A 1 166 ? -12.515 12.860  2.866   1.00 24.51 ? 521 ASN A C   1 
ATOM   1222 O  O   . ASN A 1 166 ? -12.237 13.148  4.050   1.00 25.87 ? 521 ASN A O   1 
ATOM   1223 C  CB  . ASN A 1 166 ? -14.749 14.057  2.689   1.00 21.46 ? 521 ASN A CB  1 
ATOM   1224 C  CG  . ASN A 1 166 ? -14.731 15.056  3.826   1.00 25.04 ? 521 ASN A CG  1 
ATOM   1225 O  OD1 . ASN A 1 166 ? -13.813 15.859  3.956   1.00 29.70 ? 521 ASN A OD1 1 
ATOM   1226 N  ND2 . ASN A 1 166 ? -15.756 15.011  4.685   1.00 21.75 ? 521 ASN A ND2 1 
ATOM   1227 N  N   . PHE A 1 167 ? -11.980 11.800  2.247   1.00 21.55 ? 522 PHE A N   1 
ATOM   1228 C  CA  . PHE A 1 167 ? -11.030 10.921  2.974   1.00 15.87 ? 522 PHE A CA  1 
ATOM   1229 C  C   . PHE A 1 167 ? -9.593  11.243  2.598   1.00 16.62 ? 522 PHE A C   1 
ATOM   1230 O  O   . PHE A 1 167 ? -8.664  10.487  2.866   1.00 16.56 ? 522 PHE A O   1 
ATOM   1231 C  CB  . PHE A 1 167 ? -11.361 9.465   2.623   1.00 11.09 ? 522 PHE A CB  1 
ATOM   1232 C  CG  . PHE A 1 167 ? -12.592 9.002   3.418   1.00 14.67 ? 522 PHE A CG  1 
ATOM   1233 C  CD1 . PHE A 1 167 ? -13.856 9.225   2.937   1.00 15.51 ? 522 PHE A CD1 1 
ATOM   1234 C  CD2 . PHE A 1 167 ? -12.430 8.410   4.662   1.00 17.98 ? 522 PHE A CD2 1 
ATOM   1235 C  CE1 . PHE A 1 167 ? -14.987 8.833   3.650   1.00 17.92 ? 522 PHE A CE1 1 
ATOM   1236 C  CE2 . PHE A 1 167 ? -13.553 7.979   5.356   1.00 17.37 ? 522 PHE A CE2 1 
ATOM   1237 C  CZ  . PHE A 1 167 ? -14.822 8.195   4.865   1.00 16.11 ? 522 PHE A CZ  1 
ATOM   1238 N  N   . CYS A 1 168 ? -9.404  12.386  1.932   1.00 14.25 ? 523 CYS A N   1 
ATOM   1239 C  CA  . CYS A 1 168 ? -8.048  12.723  1.439   1.00 13.91 ? 523 CYS A CA  1 
ATOM   1240 C  C   . CYS A 1 168 ? -7.667  14.085  2.031   1.00 15.89 ? 523 CYS A C   1 
ATOM   1241 O  O   . CYS A 1 168 ? -8.551  14.885  2.280   1.00 21.21 ? 523 CYS A O   1 
ATOM   1242 C  CB  . CYS A 1 168 ? -8.135  12.949  -0.089  1.00 13.28 ? 523 CYS A CB  1 
ATOM   1243 S  SG  . CYS A 1 168 ? -8.622  11.477  -1.006  1.00 17.16 ? 523 CYS A SG  1 
ATOM   1244 N  N   . GLU A 1 169 ? -6.388  14.312  2.158   1.00 22.48 ? 524 GLU A N   1 
ATOM   1245 C  CA  . GLU A 1 169 ? -5.918  15.601  2.724   1.00 26.55 ? 524 GLU A CA  1 
ATOM   1246 C  C   . GLU A 1 169 ? -4.631  16.008  1.991   1.00 25.29 ? 524 GLU A C   1 
ATOM   1247 O  O   . GLU A 1 169 ? -3.702  15.170  1.995   1.00 28.16 ? 524 GLU A O   1 
ATOM   1248 C  CB  . GLU A 1 169 ? -5.566  15.344  4.195   1.00 33.62 ? 524 GLU A CB  1 
ATOM   1249 C  CG  . GLU A 1 169 ? -5.218  16.621  4.958   1.00 52.57 ? 524 GLU A CG  1 
ATOM   1250 C  CD  . GLU A 1 169 ? -5.521  16.418  6.451   1.00 66.29 ? 524 GLU A CD  1 
ATOM   1251 O  OE1 . GLU A 1 169 ? -5.243  15.293  6.940   1.00 71.02 ? 524 GLU A OE1 1 
ATOM   1252 O  OE2 . GLU A 1 169 ? -6.062  17.356  7.063   1.00 82.87 ? 524 GLU A OE2 1 
ATOM   1253 N  N   . PRO A 1 170 ? -4.517  17.172  1.474   1.00 24.51 ? 525 PRO A N   1 
ATOM   1254 C  CA  . PRO A 1 170 ? -5.493  18.195  1.218   1.00 24.29 ? 525 PRO A CA  1 
ATOM   1255 C  C   . PRO A 1 170 ? -6.519  17.570  0.196   1.00 26.12 ? 525 PRO A C   1 
ATOM   1256 O  O   . PRO A 1 170 ? -6.110  16.572  -0.403  1.00 28.50 ? 525 PRO A O   1 
ATOM   1257 C  CB  . PRO A 1 170 ? -4.696  19.206  0.308   1.00 24.67 ? 525 PRO A CB  1 
ATOM   1258 C  CG  . PRO A 1 170 ? -3.289  18.958  0.606   1.00 26.67 ? 525 PRO A CG  1 
ATOM   1259 C  CD  . PRO A 1 170 ? -3.140  17.578  1.168   1.00 26.32 ? 525 PRO A CD  1 
ATOM   1260 N  N   . GLN A 1 171 ? -7.652  18.173  0.083   1.00 24.51 ? 526 GLN A N   1 
ATOM   1261 C  CA  . GLN A 1 171 ? -8.655  17.724  -0.875  1.00 25.41 ? 526 GLN A CA  1 
ATOM   1262 C  C   . GLN A 1 171 ? -8.259  18.127  -2.276  1.00 26.17 ? 526 GLN A C   1 
ATOM   1263 O  O   . GLN A 1 171 ? -8.894  18.948  -2.922  1.00 34.01 ? 526 GLN A O   1 
ATOM   1264 C  CB  . GLN A 1 171 ? -10.039 18.191  -0.508  1.00 27.41 ? 526 GLN A CB  1 
ATOM   1265 C  CG  . GLN A 1 171 ? -11.059 17.107  -0.296  1.00 30.21 ? 526 GLN A CG  1 
ATOM   1266 C  CD  . GLN A 1 171 ? -12.444 17.670  0.004   1.00 31.80 ? 526 GLN A CD  1 
ATOM   1267 O  OE1 . GLN A 1 171 ? -12.829 17.712  1.163   1.00 41.57 ? 526 GLN A OE1 1 
ATOM   1268 N  NE2 . GLN A 1 171 ? -13.121 18.120  -1.035  1.00 35.21 ? 526 GLN A NE2 1 
ATOM   1269 N  N   . ASP A 1 172 ? -7.187  17.507  -2.772  1.00 25.47 ? 527 ASP A N   1 
ATOM   1270 C  CA  . ASP A 1 172 ? -6.764  17.812  -4.144  1.00 23.44 ? 527 ASP A CA  1 
ATOM   1271 C  C   . ASP A 1 172 ? -6.019  16.616  -4.728  1.00 21.71 ? 527 ASP A C   1 
ATOM   1272 O  O   . ASP A 1 172 ? -5.857  15.592  -4.070  1.00 26.75 ? 527 ASP A O   1 
ATOM   1273 C  CB  . ASP A 1 172 ? -5.878  19.056  -4.167  1.00 28.71 ? 527 ASP A CB  1 
ATOM   1274 C  CG  . ASP A 1 172 ? -6.011  19.863  -5.441  1.00 34.12 ? 527 ASP A CG  1 
ATOM   1275 O  OD1 . ASP A 1 172 ? -6.410  19.315  -6.483  1.00 35.71 ? 527 ASP A OD1 1 
ATOM   1276 O  OD2 . ASP A 1 172 ? -5.702  21.074  -5.423  1.00 51.72 ? 527 ASP A OD2 1 
ATOM   1277 N  N   . TYR A 1 173 ? -5.587  16.747  -5.949  1.00 21.82 ? 528 TYR A N   1 
ATOM   1278 C  CA  . TYR A 1 173 ? -4.872  15.725  -6.684  1.00 24.90 ? 528 TYR A CA  1 
ATOM   1279 C  C   . TYR A 1 173 ? -3.767  16.399  -7.526  1.00 27.99 ? 528 TYR A C   1 
ATOM   1280 O  O   . TYR A 1 173 ? -4.046  17.237  -8.365  1.00 33.30 ? 528 TYR A O   1 
ATOM   1281 C  CB  . TYR A 1 173 ? -5.818  14.963  -7.600  1.00 22.81 ? 528 TYR A CB  1 
ATOM   1282 C  CG  . TYR A 1 173 ? -5.209  14.022  -8.598  1.00 29.25 ? 528 TYR A CG  1 
ATOM   1283 C  CD1 . TYR A 1 173 ? -4.080  13.246  -8.353  1.00 27.29 ? 528 TYR A CD1 1 
ATOM   1284 C  CD2 . TYR A 1 173 ? -5.816  13.859  -9.860  1.00 32.25 ? 528 TYR A CD2 1 
ATOM   1285 C  CE1 . TYR A 1 173 ? -3.547  12.389  -9.296  1.00 22.50 ? 528 TYR A CE1 1 
ATOM   1286 C  CE2 . TYR A 1 173 ? -5.286  13.009  -10.803 1.00 29.76 ? 528 TYR A CE2 1 
ATOM   1287 C  CZ  . TYR A 1 173 ? -4.157  12.273  -10.522 1.00 26.49 ? 528 TYR A CZ  1 
ATOM   1288 O  OH  . TYR A 1 173 ? -3.658  11.406  -11.473 1.00 32.19 ? 528 TYR A OH  1 
ATOM   1289 N  N   . ARG A 1 174 ? -2.545  15.923  -7.333  1.00 25.97 ? 529 ARG A N   1 
ATOM   1290 C  CA  . ARG A 1 174 ? -1.425  16.406  -8.147  1.00 21.19 ? 529 ARG A CA  1 
ATOM   1291 C  C   . ARG A 1 174 ? -0.809  15.247  -8.906  1.00 22.01 ? 529 ARG A C   1 
ATOM   1292 O  O   . ARG A 1 174 ? -0.239  14.320  -8.329  1.00 20.46 ? 529 ARG A O   1 
ATOM   1293 C  CB  . ARG A 1 174 ? -0.397  17.081  -7.246  1.00 18.69 ? 529 ARG A CB  1 
ATOM   1294 C  CG  . ARG A 1 174 ? 0.710   17.768  -8.062  1.00 19.52 ? 529 ARG A CG  1 
ATOM   1295 C  CD  . ARG A 1 174 ? 1.702   18.426  -7.097  1.00 21.29 ? 529 ARG A CD  1 
ATOM   1296 N  NE  . ARG A 1 174 ? 1.126   19.595  -6.453  1.00 21.13 ? 529 ARG A NE  1 
ATOM   1297 C  CZ  . ARG A 1 174 ? 1.525   20.075  -5.288  1.00 23.98 ? 529 ARG A CZ  1 
ATOM   1298 N  NH1 . ARG A 1 174 ? 2.508   19.485  -4.603  1.00 24.04 ? 529 ARG A NH1 1 
ATOM   1299 N  NH2 . ARG A 1 174 ? 0.947   21.160  -4.798  1.00 30.25 ? 529 ARG A NH2 1 
ATOM   1300 N  N   . PRO A 1 175 ? -1.001  15.221  -10.217 1.00 24.96 ? 530 PRO A N   1 
ATOM   1301 C  CA  . PRO A 1 175 ? -0.453  14.127  -11.028 1.00 26.23 ? 530 PRO A CA  1 
ATOM   1302 C  C   . PRO A 1 175 ? 1.072   14.150  -11.036 1.00 27.13 ? 530 PRO A C   1 
ATOM   1303 O  O   . PRO A 1 175 ? 1.686   15.213  -10.880 1.00 17.98 ? 530 PRO A O   1 
ATOM   1304 C  CB  . PRO A 1 175 ? -0.955  14.442  -12.441 1.00 28.40 ? 530 PRO A CB  1 
ATOM   1305 C  CG  . PRO A 1 175 ? -2.059  15.424  -12.270 1.00 27.84 ? 530 PRO A CG  1 
ATOM   1306 C  CD  . PRO A 1 175 ? -1.775  16.184  -11.006 1.00 25.21 ? 530 PRO A CD  1 
ATOM   1307 N  N   . MET A 1 176 ? 1.688   12.992  -11.271 1.00 27.24 ? 531 MET A N   1 
ATOM   1308 C  CA  . MET A 1 176 ? 3.152   12.930  -11.332 1.00 27.61 ? 531 MET A CA  1 
ATOM   1309 C  C   . MET A 1 176 ? 3.689   13.822  -12.471 1.00 28.73 ? 531 MET A C   1 
ATOM   1310 O  O   . MET A 1 176 ? 4.733   14.474  -12.309 1.00 25.59 ? 531 MET A O   1 
ATOM   1311 C  CB  . MET A 1 176 ? 3.566   11.469  -11.599 1.00 26.72 ? 531 MET A CB  1 
ATOM   1312 C  CG  . MET A 1 176 ? 5.072   11.255  -11.524 1.00 25.80 ? 531 MET A CG  1 
ATOM   1313 S  SD  . MET A 1 176 ? 5.551   9.636   -12.192 1.00 30.91 ? 531 MET A SD  1 
ATOM   1314 C  CE  . MET A 1 176 ? 5.677   10.069  -13.939 1.00 33.81 ? 531 MET A CE  1 
ATOM   1315 N  N   . ASN A 1 177 ? 2.988   13.844  -13.576 1.00 27.80 ? 532 ASN A N   1 
ATOM   1316 C  CA  . ASN A 1 177 ? 3.289   14.564  -14.776 1.00 31.41 ? 532 ASN A CA  1 
ATOM   1317 C  C   . ASN A 1 177 ? 2.884   16.028  -14.731 1.00 33.95 ? 532 ASN A C   1 
ATOM   1318 O  O   . ASN A 1 177 ? 2.912   16.712  -15.753 1.00 38.32 ? 532 ASN A O   1 
ATOM   1319 C  CB  . ASN A 1 177 ? 2.789   13.880  -16.023 1.00 33.29 ? 532 ASN A CB  1 
ATOM   1320 C  CG  A ASN A 1 177 ? 1.352   14.134  -16.389 0.50 34.63 ? 532 ASN A CG  1 
ATOM   1321 C  CG  B ASN A 1 177 ? 3.490   12.564  -16.320 0.50 35.75 ? 532 ASN A CG  1 
ATOM   1322 O  OD1 A ASN A 1 177 ? 0.582   14.770  -15.672 0.50 27.48 ? 532 ASN A OD1 1 
ATOM   1323 O  OD1 B ASN A 1 177 ? 4.713   12.464  -16.233 0.50 38.02 ? 532 ASN A OD1 1 
ATOM   1324 N  ND2 A ASN A 1 177 ? 0.944   13.617  -17.563 0.50 38.54 ? 532 ASN A ND2 1 
ATOM   1325 N  ND2 B ASN A 1 177 ? 2.716   11.544  -16.674 0.50 42.44 ? 532 ASN A ND2 1 
ATOM   1326 N  N   . HIS A 1 178 ? 2.531   16.511  -13.540 1.00 31.72 ? 533 HIS A N   1 
ATOM   1327 C  CA  . HIS A 1 178 ? 2.160   17.891  -13.351 1.00 31.15 ? 533 HIS A CA  1 
ATOM   1328 C  C   . HIS A 1 178 ? 3.225   18.846  -13.901 1.00 36.77 ? 533 HIS A C   1 
ATOM   1329 O  O   . HIS A 1 178 ? 4.391   18.808  -13.503 1.00 30.73 ? 533 HIS A O   1 
ATOM   1330 C  CB  . HIS A 1 178 ? 1.902   18.207  -11.879 1.00 30.27 ? 533 HIS A CB  1 
ATOM   1331 C  CG  . HIS A 1 178 ? 1.213   19.521  -11.712 1.00 38.79 ? 533 HIS A CG  1 
ATOM   1332 N  ND1 . HIS A 1 178 ? 1.906   20.722  -11.773 1.00 42.23 ? 533 HIS A ND1 1 
ATOM   1333 C  CD2 . HIS A 1 178 ? -0.091  19.834  -11.532 1.00 40.35 ? 533 HIS A CD2 1 
ATOM   1334 C  CE1 . HIS A 1 178 ? 1.057   21.707  -11.604 1.00 41.89 ? 533 HIS A CE1 1 
ATOM   1335 N  NE2 . HIS A 1 178 ? -0.158  21.202  -11.445 1.00 41.42 ? 533 HIS A NE2 1 
ATOM   1336 N  N   . GLU A 1 179 ? 2.796   19.684  -14.815 1.00 43.16 ? 534 GLU A N   1 
ATOM   1337 C  CA  . GLU A 1 179 ? 3.564   20.633  -15.547 1.00 47.80 ? 534 GLU A CA  1 
ATOM   1338 C  C   . GLU A 1 179 ? 4.481   21.504  -14.735 1.00 42.68 ? 534 GLU A C   1 
ATOM   1339 O  O   . GLU A 1 179 ? 5.597   21.835  -15.168 1.00 44.94 ? 534 GLU A O   1 
ATOM   1340 C  CB  . GLU A 1 179 ? 2.695   21.463  -16.485 1.00 56.94 ? 534 GLU A CB  1 
ATOM   1341 C  CG  . GLU A 1 179 ? 3.039   21.252  -17.960 1.00 68.83 ? 534 GLU A CG  1 
ATOM   1342 C  CD  . GLU A 1 179 ? 2.664   22.504  -18.755 1.00 81.75 ? 534 GLU A CD  1 
ATOM   1343 O  OE1 . GLU A 1 179 ? 1.621   23.103  -18.395 1.00 96.06 ? 534 GLU A OE1 1 
ATOM   1344 O  OE2 . GLU A 1 179 ? 3.425   22.885  -19.664 1.00 98.39 ? 534 GLU A OE2 1 
ATOM   1345 N  N   . ALA A 1 180 ? 4.074   21.900  -13.539 1.00 39.52 ? 535 ALA A N   1 
ATOM   1346 C  CA  . ALA A 1 180 ? 4.909   22.740  -12.688 1.00 36.43 ? 535 ALA A CA  1 
ATOM   1347 C  C   . ALA A 1 180 ? 5.856   21.968  -11.800 1.00 35.36 ? 535 ALA A C   1 
ATOM   1348 O  O   . ALA A 1 180 ? 6.501   22.543  -10.904 1.00 38.71 ? 535 ALA A O   1 
ATOM   1349 C  CB  . ALA A 1 180 ? 3.999   23.632  -11.843 1.00 31.63 ? 535 ALA A CB  1 
ATOM   1350 N  N   . PHE A 1 181 ? 5.981   20.643  -11.974 1.00 32.08 ? 536 PHE A N   1 
ATOM   1351 C  CA  . PHE A 1 181 ? 6.888   19.902  -11.082 1.00 30.08 ? 536 PHE A CA  1 
ATOM   1352 C  C   . PHE A 1 181 ? 7.827   19.009  -11.883 1.00 27.75 ? 536 PHE A C   1 
ATOM   1353 O  O   . PHE A 1 181 ? 8.399   18.067  -11.340 1.00 28.90 ? 536 PHE A O   1 
ATOM   1354 C  CB  . PHE A 1 181 ? 6.058   19.043  -10.114 1.00 29.21 ? 536 PHE A CB  1 
ATOM   1355 C  CG  . PHE A 1 181 ? 5.230   19.881  -9.146  1.00 24.10 ? 536 PHE A CG  1 
ATOM   1356 C  CD1 . PHE A 1 181 ? 4.002   20.388  -9.547  1.00 24.02 ? 536 PHE A CD1 1 
ATOM   1357 C  CD2 . PHE A 1 181 ? 5.700   20.164  -7.882  1.00 18.88 ? 536 PHE A CD2 1 
ATOM   1358 C  CE1 . PHE A 1 181 ? 3.266   21.186  -8.693  1.00 22.17 ? 536 PHE A CE1 1 
ATOM   1359 C  CE2 . PHE A 1 181 ? 4.964   20.954  -7.021  1.00 20.51 ? 536 PHE A CE2 1 
ATOM   1360 C  CZ  . PHE A 1 181 ? 3.760   21.498  -7.441  1.00 19.08 ? 536 PHE A CZ  1 
ATOM   1361 N  N   . LYS A 1 182 ? 7.982   19.322  -13.159 1.00 31.54 ? 537 LYS A N   1 
ATOM   1362 C  CA  . LYS A 1 182 ? 8.883   18.581  -14.036 1.00 38.35 ? 537 LYS A CA  1 
ATOM   1363 C  C   . LYS A 1 182 ? 10.281  18.497  -13.374 1.00 30.48 ? 537 LYS A C   1 
ATOM   1364 O  O   . LYS A 1 182 ? 10.946  17.488  -13.431 1.00 27.84 ? 537 LYS A O   1 
ATOM   1365 C  CB  . LYS A 1 182 ? 9.061   19.319  -15.370 1.00 49.77 ? 537 LYS A CB  1 
ATOM   1366 C  CG  . LYS A 1 182 ? 7.814   19.479  -16.204 1.00 63.14 ? 537 LYS A CG  1 
ATOM   1367 C  CD  . LYS A 1 182 ? 8.044   20.468  -17.360 1.00 72.60 ? 537 LYS A CD  1 
ATOM   1368 C  CE  . LYS A 1 182 ? 6.713   20.908  -17.970 1.00 77.56 ? 537 LYS A CE  1 
ATOM   1369 N  NZ  . LYS A 1 182 ? 6.852   22.185  -18.737 1.00 86.62 ? 537 LYS A NZ  1 
ATOM   1370 N  N   . ASP A 1 183 ? 10.696  19.611  -12.806 1.00 26.01 ? 538 ASP A N   1 
ATOM   1371 C  CA  . ASP A 1 183 ? 12.005  19.697  -12.179 1.00 31.71 ? 538 ASP A CA  1 
ATOM   1372 C  C   . ASP A 1 183 ? 12.056  18.742  -10.980 1.00 29.64 ? 538 ASP A C   1 
ATOM   1373 O  O   . ASP A 1 183 ? 13.038  18.051  -10.793 1.00 31.32 ? 538 ASP A O   1 
ATOM   1374 C  CB  . ASP A 1 183 ? 12.261  21.123  -11.666 1.00 42.36 ? 538 ASP A CB  1 
ATOM   1375 C  CG  . ASP A 1 183 ? 12.496  22.112  -12.786 1.00 56.07 ? 538 ASP A CG  1 
ATOM   1376 O  OD1 . ASP A 1 183 ? 12.961  21.702  -13.875 1.00 69.39 ? 538 ASP A OD1 1 
ATOM   1377 O  OD2 . ASP A 1 183 ? 12.197  23.320  -12.590 1.00 76.78 ? 538 ASP A OD2 1 
ATOM   1378 N  N   . GLU A 1 184 ? 10.990  18.805  -10.185 1.00 25.66 ? 539 GLU A N   1 
ATOM   1379 C  CA  . GLU A 1 184 ? 10.900  17.970  -9.005  1.00 28.00 ? 539 GLU A CA  1 
ATOM   1380 C  C   . GLU A 1 184 ? 10.941  16.496  -9.405  1.00 23.91 ? 539 GLU A C   1 
ATOM   1381 O  O   . GLU A 1 184 ? 11.622  15.706  -8.768  1.00 18.92 ? 539 GLU A O   1 
ATOM   1382 C  CB  . GLU A 1 184 ? 9.617   18.237  -8.226  1.00 41.52 ? 539 GLU A CB  1 
ATOM   1383 C  CG  . GLU A 1 184 ? 9.911   19.011  -6.917  1.00 53.79 ? 539 GLU A CG  1 
ATOM   1384 C  CD  . GLU A 1 184 ? 10.575  20.338  -7.273  1.00 66.79 ? 539 GLU A CD  1 
ATOM   1385 O  OE1 . GLU A 1 184 ? 9.951   21.094  -8.050  1.00 83.03 ? 539 GLU A OE1 1 
ATOM   1386 O  OE2 . GLU A 1 184 ? 11.714  20.565  -6.832  1.00 85.46 ? 539 GLU A OE2 1 
ATOM   1387 N  N   . LEU A 1 185 ? 10.225  16.187  -10.491 1.00 18.30 ? 540 LEU A N   1 
ATOM   1388 C  CA  . LEU A 1 185 ? 10.216  14.796  -10.957 1.00 17.72 ? 540 LEU A CA  1 
ATOM   1389 C  C   . LEU A 1 185 ? 11.666  14.361  -11.240 1.00 24.11 ? 540 LEU A C   1 
ATOM   1390 O  O   . LEU A 1 185 ? 12.059  13.247  -10.905 1.00 25.92 ? 540 LEU A O   1 
ATOM   1391 C  CB  . LEU A 1 185 ? 9.402   14.675  -12.229 1.00 19.50 ? 540 LEU A CB  1 
ATOM   1392 C  CG  . LEU A 1 185 ? 9.095   13.301  -12.798 1.00 27.99 ? 540 LEU A CG  1 
ATOM   1393 C  CD1 . LEU A 1 185 ? 7.819   13.398  -13.680 1.00 36.16 ? 540 LEU A CD1 1 
ATOM   1394 C  CD2 . LEU A 1 185 ? 10.213  12.770  -13.693 1.00 45.34 ? 540 LEU A CD2 1 
ATOM   1395 N  N   . LYS A 1 186 ? 12.375  15.203  -11.980 1.00 25.96 ? 541 LYS A N   1 
ATOM   1396 C  CA  . LYS A 1 186 ? 13.715  14.855  -12.450 1.00 25.55 ? 541 LYS A CA  1 
ATOM   1397 C  C   . LYS A 1 186 ? 14.672  14.695  -11.264 1.00 26.30 ? 541 LYS A C   1 
ATOM   1398 O  O   . LYS A 1 186 ? 15.447  13.762  -11.213 1.00 24.56 ? 541 LYS A O   1 
ATOM   1399 C  CB  . LYS A 1 186 ? 14.247  15.916  -13.388 1.00 26.04 ? 541 LYS A CB  1 
ATOM   1400 C  CG  . LYS A 1 186 ? 13.806  15.766  -14.839 1.00 28.61 ? 541 LYS A CG  1 
ATOM   1401 C  CD  . LYS A 1 186 ? 14.377  16.946  -15.638 1.00 34.06 ? 541 LYS A CD  1 
ATOM   1402 C  CE  . LYS A 1 186 ? 14.060  16.796  -17.112 1.00 42.34 ? 541 LYS A CE  1 
ATOM   1403 N  NZ  . LYS A 1 186 ? 15.138  17.412  -17.960 1.00 60.16 ? 541 LYS A NZ  1 
ATOM   1404 N  N   . THR A 1 187 ? 14.604  15.624  -10.342 1.00 28.51 ? 542 THR A N   1 
ATOM   1405 C  CA  . THR A 1 187 ? 15.457  15.616  -9.140  1.00 27.89 ? 542 THR A CA  1 
ATOM   1406 C  C   . THR A 1 187 ? 15.244  14.356  -8.328  1.00 25.25 ? 542 THR A C   1 
ATOM   1407 O  O   . THR A 1 187 ? 16.145  13.753  -7.763  1.00 31.13 ? 542 THR A O   1 
ATOM   1408 C  CB  . THR A 1 187 ? 14.984  16.821  -8.256  1.00 32.72 ? 542 THR A CB  1 
ATOM   1409 O  OG1 . THR A 1 187 ? 15.293  18.029  -8.945  1.00 46.10 ? 542 THR A OG1 1 
ATOM   1410 C  CG2 . THR A 1 187 ? 15.696  16.803  -6.934  1.00 49.53 ? 542 THR A CG2 1 
ATOM   1411 N  N   . PHE A 1 188 ? 13.955  13.969  -8.204  1.00 22.02 ? 543 PHE A N   1 
ATOM   1412 C  CA  . PHE A 1 188 ? 13.657  12.800  -7.414  1.00 18.80 ? 543 PHE A CA  1 
ATOM   1413 C  C   . PHE A 1 188 ? 14.136  11.517  -8.002  1.00 20.46 ? 543 PHE A C   1 
ATOM   1414 O  O   . PHE A 1 188 ? 14.685  10.638  -7.319  1.00 24.72 ? 543 PHE A O   1 
ATOM   1415 C  CB  . PHE A 1 188 ? 12.141  12.745  -7.099  1.00 25.09 ? 543 PHE A CB  1 
ATOM   1416 C  CG  . PHE A 1 188 ? 11.929  11.815  -5.900  1.00 26.98 ? 543 PHE A CG  1 
ATOM   1417 C  CD1 . PHE A 1 188 ? 12.114  12.301  -4.623  1.00 29.24 ? 543 PHE A CD1 1 
ATOM   1418 C  CD2 . PHE A 1 188 ? 11.631  10.489  -6.116  1.00 29.17 ? 543 PHE A CD2 1 
ATOM   1419 C  CE1 . PHE A 1 188 ? 12.044  11.434  -3.532  1.00 34.25 ? 543 PHE A CE1 1 
ATOM   1420 C  CE2 . PHE A 1 188 ? 11.559  9.617   -5.035  1.00 34.37 ? 543 PHE A CE2 1 
ATOM   1421 C  CZ  . PHE A 1 188 ? 11.784  10.094  -3.755  1.00 35.82 ? 543 PHE A CZ  1 
ATOM   1422 N  N   . ARG A 1 189 ? 13.957  11.320  -9.313  1.00 21.19 ? 544 ARG A N   1 
ATOM   1423 C  CA  . ARG A 1 189 ? 14.435  10.086  -9.941  1.00 22.95 ? 544 ARG A CA  1 
ATOM   1424 C  C   . ARG A 1 189 ? 15.936  9.888   -9.742  1.00 23.57 ? 544 ARG A C   1 
ATOM   1425 O  O   . ARG A 1 189 ? 16.449  8.774   -9.748  1.00 24.25 ? 544 ARG A O   1 
ATOM   1426 C  CB  . ARG A 1 189 ? 14.191  10.169  -11.453 1.00 21.84 ? 544 ARG A CB  1 
ATOM   1427 C  CG  . ARG A 1 189 ? 12.732  10.249  -11.848 1.00 25.38 ? 544 ARG A CG  1 
ATOM   1428 C  CD  . ARG A 1 189 ? 12.360  9.027   -12.671 1.00 26.92 ? 544 ARG A CD  1 
ATOM   1429 N  NE  . ARG A 1 189 ? 10.938  8.870   -12.850 1.00 30.52 ? 544 ARG A NE  1 
ATOM   1430 C  CZ  . ARG A 1 189 ? 10.295  8.962   -14.005 1.00 34.13 ? 544 ARG A CZ  1 
ATOM   1431 N  NH1 . ARG A 1 189 ? 10.975  9.238   -15.119 1.00 29.22 ? 544 ARG A NH1 1 
ATOM   1432 N  NH2 . ARG A 1 189 ? 8.985   8.782   -14.024 1.00 37.18 ? 544 ARG A NH2 1 
ATOM   1433 N  N   . LEU A 1 190 ? 16.684  10.983  -9.604  1.00 24.35 ? 545 LEU A N   1 
ATOM   1434 C  CA  . LEU A 1 190 ? 18.142  10.849  -9.436  1.00 27.07 ? 545 LEU A CA  1 
ATOM   1435 C  C   . LEU A 1 190 ? 18.481  10.342  -8.033  1.00 28.05 ? 545 LEU A C   1 
ATOM   1436 O  O   . LEU A 1 190 ? 19.674  10.193  -7.728  1.00 26.61 ? 545 LEU A O   1 
ATOM   1437 C  CB  . LEU A 1 190 ? 18.789  12.261  -9.606  1.00 25.07 ? 545 LEU A CB  1 
ATOM   1438 C  CG  . LEU A 1 190 ? 18.787  12.777  -11.049 1.00 24.28 ? 545 LEU A CG  1 
ATOM   1439 C  CD1 . LEU A 1 190 ? 19.567  14.056  -11.192 1.00 26.21 ? 545 LEU A CD1 1 
ATOM   1440 C  CD2 . LEU A 1 190 ? 19.205  11.713  -12.021 1.00 21.72 ? 545 LEU A CD2 1 
ATOM   1441 N  N   . LYS A 1 191 ? 17.467  10.122  -7.199  1.00 25.85 ? 546 LYS A N   1 
ATOM   1442 C  CA  . LYS A 1 191 ? 17.620  9.625   -5.846  1.00 24.45 ? 546 LYS A CA  1 
ATOM   1443 C  C   . LYS A 1 191 ? 17.342  8.124   -5.747  1.00 26.00 ? 546 LYS A C   1 
ATOM   1444 O  O   . LYS A 1 191 ? 17.575  7.486   -4.708  1.00 23.79 ? 546 LYS A O   1 
ATOM   1445 C  CB  . LYS A 1 191 ? 16.734  10.380  -4.864  1.00 23.01 ? 546 LYS A CB  1 
ATOM   1446 C  CG  . LYS A 1 191 ? 17.119  11.832  -4.635  1.00 28.20 ? 546 LYS A CG  1 
ATOM   1447 C  CD  . LYS A 1 191 ? 16.129  12.497  -3.687  1.00 34.29 ? 546 LYS A CD  1 
ATOM   1448 C  CE  . LYS A 1 191 ? 16.838  13.137  -2.511  1.00 43.57 ? 546 LYS A CE  1 
ATOM   1449 N  NZ  . LYS A 1 191 ? 16.825  14.631  -2.614  1.00 59.64 ? 546 LYS A NZ  1 
ATOM   1450 N  N   . THR A 1 192 ? 16.819  7.533   -6.814  1.00 26.92 ? 547 THR A N   1 
ATOM   1451 C  CA  . THR A 1 192 ? 16.478  6.117   -6.793  1.00 28.85 ? 547 THR A CA  1 
ATOM   1452 C  C   . THR A 1 192 ? 17.696  5.218   -6.964  1.00 31.55 ? 547 THR A C   1 
ATOM   1453 O  O   . THR A 1 192 ? 18.724  5.635   -7.511  1.00 32.67 ? 547 THR A O   1 
ATOM   1454 C  CB  . THR A 1 192 ? 15.407  5.753   -7.828  1.00 27.26 ? 547 THR A CB  1 
ATOM   1455 O  OG1 . THR A 1 192 ? 15.936  5.926   -9.143  1.00 23.75 ? 547 THR A OG1 1 
ATOM   1456 C  CG2 . THR A 1 192 ? 14.200  6.680   -7.698  1.00 20.76 ? 547 THR A CG2 1 
ATOM   1457 N  N   . ARG A 1 193 ? 17.573  4.004   -6.467  1.00 32.09 ? 548 ARG A N   1 
ATOM   1458 C  CA  . ARG A 1 193 ? 18.646  3.006   -6.450  1.00 36.17 ? 548 ARG A CA  1 
ATOM   1459 C  C   . ARG A 1 193 ? 18.974  2.559   -7.858  1.00 33.93 ? 548 ARG A C   1 
ATOM   1460 O  O   . ARG A 1 193 ? 20.028  1.996   -8.153  1.00 37.04 ? 548 ARG A O   1 
ATOM   1461 C  CB  . ARG A 1 193 ? 18.155  1.805   -5.618  1.00 45.91 ? 548 ARG A CB  1 
ATOM   1462 C  CG  . ARG A 1 193 ? 19.187  0.773   -5.271  1.00 56.54 ? 548 ARG A CG  1 
ATOM   1463 C  CD  . ARG A 1 193 ? 18.591  -0.644  -5.250  1.00 63.86 ? 548 ARG A CD  1 
ATOM   1464 N  NE  . ARG A 1 193 ? 17.706  -0.882  -6.372  1.00 68.63 ? 548 ARG A NE  1 
ATOM   1465 C  CZ  . ARG A 1 193 ? 16.868  -1.881  -6.553  1.00 69.77 ? 548 ARG A CZ  1 
ATOM   1466 N  NH1 . ARG A 1 193 ? 16.750  -2.850  -5.651  1.00 74.83 ? 548 ARG A NH1 1 
ATOM   1467 N  NH2 . ARG A 1 193 ? 16.117  -1.929  -7.656  1.00 63.68 ? 548 ARG A NH2 1 
ATOM   1468 N  N   . SER A 1 194 ? 18.018  2.795   -8.769  1.00 31.82 ? 549 SER A N   1 
ATOM   1469 C  CA  . SER A 1 194 ? 18.254  2.311   -10.140 1.00 37.13 ? 549 SER A CA  1 
ATOM   1470 C  C   . SER A 1 194 ? 17.206  2.823   -11.098 1.00 39.80 ? 549 SER A C   1 
ATOM   1471 O  O   . SER A 1 194 ? 16.050  3.041   -10.744 1.00 36.80 ? 549 SER A O   1 
ATOM   1472 C  CB  . SER A 1 194 ? 18.217  0.764   -10.089 1.00 39.80 ? 549 SER A CB  1 
ATOM   1473 O  OG  . SER A 1 194 ? 17.990  0.237   -11.378 1.00 53.52 ? 549 SER A OG  1 
ATOM   1474 N  N   . TRP A 1 195 ? 17.610  3.044   -12.361 1.00 43.99 ? 550 TRP A N   1 
ATOM   1475 C  CA  . TRP A 1 195 ? 16.657  3.490   -13.353 1.00 48.42 ? 550 TRP A CA  1 
ATOM   1476 C  C   . TRP A 1 195 ? 16.449  2.426   -14.439 1.00 58.02 ? 550 TRP A C   1 
ATOM   1477 O  O   . TRP A 1 195 ? 15.294  2.250   -14.871 1.00 77.88 ? 550 TRP A O   1 
ATOM   1478 C  CB  . TRP A 1 195 ? 16.899  4.826   -13.937 1.00 43.24 ? 550 TRP A CB  1 
ATOM   1479 C  CG  . TRP A 1 195 ? 18.283  5.355   -14.010 1.00 38.23 ? 550 TRP A CG  1 
ATOM   1480 C  CD1 . TRP A 1 195 ? 19.193  5.198   -15.017 1.00 37.55 ? 550 TRP A CD1 1 
ATOM   1481 C  CD2 . TRP A 1 195 ? 18.932  6.159   -13.011 1.00 32.18 ? 550 TRP A CD2 1 
ATOM   1482 N  NE1 . TRP A 1 195 ? 20.365  5.853   -14.699 1.00 34.48 ? 550 TRP A NE1 1 
ATOM   1483 C  CE2 . TRP A 1 195 ? 20.223  6.450   -13.477 1.00 30.00 ? 550 TRP A CE2 1 
ATOM   1484 C  CE3 . TRP A 1 195 ? 18.517  6.649   -11.766 1.00 29.37 ? 550 TRP A CE3 1 
ATOM   1485 C  CZ2 . TRP A 1 195 ? 21.132  7.218   -12.747 1.00 27.81 ? 550 TRP A CZ2 1 
ATOM   1486 C  CZ3 . TRP A 1 195 ? 19.425  7.418   -11.052 1.00 27.81 ? 550 TRP A CZ3 1 
ATOM   1487 C  CH2 . TRP A 1 195 ? 20.711  7.699   -11.534 1.00 25.21 ? 550 TRP A CH2 1 
ATOM   1488 N  N   . ALA A 1 196 ? 17.452  1.818   -14.858 1.00 64.42 ? 551 ALA A N   1 
HETATM 1489 W  W   . WO4 B 2 .   ? 2.043   4.674   -11.547 1.00 34.36 ? 567 WO4 A W   1 
HETATM 1490 O  O1  . WO4 B 2 .   ? 0.396   3.682   -11.581 1.00 31.56 ? 567 WO4 A O1  1 
HETATM 1491 O  O2  . WO4 B 2 .   ? 3.464   3.697   -11.090 1.00 0.00  ? 567 WO4 A O2  1 
HETATM 1492 O  O3  . WO4 B 2 .   ? 2.042   6.029   -10.369 1.00 61.85 ? 567 WO4 A O3  1 
HETATM 1493 O  O4  . WO4 B 2 .   ? 2.498   5.424   -13.092 1.00 0.00  ? 567 WO4 A O4  1 
HETATM 1494 S  S   . SO4 C 3 .   ? 5.473   -15.406 -2.193  1.00 56.99 ? 568 SO4 A S   1 
HETATM 1495 O  O1  . SO4 C 3 .   ? 5.167   -14.242 -3.249  1.00 59.29 ? 568 SO4 A O1  1 
HETATM 1496 O  O2  . SO4 C 3 .   ? 6.995   -15.270 -1.683  1.00 51.55 ? 568 SO4 A O2  1 
HETATM 1497 O  O3  . SO4 C 3 .   ? 5.305   -16.856 -2.909  1.00 76.43 ? 568 SO4 A O3  1 
HETATM 1498 O  O4  . SO4 C 3 .   ? 4.446   -15.330 -0.965  1.00 61.95 ? 568 SO4 A O4  1 
HETATM 1499 CL CL  . CL  D 4 .   ? 14.656  3.368   -4.775  1.00 35.65 ? 569 CL  A CL  1 
HETATM 1500 C  C1  . BME E 5 .   ? 2.781   -9.750  -2.166  1.00 19.97 ? 4   BME A C1  1 
HETATM 1501 C  C2  . BME E 5 .   ? 3.421   -8.513  -2.845  1.00 19.05 ? 4   BME A C2  1 
HETATM 1502 O  O1  . BME E 5 .   ? 1.787   -10.402 -2.970  1.00 29.68 ? 4   BME A O1  1 
HETATM 1503 S  S2  . BME E 5 .   ? 2.206   -7.342  -3.535  1.00 26.62 ? 4   BME A S2  1 
HETATM 1504 O  O   . HOH F 6 .   ? -2.294  8.417   -0.154  1.00 11.69 ? 570 HOH A O   1 
HETATM 1505 O  O   . HOH F 6 .   ? 20.593  7.609   -6.926  1.00 13.29 ? 571 HOH A O   1 
HETATM 1506 O  O   . HOH F 6 .   ? -2.040  14.110  -5.052  1.00 13.67 ? 572 HOH A O   1 
HETATM 1507 O  O   . HOH F 6 .   ? 5.586   -9.342  2.952   1.00 14.39 ? 573 HOH A O   1 
HETATM 1508 O  O   . HOH F 6 .   ? 0.571   -13.530 -0.005  1.00 16.06 ? 574 HOH A O   1 
HETATM 1509 O  O   . HOH F 6 .   ? 0.490   -8.145  6.518   1.00 16.85 ? 575 HOH A O   1 
HETATM 1510 O  O   . HOH F 6 .   ? -12.360 -4.924  -2.683  1.00 17.40 ? 576 HOH A O   1 
HETATM 1511 O  O   . HOH F 6 .   ? 4.098   -15.298 10.104  1.00 17.74 ? 577 HOH A O   1 
HETATM 1512 O  O   . HOH F 6 .   ? -5.255  -2.532  -12.779 1.00 18.19 ? 578 HOH A O   1 
HETATM 1513 O  O   . HOH F 6 .   ? 8.849   -16.880 4.938   1.00 18.58 ? 579 HOH A O   1 
HETATM 1514 O  O   . HOH F 6 .   ? -2.806  -10.384 8.316   1.00 18.60 ? 580 HOH A O   1 
HETATM 1515 O  O   . HOH F 6 .   ? -11.403 -1.154  10.118  1.00 18.79 ? 581 HOH A O   1 
HETATM 1516 O  O   . HOH F 6 .   ? -0.270  11.649  -8.411  1.00 20.02 ? 582 HOH A O   1 
HETATM 1517 O  O   . HOH F 6 .   ? -0.420  -10.824 0.614   1.00 20.65 ? 583 HOH A O   1 
HETATM 1518 O  O   . HOH F 6 .   ? -1.221  -15.519 -3.151  1.00 20.82 ? 584 HOH A O   1 
HETATM 1519 O  O   . HOH F 6 .   ? -0.563  -15.980 -0.432  1.00 21.14 ? 585 HOH A O   1 
HETATM 1520 O  O   . HOH F 6 .   ? -7.100  -9.440  -7.107  1.00 22.38 ? 586 HOH A O   1 
HETATM 1521 O  O   . HOH F 6 .   ? -4.208  3.742   8.998   1.00 22.43 ? 587 HOH A O   1 
HETATM 1522 O  O   . HOH F 6 .   ? -1.221  4.186   7.292   1.00 22.71 ? 588 HOH A O   1 
HETATM 1523 O  O   . HOH F 6 .   ? 11.492  -17.334 4.194   1.00 23.23 ? 589 HOH A O   1 
HETATM 1524 O  O   . HOH F 6 .   ? -9.168  -1.403  12.078  1.00 23.42 ? 590 HOH A O   1 
HETATM 1525 O  O   . HOH F 6 .   ? -0.941  -8.723  -3.141  1.00 24.43 ? 591 HOH A O   1 
HETATM 1526 O  O   . HOH F 6 .   ? -8.232  -16.556 1.191   1.00 24.87 ? 592 HOH A O   1 
HETATM 1527 O  O   . HOH F 6 .   ? -15.539 1.024   -4.934  1.00 25.87 ? 593 HOH A O   1 
HETATM 1528 O  O   . HOH F 6 .   ? -4.526  -0.270  -10.477 1.00 25.98 ? 594 HOH A O   1 
HETATM 1529 O  O   . HOH F 6 .   ? 16.407  2.907   -2.461  1.00 26.08 ? 595 HOH A O   1 
HETATM 1530 O  O   . HOH F 6 .   ? 4.523   10.036  5.330   1.00 26.28 ? 596 HOH A O   1 
HETATM 1531 O  O   . HOH F 6 .   ? -5.435  -9.493  -9.720  1.00 28.72 ? 597 HOH A O   1 
HETATM 1532 O  O   . HOH F 6 .   ? -1.642  -13.153 -3.928  1.00 28.80 ? 598 HOH A O   1 
HETATM 1533 O  O   . HOH F 6 .   ? -8.705  3.624   -6.086  1.00 29.71 ? 599 HOH A O   1 
HETATM 1534 O  O   . HOH F 6 .   ? 0.632   11.609  -14.154 1.00 30.50 ? 600 HOH A O   1 
HETATM 1535 O  O   . HOH F 6 .   ? -14.083 -6.494  2.013   1.00 30.79 ? 601 HOH A O   1 
HETATM 1536 O  O   . HOH F 6 .   ? -1.629  -2.787  -11.492 1.00 30.83 ? 602 HOH A O   1 
HETATM 1537 O  O   . HOH F 6 .   ? 11.339  -15.985 10.840  1.00 31.40 ? 603 HOH A O   1 
HETATM 1538 O  O   . HOH F 6 .   ? 20.396  2.199   -13.162 1.00 33.60 ? 604 HOH A O   1 
HETATM 1539 O  O   . HOH F 6 .   ? -0.840  -10.014 11.219  1.00 33.80 ? 605 HOH A O   1 
HETATM 1540 O  O   . HOH F 6 .   ? 5.943   16.777  -13.817 1.00 34.05 ? 606 HOH A O   1 
HETATM 1541 O  O   . HOH F 6 .   ? -2.077  -12.343 10.144  1.00 34.91 ? 607 HOH A O   1 
HETATM 1542 O  O   . HOH F 6 .   ? -7.481  -0.405  15.261  1.00 35.93 ? 608 HOH A O   1 
HETATM 1543 O  O   . HOH F 6 .   ? 21.469  4.104   -0.005  1.00 35.98 ? 609 HOH A O   1 
HETATM 1544 O  O   . HOH F 6 .   ? 10.619  11.236  -18.197 1.00 36.12 ? 610 HOH A O   1 
HETATM 1545 O  O   . HOH F 6 .   ? 7.934   -10.587 -4.384  1.00 36.47 ? 611 HOH A O   1 
HETATM 1546 O  O   . HOH F 6 .   ? 13.855  -13.242 -0.731  1.00 37.11 ? 612 HOH A O   1 
HETATM 1547 O  O   . HOH F 6 .   ? -0.286  -14.334 10.594  1.00 37.28 ? 613 HOH A O   1 
HETATM 1548 O  O   . HOH F 6 .   ? -9.118  -2.559  16.113  1.00 38.24 ? 614 HOH A O   1 
HETATM 1549 O  O   . HOH F 6 .   ? -14.886 -5.451  -3.709  1.00 39.56 ? 615 HOH A O   1 
HETATM 1550 O  O   . HOH F 6 .   ? 4.221   -7.758  11.738  1.00 39.94 ? 616 HOH A O   1 
HETATM 1551 O  O   . HOH F 6 .   ? -4.531  -12.768 -7.482  1.00 40.05 ? 617 HOH A O   1 
HETATM 1552 O  O   . HOH F 6 .   ? 16.708  -1.233  -2.107  1.00 40.42 ? 618 HOH A O   1 
HETATM 1553 O  O   . HOH F 6 .   ? 8.269   4.476   -5.875  1.00 41.28 ? 619 HOH A O   1 
HETATM 1554 O  O   . HOH F 6 .   ? 8.018   1.371   -6.429  1.00 41.58 ? 620 HOH A O   1 
HETATM 1555 O  O   . HOH F 6 .   ? 9.131   16.054  -4.632  1.00 41.88 ? 621 HOH A O   1 
HETATM 1556 O  O   . HOH F 6 .   ? -8.241  -12.498 -5.996  1.00 41.89 ? 622 HOH A O   1 
HETATM 1557 O  O   . HOH F 6 .   ? 2.357   8.459   -12.611 1.00 42.10 ? 623 HOH A O   1 
HETATM 1558 O  O   . HOH F 6 .   ? -8.949  -13.333 11.369  1.00 43.94 ? 624 HOH A O   1 
HETATM 1559 O  O   . HOH F 6 .   ? 11.714  3.390   -5.944  1.00 44.23 ? 625 HOH A O   1 
HETATM 1560 O  O   . HOH F 6 .   ? -4.862  2.248   -13.184 1.00 44.24 ? 626 HOH A O   1 
HETATM 1561 O  O   . HOH F 6 .   ? 2.800   -17.223 -1.139  1.00 45.45 ? 627 HOH A O   1 
HETATM 1562 O  O   . HOH F 6 .   ? 13.056  14.123  -19.973 1.00 45.71 ? 628 HOH A O   1 
HETATM 1563 O  O   . HOH F 6 .   ? 18.283  0.692   -1.896  1.00 45.84 ? 629 HOH A O   1 
HETATM 1564 O  O   . HOH F 6 .   ? -16.771 3.886   -3.439  1.00 46.66 ? 630 HOH A O   1 
HETATM 1565 O  O   . HOH F 6 .   ? -9.077  -19.057 7.689   1.00 47.03 ? 631 HOH A O   1 
HETATM 1566 O  O   . HOH F 6 .   ? -3.040  12.390  6.999   1.00 47.24 ? 632 HOH A O   1 
HETATM 1567 O  O   . HOH F 6 .   ? 5.601   -5.612  -10.424 1.00 47.43 ? 633 HOH A O   1 
HETATM 1568 O  O   . HOH F 6 .   ? -13.995 -15.848 -0.699  1.00 47.57 ? 634 HOH A O   1 
HETATM 1569 O  O   . HOH F 6 .   ? -11.023 1.423   -8.578  1.00 47.91 ? 635 HOH A O   1 
HETATM 1570 O  O   . HOH F 6 .   ? 10.948  -0.213  11.292  1.00 48.00 ? 636 HOH A O   1 
HETATM 1571 O  O   . HOH F 6 .   ? 6.624   24.026  -8.660  1.00 48.51 ? 637 HOH A O   1 
HETATM 1572 O  O   . HOH F 6 .   ? -12.396 -1.092  -7.947  1.00 49.26 ? 638 HOH A O   1 
HETATM 1573 O  O   . HOH F 6 .   ? 8.984   9.892   -16.811 1.00 49.43 ? 639 HOH A O   1 
HETATM 1574 O  O   . HOH F 6 .   ? -7.131  -11.310 -10.871 1.00 49.66 ? 640 HOH A O   1 
HETATM 1575 O  O   . HOH F 6 .   ? 5.342   5.134   -13.072 1.00 50.18 ? 641 HOH A O   1 
HETATM 1576 O  O   . HOH F 6 .   ? 6.890   12.462  2.406   1.00 50.88 ? 642 HOH A O   1 
HETATM 1577 O  O   . HOH F 6 .   ? 6.452   -24.297 -0.886  1.00 51.11 ? 643 HOH A O   1 
HETATM 1578 O  O   . HOH F 6 .   ? -10.348 -14.241 -6.239  1.00 51.44 ? 644 HOH A O   1 
HETATM 1579 O  O   . HOH F 6 .   ? -17.804 1.402   11.785  1.00 52.09 ? 645 HOH A O   1 
HETATM 1580 O  O   . HOH F 6 .   ? 4.516   -17.850 11.306  1.00 53.33 ? 646 HOH A O   1 
HETATM 1581 O  O   . HOH F 6 .   ? 13.283  2.902   -9.531  1.00 53.41 ? 647 HOH A O   1 
HETATM 1582 O  O   . HOH F 6 .   ? 8.720   -13.113 -3.313  1.00 53.73 ? 648 HOH A O   1 
HETATM 1583 O  O   . HOH F 6 .   ? 3.803   0.587   15.489  1.00 53.76 ? 649 HOH A O   1 
HETATM 1584 O  O   . HOH F 6 .   ? -9.899  1.017   -12.233 1.00 53.92 ? 650 HOH A O   1 
HETATM 1585 O  O   . HOH F 6 .   ? 11.962  16.062  -5.969  1.00 54.27 ? 651 HOH A O   1 
HETATM 1586 O  O   . HOH F 6 .   ? -9.735  -16.928 8.248   1.00 54.31 ? 652 HOH A O   1 
HETATM 1587 O  O   . HOH F 6 .   ? -11.419 8.897   -12.218 1.00 54.43 ? 653 HOH A O   1 
HETATM 1588 O  O   . HOH F 6 .   ? 10.408  -0.412  -5.915  1.00 54.87 ? 654 HOH A O   1 
HETATM 1589 O  O   . HOH F 6 .   ? 17.712  17.156  -17.588 1.00 54.96 ? 655 HOH A O   1 
HETATM 1590 O  O   . HOH F 6 .   ? -14.330 18.779  4.248   1.00 54.99 ? 656 HOH A O   1 
HETATM 1591 O  O   . HOH F 6 .   ? -1.115  10.407  6.749   1.00 55.11 ? 657 HOH A O   1 
HETATM 1592 O  O   . HOH F 6 .   ? -16.814 -17.256 0.753   1.00 55.25 ? 658 HOH A O   1 
HETATM 1593 O  O   . HOH F 6 .   ? -4.871  -2.845  20.202  1.00 56.37 ? 659 HOH A O   1 
HETATM 1594 O  O   . HOH F 6 .   ? -11.953 -19.761 6.087   1.00 56.71 ? 660 HOH A O   1 
HETATM 1595 O  O   . HOH F 6 .   ? 2.060   24.901  -8.197  1.00 56.94 ? 661 HOH A O   1 
HETATM 1596 O  O   . HOH F 6 .   ? 5.780   14.859  2.343   1.00 57.61 ? 662 HOH A O   1 
HETATM 1597 O  O   . HOH F 6 .   ? -10.436 16.398  3.401   1.00 57.90 ? 663 HOH A O   1 
HETATM 1598 O  O   . HOH F 6 .   ? -8.267  20.427  2.232   1.00 58.00 ? 664 HOH A O   1 
HETATM 1599 O  O   . HOH F 6 .   ? -3.514  11.823  -14.292 1.00 58.08 ? 665 HOH A O   1 
HETATM 1600 O  O   . HOH F 6 .   ? -7.668  0.549   -12.691 1.00 58.15 ? 666 HOH A O   1 
HETATM 1601 O  O   . HOH F 6 .   ? 13.885  15.775  -4.273  1.00 58.17 ? 667 HOH A O   1 
HETATM 1602 O  O   . HOH F 6 .   ? 14.402  16.418  -20.667 1.00 58.35 ? 668 HOH A O   1 
HETATM 1603 O  O   . HOH F 6 .   ? 1.892   -18.500 11.387  1.00 59.20 ? 669 HOH A O   1 
HETATM 1604 O  O   . HOH F 6 .   ? 22.460  2.984   -14.403 1.00 59.48 ? 670 HOH A O   1 
HETATM 1605 O  O   . HOH F 6 .   ? 15.410  -6.615  5.570   1.00 59.58 ? 671 HOH A O   1 
HETATM 1606 O  O   . HOH F 6 .   ? 10.196  15.997  -16.987 1.00 59.64 ? 672 HOH A O   1 
HETATM 1607 O  O   . HOH F 6 .   ? 0.107   19.713  -15.776 1.00 59.83 ? 673 HOH A O   1 
HETATM 1608 O  O   . HOH F 6 .   ? -12.938 -11.708 -3.125  1.00 59.87 ? 674 HOH A O   1 
HETATM 1609 O  O   . HOH F 6 .   ? 17.139  16.598  -20.042 1.00 60.45 ? 675 HOH A O   1 
HETATM 1610 O  O   . HOH F 6 .   ? 9.443   -21.843 9.984   1.00 61.34 ? 676 HOH A O   1 
HETATM 1611 O  O   . HOH F 6 .   ? 16.717  -13.031 -1.132  1.00 61.60 ? 677 HOH A O   1 
HETATM 1612 O  O   . HOH F 6 .   ? -3.981  -13.220 13.183  1.00 61.84 ? 678 HOH A O   1 
HETATM 1613 O  O   . HOH F 6 .   ? 12.584  -3.437  -7.244  1.00 62.17 ? 679 HOH A O   1 
HETATM 1614 O  O   . HOH F 6 .   ? 6.775   15.798  -16.124 1.00 62.39 ? 680 HOH A O   1 
HETATM 1615 O  O   . HOH F 6 .   ? -15.611 -8.515  2.821   1.00 63.17 ? 681 HOH A O   1 
HETATM 1616 O  O   . HOH F 6 .   ? 3.969   -2.045  16.466  1.00 63.39 ? 682 HOH A O   1 
HETATM 1617 O  O   . HOH F 6 .   ? 10.283  5.680   -9.253  1.00 63.48 ? 683 HOH A O   1 
HETATM 1618 O  O   . HOH F 6 .   ? -0.384  -11.595 -2.058  1.00 63.65 ? 684 HOH A O   1 
HETATM 1619 O  O   . HOH F 6 .   ? 8.398   10.437  4.030   1.00 63.70 ? 685 HOH A O   1 
HETATM 1620 O  O   . HOH F 6 .   ? -16.427 12.958  -9.720  1.00 64.02 ? 686 HOH A O   1 
HETATM 1621 O  O   . HOH F 6 .   ? 15.601  -6.570  8.690   1.00 64.11 ? 687 HOH A O   1 
HETATM 1622 O  O   . HOH F 6 .   ? 18.290  15.239  -7.113  1.00 64.19 ? 688 HOH A O   1 
HETATM 1623 O  O   . HOH F 6 .   ? 21.074  1.757   -0.859  1.00 64.27 ? 689 HOH A O   1 
HETATM 1624 O  O   . HOH F 6 .   ? -15.655 -3.199  -3.757  1.00 65.10 ? 690 HOH A O   1 
HETATM 1625 O  O   . HOH F 6 .   ? 6.043   12.808  4.822   1.00 65.11 ? 691 HOH A O   1 
HETATM 1626 O  O   . HOH F 6 .   ? 7.393   1.438   12.155  1.00 65.58 ? 692 HOH A O   1 
HETATM 1627 O  O   . HOH F 6 .   ? 3.315   -12.624 10.673  1.00 66.13 ? 693 HOH A O   1 
HETATM 1628 O  O   . HOH F 6 .   ? -16.121 -3.084  14.136  1.00 66.36 ? 694 HOH A O   1 
HETATM 1629 O  O   . HOH F 6 .   ? -15.175 -22.418 -0.709  1.00 66.52 ? 695 HOH A O   1 
HETATM 1630 O  O   . HOH F 6 .   ? 13.851  4.936   -11.017 1.00 66.89 ? 696 HOH A O   1 
HETATM 1631 O  O   . HOH F 6 .   ? 11.622  4.909   9.148   1.00 67.02 ? 697 HOH A O   1 
HETATM 1632 O  O   . HOH F 6 .   ? 1.651   4.683   -15.091 1.00 67.09 ? 698 HOH A O   1 
HETATM 1633 O  O   . HOH F 6 .   ? -10.913 -4.252  -14.430 1.00 67.13 ? 699 HOH A O   1 
HETATM 1634 O  O   . HOH F 6 .   ? -9.107  -9.394  -16.752 1.00 67.29 ? 700 HOH A O   1 
HETATM 1635 O  O   . HOH F 6 .   ? 12.047  18.693  -19.702 1.00 67.35 ? 701 HOH A O   1 
HETATM 1636 O  O   . HOH F 6 .   ? -0.627  -14.420 -15.508 1.00 67.51 ? 702 HOH A O   1 
HETATM 1637 O  O   . HOH F 6 .   ? -7.476  -17.727 12.025  1.00 67.60 ? 703 HOH A O   1 
HETATM 1638 O  O   . HOH F 6 .   ? -13.489 15.634  -9.116  1.00 68.56 ? 704 HOH A O   1 
HETATM 1639 O  O   . HOH F 6 .   ? -19.058 6.857   -9.625  1.00 69.68 ? 705 HOH A O   1 
HETATM 1640 O  O   . HOH F 6 .   ? 5.513   2.427   13.960  1.00 69.98 ? 706 HOH A O   1 
HETATM 1641 O  O   . HOH F 6 .   ? 18.021  -0.505  3.820   1.00 70.68 ? 707 HOH A O   1 
HETATM 1642 O  O   . HOH F 6 .   ? -6.577  4.482   -13.013 1.00 71.21 ? 708 HOH A O   1 
HETATM 1643 O  O   . HOH F 6 .   ? -20.647 -19.654 3.307   1.00 71.22 ? 709 HOH A O   1 
HETATM 1644 O  O   . HOH F 6 .   ? 9.250   22.172  -10.641 1.00 71.25 ? 710 HOH A O   1 
HETATM 1645 O  O   . HOH F 6 .   ? 11.485  -15.093 -2.384  1.00 71.42 ? 711 HOH A O   1 
HETATM 1646 O  O   . HOH F 6 .   ? -9.601  15.031  -10.820 1.00 71.94 ? 712 HOH A O   1 
HETATM 1647 O  O   . HOH F 6 .   ? -13.163 7.345   -9.843  1.00 73.03 ? 713 HOH A O   1 
HETATM 1648 O  O   . HOH F 6 .   ? 10.574  -4.890  -6.806  1.00 73.66 ? 714 HOH A O   1 
HETATM 1649 O  O   . HOH F 6 .   ? 14.520  -17.079 4.072   1.00 75.73 ? 715 HOH A O   1 
HETATM 1650 O  O   . HOH F 6 .   ? -15.278 -0.333  -7.459  1.00 76.66 ? 716 HOH A O   1 
HETATM 1651 O  O   . HOH F 6 .   ? 3.335   -12.132 -4.737  1.00 76.93 ? 717 HOH A O   1 
HETATM 1652 O  O   . HOH F 6 .   ? -3.417  -15.425 -16.451 1.00 77.97 ? 718 HOH A O   1 
HETATM 1653 O  O   . HOH F 6 .   ? -13.793 -11.812 5.654   1.00 78.19 ? 719 HOH A O   1 
HETATM 1654 O  O   . HOH F 6 .   ? 1.736   -9.340  11.495  1.00 79.06 ? 720 HOH A O   1 
HETATM 1655 O  O   . HOH F 6 .   ? -18.822 -3.147  12.031  1.00 82.65 ? 721 HOH A O   1 
HETATM 1656 O  O   . HOH F 6 .   ? -1.090  24.267  -4.435  1.00 83.25 ? 722 HOH A O   1 
HETATM 1657 O  O   . HOH F 6 .   ? -8.683  19.388  -7.174  1.00 83.53 ? 723 HOH A O   1 
HETATM 1658 O  O   . HOH F 6 .   ? -11.256 2.089   -14.493 1.00 84.59 ? 724 HOH A O   1 
HETATM 1659 O  O   . HOH F 6 .   ? -13.231 -1.738  -11.747 1.00 84.90 ? 725 HOH A O   1 
HETATM 1660 O  O   . HOH F 6 .   ? -5.434  22.244  -2.457  1.00 85.14 ? 726 HOH A O   1 
HETATM 1661 O  O   . HOH F 6 .   ? -2.044  20.972  -2.669  1.00 86.20 ? 727 HOH A O   1 
HETATM 1662 O  O   . HOH F 6 .   ? -15.620 -9.487  4.904   1.00 87.31 ? 728 HOH A O   1 
HETATM 1663 O  O   . HOH F 6 .   ? -19.239 10.922  -8.916  1.00 89.84 ? 729 HOH A O   1 
HETATM 1664 O  O   . HOH F 6 .   ? -13.000 -7.400  -11.073 1.00 90.09 ? 730 HOH A O   1 
HETATM 1665 O  O   . HOH F 6 .   ? 0.898   18.411  2.228   1.00 90.09 ? 731 HOH A O   1 
HETATM 1666 O  O   . HOH F 6 .   ? 13.397  -15.423 -0.083  1.00 91.65 ? 732 HOH A O   1 
# 
